data_6MTJ
#
_entry.id   6MTJ
#
_cell.length_a   132.180
_cell.length_b   132.180
_cell.length_c   316.290
_cell.angle_alpha   90.000
_cell.angle_beta   90.000
_cell.angle_gamma   120.000
#
_symmetry.space_group_name_H-M   'P 63'
#
loop_
_entity.id
_entity.type
_entity.pdbx_description
1 polymer 'Envelope glycoprotein gp160'
2 polymer '35O22 scFv heavy chain portion'
3 polymer '35O22 scFv light chain portion'
4 polymer 'Envelope glycoprotein gp160'
5 polymer '3H109L Fab heavy chain'
6 polymer '3H109L Fab light chain'
7 branched alpha-D-mannopyranose-(1-3)-alpha-D-mannopyranose-(1-6)-[alpha-D-mannopyranose-(1-3)]beta-D-mannopyranose-(1-4)-2-acetamido-2-deoxy-beta-D-glucopyranose-(1-4)-2-acetamido-2-deoxy-beta-D-glucopyranose
8 branched beta-D-mannopyranose-(1-4)-2-acetamido-2-deoxy-beta-D-glucopyranose-(1-4)-2-acetamido-2-deoxy-beta-D-glucopyranose
9 branched 2-acetamido-2-deoxy-beta-D-glucopyranose-(1-4)-2-acetamido-2-deoxy-beta-D-glucopyranose
10 branched alpha-D-mannopyranose-(1-2)-alpha-D-mannopyranose-(1-2)-alpha-D-mannopyranose-(1-3)-[alpha-D-mannopyranose-(1-2)-alpha-D-mannopyranose-(1-6)-[alpha-D-mannopyranose-(1-3)]alpha-D-mannopyranose-(1-6)]beta-D-mannopyranose-(1-4)-2-acetamido-2-deoxy-beta-D-glucopyranose-(1-4)-2-acetamido-2-deoxy-beta-D-glucopyranose
11 non-polymer 2-acetamido-2-deoxy-beta-D-glucopyranose
12 non-polymer 1-[(2R)-4-(benzenecarbonyl)-2-methylpiperazin-1-yl]-2-(4-methoxy-1H-pyrrolo[2,3-b]pyridin-3-yl)ethane-1,2-dione
13 water water
#
loop_
_entity_poly.entity_id
_entity_poly.type
_entity_poly.pdbx_seq_one_letter_code
_entity_poly.pdbx_strand_id
1 'polypeptide(L)'
;AVGIGAVFLGFLGAAGSTMGAASMTLTVQARNLLSGIVQQQSNLLRAPEAQQHLLKLTVWGIKQLQARVLAVERYLRDQQ
LLGIWGCSGKLICCTNVPWNSSWSNRNLSEIWDNMTWLQWDKEISNYTQIIYGLLEESQNQQEKNEQDLLALD
;
B
2 'polypeptide(L)'
;QGQLVQSGATTTKPGSSVKISCKTSGYRFNFYHINWIRQTAGRGPEWMGWISPYSGDKNLAPAFQDRVNMTTDTEVPVTS
FTSTGAAYMEIRNLTSDDTGTYFCAKGLLRDGSSTWLPYLWGQGTLLTVSSAST
;
D
3 'polypeptide(L)'
;SQSVLTQSASVSGSLGQSVTISCTGPNSVCCSHKSISWYQWPPGRAPTLIIYEDNERAPGISPRFSGYKSYWSAYLTISD
LRPEDETTYYCCSYTHNSGCVFGTGTKVSVLGQS
;
E
4 'polypeptide(L)'
;AENLWVTVYYGVPVWKDAETTLFCASDAKAYETEKHNVWATHACVPTDPNPQEIHLENVTEEFNMWKNNMVEQMHTDIIS
LWDQSLKPCVKLTPLCVTLQCTNVTNAITDDMRGELKNCSFNMTTELRDKKQKVYSLFYRLDVVQINENQGNRSNNSNKE
YRLINCNTSAITQACPKVSFEPIPIHYCAPAGFAILKCKDKKFNGTGPCPSVSTVQCTHGIKPVVSTQLLLNGSLAEEEV
MIRSENITNNAKNILVQFNTPVQINCTRPNNNTRKSIRIGPGQAFYATGDIIGDIRQAHCNVSKATWNETLGKVVKQLRK
HFGNNTIIRFANSSGGDLEVTTHSFNCGGEFFYCNTSGLFNSTWISNTSVQGSNSTGSNDSITLPCRIKQIINMWQRIGQ
AMYAPPIQGVIRCVSNITGLILTRDGGSTNSTTETFRPGGGDMRDNWRSELYKYKVVKIEPLGVAPTRCKRRVVGRRRRR
R
;
G
5 'polypeptide(L)'
;QVQLQESGPGLVKPSETLSLTCTVSGGSISNYYWSWIRQSPGKGLEWIGYISDSESTNYNPSLKSRVIISVDTSKNQLSL
KLNSVTAADSAIYYCARAQQGKRIYGMVSFGEFFYYYYMDVWGKGTTVTVSSASTKGPSVFPLAPSSKSTSGGTAALGCL
VKDYFPEPVTVSWNSGALTSGVHTFPAVLQSSGLYSLSSVVTVPSSSLGTQTYICNVNHKPSNTKVDKKVEPKSCDKGLE
VLFQ
;
H
6 'polypeptide(L)'
;SVTSYVRPLSVALGETASISCGRQALGSRAVQWYQHRPGQAPILLIYNNQDRPSGIPERFSGTPDINFGTRATLTISGVE
AGDEADYYCHMWDSRSGFSWSFGGATRLTVLGQPKAAPSVTLFPPSSEELQANKATLVCLISDFYPGAVTVAWKADSSPV
KAGVETTTPSKQSNNKYAASSYLSLTPMQWKMHKSYSCQVTHEGSTVEKTVAPTECS
;
L
#
loop_
_chem_comp.id
_chem_comp.type
_chem_comp.name
_chem_comp.formula
83G non-polymer 1-[(2R)-4-(benzenecarbonyl)-2-methylpiperazin-1-yl]-2-(4-methoxy-1H-pyrrolo[2,3-b]pyridin-3-yl)ethane-1,2-dione 'C22 H22 N4 O4'
BMA D-saccharide, beta linking beta-D-mannopyranose 'C6 H12 O6'
MAN D-saccharide, alpha linking alpha-D-mannopyranose 'C6 H12 O6'
NAG D-saccharide, beta linking 2-acetamido-2-deoxy-beta-D-glucopyranose 'C8 H15 N O6'
#
# COMPACT_ATOMS: atom_id res chain seq x y z
N ALA A 6 -46.83 -20.44 -1.79
CA ALA A 6 -46.69 -21.34 -2.92
C ALA A 6 -45.28 -21.26 -3.50
N VAL A 7 -45.19 -20.97 -4.80
CA VAL A 7 -43.91 -20.92 -5.50
C VAL A 7 -43.36 -19.51 -5.48
N PHE A 8 -43.80 -18.67 -6.43
CA PHE A 8 -43.35 -17.30 -6.57
C PHE A 8 -41.82 -17.27 -6.75
N LEU A 9 -41.36 -17.52 -7.98
CA LEU A 9 -39.92 -17.57 -8.23
C LEU A 9 -39.31 -16.17 -8.36
N GLY A 10 -40.08 -15.18 -8.77
CA GLY A 10 -39.59 -13.83 -8.92
C GLY A 10 -39.50 -13.43 -10.38
N PHE A 11 -39.02 -12.20 -10.59
CA PHE A 11 -38.91 -11.64 -11.94
C PHE A 11 -38.03 -12.52 -12.81
N LEU A 12 -38.60 -13.00 -13.92
CA LEU A 12 -37.95 -13.94 -14.84
C LEU A 12 -37.61 -15.26 -14.17
N GLY A 13 -38.22 -15.54 -13.00
CA GLY A 13 -37.86 -16.72 -12.25
C GLY A 13 -38.15 -18.02 -12.97
N ALA A 14 -39.11 -18.02 -13.88
CA ALA A 14 -39.48 -19.22 -14.65
C ALA A 14 -39.05 -19.11 -16.10
N ALA A 15 -37.93 -18.43 -16.37
CA ALA A 15 -37.45 -18.30 -17.74
C ALA A 15 -36.96 -19.64 -18.28
N GLY A 16 -36.50 -20.52 -17.41
CA GLY A 16 -36.10 -21.86 -17.76
C GLY A 16 -37.19 -22.91 -17.60
N SER A 17 -38.33 -22.53 -17.05
CA SER A 17 -39.44 -23.45 -16.88
C SER A 17 -40.15 -23.69 -18.21
N THR A 18 -41.13 -24.58 -18.20
CA THR A 18 -41.88 -24.87 -19.41
C THR A 18 -42.85 -23.73 -19.72
N MET A 19 -43.16 -23.56 -21.01
CA MET A 19 -44.04 -22.48 -21.44
C MET A 19 -45.37 -22.50 -20.69
N GLY A 20 -45.90 -23.68 -20.39
CA GLY A 20 -47.14 -23.76 -19.65
C GLY A 20 -46.98 -23.34 -18.20
N ALA A 21 -45.79 -23.50 -17.63
CA ALA A 21 -45.58 -23.13 -16.24
C ALA A 21 -45.26 -21.64 -16.12
N ALA A 22 -44.46 -21.10 -17.04
CA ALA A 22 -44.18 -19.68 -17.03
C ALA A 22 -45.41 -18.86 -17.38
N SER A 23 -46.34 -19.43 -18.13
CA SER A 23 -47.52 -18.70 -18.57
C SER A 23 -48.49 -18.40 -17.45
N MET A 24 -48.31 -19.00 -16.27
CA MET A 24 -49.16 -18.73 -15.13
C MET A 24 -48.65 -17.58 -14.26
N THR A 25 -47.42 -17.14 -14.48
CA THR A 25 -46.81 -16.08 -13.68
C THR A 25 -46.43 -14.90 -14.56
N LEU A 26 -47.35 -14.45 -15.42
CA LEU A 26 -47.05 -13.36 -16.34
C LEU A 26 -47.00 -12.01 -15.65
N THR A 27 -47.87 -11.79 -14.65
CA THR A 27 -47.89 -10.53 -13.93
C THR A 27 -46.53 -10.22 -13.31
N VAL A 28 -45.73 -11.26 -13.01
CA VAL A 28 -44.42 -11.05 -12.42
C VAL A 28 -43.54 -10.23 -13.36
N GLN A 29 -43.52 -10.59 -14.64
CA GLN A 29 -42.73 -9.83 -15.60
C GLN A 29 -43.45 -8.56 -16.04
N ALA A 30 -44.77 -8.52 -15.96
CA ALA A 30 -45.52 -7.39 -16.50
C ALA A 30 -45.25 -6.12 -15.70
N ARG A 31 -45.22 -6.22 -14.38
CA ARG A 31 -45.12 -5.03 -13.54
C ARG A 31 -43.71 -4.43 -13.52
N ASN A 32 -42.69 -5.21 -13.89
CA ASN A 32 -41.31 -4.74 -13.88
C ASN A 32 -40.89 -4.14 -15.21
N LEU A 33 -41.83 -3.76 -16.07
CA LEU A 33 -41.52 -3.21 -17.38
C LEU A 33 -41.60 -1.69 -17.43
N LEU A 34 -41.92 -1.05 -16.31
CA LEU A 34 -41.97 0.41 -16.28
C LEU A 34 -41.57 0.96 -14.92
N SER A 35 -40.98 0.15 -14.03
CA SER A 35 -40.62 0.63 -12.70
C SER A 35 -39.12 0.68 -12.51
N GLY A 36 -38.55 -0.42 -12.02
CA GLY A 36 -37.15 -0.43 -11.64
C GLY A 36 -36.91 0.57 -10.54
N ILE A 37 -35.81 1.31 -10.65
CA ILE A 37 -35.58 2.47 -9.79
C ILE A 37 -35.15 3.62 -10.68
N VAL A 38 -35.40 3.48 -11.99
CA VAL A 38 -34.94 4.39 -13.02
C VAL A 38 -35.26 5.85 -12.70
N HIS A 53 -34.88 15.00 -7.60
CA HIS A 53 -36.08 15.14 -8.43
C HIS A 53 -35.88 16.21 -9.51
N LEU A 54 -34.95 17.13 -9.27
CA LEU A 54 -34.55 18.08 -10.29
C LEU A 54 -33.85 17.37 -11.43
N LEU A 55 -33.97 17.92 -12.63
CA LEU A 55 -33.28 17.39 -13.81
C LEU A 55 -31.98 18.18 -13.98
N LYS A 56 -30.90 17.65 -13.45
CA LYS A 56 -29.57 18.19 -13.73
C LYS A 56 -28.98 17.43 -14.90
N LEU A 57 -28.27 18.14 -15.77
CA LEU A 57 -27.67 17.53 -16.96
C LEU A 57 -26.21 17.19 -16.73
N THR A 58 -25.89 16.65 -15.57
CA THR A 58 -24.55 16.12 -15.31
C THR A 58 -24.35 14.82 -16.08
N VAL A 59 -23.14 14.26 -15.97
CA VAL A 59 -22.84 13.02 -16.67
C VAL A 59 -23.78 11.90 -16.22
N TRP A 60 -24.10 11.85 -14.93
CA TRP A 60 -25.10 10.89 -14.46
C TRP A 60 -26.52 11.35 -14.78
N GLY A 61 -26.77 12.66 -14.79
CA GLY A 61 -28.13 13.13 -14.99
C GLY A 61 -28.65 12.89 -16.39
N ILE A 62 -27.78 13.08 -17.40
CA ILE A 62 -28.15 12.75 -18.76
C ILE A 62 -28.41 11.25 -18.89
N LYS A 63 -27.56 10.44 -18.24
CA LYS A 63 -27.71 8.99 -18.30
C LYS A 63 -29.06 8.55 -17.75
N GLN A 64 -29.47 9.11 -16.61
CA GLN A 64 -30.74 8.72 -16.01
C GLN A 64 -31.93 9.20 -16.84
N LEU A 65 -31.80 10.36 -17.49
CA LEU A 65 -32.88 10.85 -18.33
C LEU A 65 -33.12 9.93 -19.51
N GLN A 66 -32.04 9.47 -20.15
CA GLN A 66 -32.18 8.52 -21.24
C GLN A 66 -32.80 7.22 -20.75
N ALA A 67 -32.42 6.76 -19.55
CA ALA A 67 -33.02 5.55 -19.01
C ALA A 67 -34.51 5.73 -18.76
N ARG A 68 -34.95 6.95 -18.45
CA ARG A 68 -36.36 7.19 -18.16
C ARG A 68 -37.17 7.25 -19.45
N VAL A 69 -36.67 7.96 -20.46
CA VAL A 69 -37.39 8.07 -21.73
C VAL A 69 -37.44 6.72 -22.42
N LEU A 70 -36.36 5.94 -22.33
CA LEU A 70 -36.29 4.67 -23.05
C LEU A 70 -37.33 3.68 -22.54
N ALA A 71 -37.52 3.61 -21.23
CA ALA A 71 -38.45 2.64 -20.67
C ALA A 71 -39.88 2.91 -21.13
N VAL A 72 -40.30 4.18 -21.11
CA VAL A 72 -41.66 4.49 -21.54
C VAL A 72 -41.82 4.28 -23.04
N GLU A 73 -40.73 4.42 -23.80
CA GLU A 73 -40.79 4.19 -25.24
C GLU A 73 -41.05 2.72 -25.54
N ARG A 74 -40.17 1.84 -25.05
CA ARG A 74 -40.33 0.41 -25.33
C ARG A 74 -41.59 -0.16 -24.70
N TYR A 75 -42.08 0.45 -23.62
CA TYR A 75 -43.33 0.00 -23.02
C TYR A 75 -44.51 0.35 -23.92
N LEU A 76 -44.51 1.54 -24.51
CA LEU A 76 -45.65 1.97 -25.31
C LEU A 76 -45.69 1.26 -26.66
N ARG A 77 -44.54 0.83 -27.18
CA ARG A 77 -44.54 0.06 -28.43
C ARG A 77 -45.28 -1.26 -28.24
N ASP A 78 -45.03 -1.96 -27.13
CA ASP A 78 -45.71 -3.22 -26.89
C ASP A 78 -47.20 -3.01 -26.66
N GLN A 79 -47.56 -1.95 -25.93
CA GLN A 79 -48.98 -1.68 -25.69
C GLN A 79 -49.70 -1.29 -26.98
N GLN A 80 -49.00 -0.62 -27.89
CA GLN A 80 -49.62 -0.27 -29.16
C GLN A 80 -49.90 -1.51 -30.00
N LEU A 81 -49.01 -2.51 -29.95
CA LEU A 81 -49.27 -3.76 -30.65
C LEU A 81 -50.47 -4.49 -30.04
N LEU A 82 -50.52 -4.57 -28.71
CA LEU A 82 -51.68 -5.16 -28.05
C LEU A 82 -52.97 -4.42 -28.41
N GLY A 83 -52.87 -3.11 -28.67
CA GLY A 83 -54.05 -2.35 -29.02
C GLY A 83 -54.60 -2.70 -30.39
N ILE A 84 -53.75 -2.65 -31.41
CA ILE A 84 -54.21 -2.93 -32.77
C ILE A 84 -54.53 -4.39 -32.99
N TRP A 85 -54.24 -5.26 -32.02
CA TRP A 85 -54.65 -6.66 -32.07
C TRP A 85 -55.95 -6.93 -31.35
N GLY A 86 -56.48 -5.95 -30.64
CA GLY A 86 -57.66 -6.16 -29.83
C GLY A 86 -57.38 -6.79 -28.49
N CYS A 87 -56.16 -6.66 -27.99
CA CYS A 87 -55.75 -7.29 -26.74
C CYS A 87 -55.28 -6.25 -25.73
N SER A 88 -55.96 -5.10 -25.71
CA SER A 88 -55.64 -4.06 -24.73
C SER A 88 -55.90 -4.56 -23.31
N GLY A 89 -54.94 -4.34 -22.43
CA GLY A 89 -55.10 -4.70 -21.03
C GLY A 89 -55.14 -6.18 -20.74
N LYS A 90 -54.74 -7.03 -21.68
CA LYS A 90 -54.78 -8.47 -21.50
C LYS A 90 -53.36 -9.03 -21.38
N LEU A 91 -53.19 -9.95 -20.44
CA LEU A 91 -51.98 -10.77 -20.39
C LEU A 91 -52.11 -12.01 -21.23
N ILE A 92 -53.34 -12.54 -21.35
CA ILE A 92 -53.64 -13.71 -22.17
C ILE A 92 -54.91 -13.39 -22.94
N CYS A 93 -54.79 -13.14 -24.23
CA CYS A 93 -55.93 -12.93 -25.10
C CYS A 93 -55.93 -13.98 -26.20
N CYS A 94 -57.12 -14.44 -26.58
CA CYS A 94 -57.26 -15.38 -27.68
C CYS A 94 -57.68 -14.64 -28.94
N THR A 95 -57.35 -15.24 -30.08
CA THR A 95 -57.50 -14.53 -31.36
C THR A 95 -58.34 -15.34 -32.35
N ASN A 96 -58.37 -14.88 -33.60
CA ASN A 96 -59.02 -15.60 -34.69
C ASN A 96 -58.06 -15.89 -35.84
N VAL A 97 -56.75 -15.82 -35.58
CA VAL A 97 -55.74 -16.20 -36.55
C VAL A 97 -55.43 -17.68 -36.33
N PRO A 98 -55.75 -18.55 -37.29
CA PRO A 98 -55.44 -19.97 -37.12
C PRO A 98 -53.94 -20.23 -37.23
N TRP A 99 -53.49 -21.30 -36.60
CA TRP A 99 -52.06 -21.60 -36.53
C TRP A 99 -51.62 -22.33 -37.80
N ASN A 100 -51.05 -21.58 -38.73
CA ASN A 100 -50.43 -22.15 -39.92
C ASN A 100 -49.30 -23.09 -39.49
N SER A 101 -49.46 -24.38 -39.74
CA SER A 101 -48.50 -25.37 -39.25
C SER A 101 -47.10 -25.19 -39.83
N SER A 102 -46.93 -24.38 -40.87
CA SER A 102 -45.60 -24.06 -41.36
C SER A 102 -44.85 -23.11 -40.44
N TRP A 103 -45.54 -22.51 -39.46
CA TRP A 103 -44.84 -21.78 -38.41
C TRP A 103 -44.18 -22.74 -37.44
N SER A 104 -44.95 -23.72 -36.96
CA SER A 104 -44.40 -24.79 -36.14
C SER A 104 -45.37 -25.96 -36.19
N ASN A 105 -44.88 -27.13 -36.64
CA ASN A 105 -45.69 -28.34 -36.68
C ASN A 105 -45.62 -29.12 -35.37
N ARG A 106 -45.16 -28.50 -34.29
CA ARG A 106 -45.15 -29.15 -32.99
C ARG A 106 -46.57 -29.22 -32.43
N ASN A 107 -46.78 -30.19 -31.54
CA ASN A 107 -48.09 -30.39 -30.93
C ASN A 107 -48.19 -29.64 -29.60
N LEU A 108 -49.43 -29.56 -29.09
CA LEU A 108 -49.68 -28.74 -27.90
C LEU A 108 -48.89 -29.24 -26.70
N SER A 109 -48.88 -30.55 -26.48
CA SER A 109 -48.22 -31.07 -25.28
C SER A 109 -46.70 -30.93 -25.37
N GLU A 110 -46.14 -31.18 -26.56
CA GLU A 110 -44.68 -31.06 -26.71
C GLU A 110 -44.22 -29.60 -26.78
N ILE A 111 -45.14 -28.65 -26.57
CA ILE A 111 -44.79 -27.23 -26.49
C ILE A 111 -44.94 -26.78 -25.04
N TRP A 112 -46.18 -26.74 -24.56
CA TRP A 112 -46.47 -26.18 -23.24
C TRP A 112 -45.91 -27.02 -22.10
N ASP A 113 -45.67 -28.30 -22.32
CA ASP A 113 -45.11 -29.17 -21.29
C ASP A 113 -43.69 -29.62 -21.63
N ASN A 114 -42.99 -28.88 -22.49
CA ASN A 114 -41.66 -29.29 -22.93
C ASN A 114 -40.75 -28.09 -23.19
N MET A 115 -41.20 -27.16 -24.02
CA MET A 115 -40.35 -26.04 -24.42
C MET A 115 -40.44 -24.89 -23.43
N THR A 116 -39.35 -24.14 -23.32
CA THR A 116 -39.32 -22.87 -22.62
C THR A 116 -39.59 -21.75 -23.61
N TRP A 117 -40.10 -20.63 -23.09
CA TRP A 117 -40.41 -19.50 -23.97
C TRP A 117 -39.19 -19.02 -24.75
N LEU A 118 -38.00 -19.20 -24.17
CA LEU A 118 -36.79 -18.76 -24.86
C LEU A 118 -36.50 -19.61 -26.09
N GLN A 119 -36.50 -20.94 -25.93
CA GLN A 119 -36.27 -21.80 -27.08
C GLN A 119 -37.45 -21.81 -28.04
N TRP A 120 -38.66 -21.51 -27.55
CA TRP A 120 -39.79 -21.33 -28.45
C TRP A 120 -39.62 -20.09 -29.31
N ASP A 121 -39.30 -18.96 -28.68
CA ASP A 121 -39.06 -17.73 -29.42
C ASP A 121 -37.94 -17.90 -30.45
N LYS A 122 -37.02 -18.84 -30.20
CA LYS A 122 -35.90 -19.03 -31.12
C LYS A 122 -36.36 -19.58 -32.45
N GLU A 123 -37.29 -20.55 -32.44
CA GLU A 123 -37.71 -21.20 -33.67
C GLU A 123 -38.95 -20.55 -34.29
N ILE A 124 -39.72 -19.79 -33.52
CA ILE A 124 -40.86 -19.06 -34.07
C ILE A 124 -40.46 -17.67 -34.55
N SER A 125 -39.18 -17.32 -34.47
CA SER A 125 -38.75 -15.93 -34.68
C SER A 125 -38.88 -15.50 -36.14
N ASN A 126 -38.76 -16.43 -37.09
CA ASN A 126 -38.81 -16.05 -38.49
C ASN A 126 -40.19 -15.53 -38.87
N TYR A 127 -41.24 -16.19 -38.39
CA TYR A 127 -42.60 -15.87 -38.80
C TYR A 127 -43.29 -14.90 -37.86
N THR A 128 -42.60 -14.37 -36.86
CA THR A 128 -43.26 -13.51 -35.88
C THR A 128 -43.76 -12.22 -36.53
N GLN A 129 -43.15 -11.81 -37.64
CA GLN A 129 -43.67 -10.65 -38.35
C GLN A 129 -44.92 -11.00 -39.16
N ILE A 130 -44.96 -12.20 -39.74
CA ILE A 130 -46.15 -12.64 -40.45
C ILE A 130 -47.33 -12.73 -39.50
N ILE A 131 -47.10 -13.25 -38.30
CA ILE A 131 -48.19 -13.40 -37.33
C ILE A 131 -48.70 -12.04 -36.89
N TYR A 132 -47.80 -11.06 -36.71
CA TYR A 132 -48.21 -9.75 -36.24
C TYR A 132 -49.07 -9.01 -37.26
N GLY A 133 -49.00 -9.37 -38.54
CA GLY A 133 -49.83 -8.75 -39.54
C GLY A 133 -51.20 -9.37 -39.59
N LEU A 134 -51.26 -10.69 -39.45
CA LEU A 134 -52.55 -11.38 -39.46
C LEU A 134 -53.38 -11.01 -38.23
N LEU A 135 -52.73 -10.89 -37.07
CA LEU A 135 -53.42 -10.41 -35.89
C LEU A 135 -53.93 -8.99 -36.09
N GLU A 136 -53.16 -8.17 -36.81
CA GLU A 136 -53.53 -6.77 -36.99
C GLU A 136 -54.79 -6.63 -37.84
N GLU A 137 -54.82 -7.31 -39.00
CA GLU A 137 -55.97 -7.19 -39.88
C GLU A 137 -57.17 -8.02 -39.41
N SER A 138 -56.94 -9.05 -38.60
CA SER A 138 -58.05 -9.77 -37.99
C SER A 138 -58.85 -8.85 -37.06
N GLN A 139 -58.14 -7.96 -36.35
CA GLN A 139 -58.82 -7.05 -35.43
C GLN A 139 -59.54 -5.93 -36.19
N ASN A 140 -58.94 -5.46 -37.29
CA ASN A 140 -59.57 -4.38 -38.04
C ASN A 140 -60.82 -4.87 -38.77
N GLN A 141 -60.79 -6.10 -39.28
CA GLN A 141 -61.99 -6.66 -39.87
C GLN A 141 -63.03 -7.01 -38.80
N GLN A 142 -62.58 -7.43 -37.62
CA GLN A 142 -63.50 -7.74 -36.54
C GLN A 142 -64.24 -6.49 -36.07
N GLU A 143 -63.51 -5.39 -35.89
CA GLU A 143 -64.15 -4.13 -35.50
C GLU A 143 -65.05 -3.58 -36.60
N LYS A 144 -64.81 -3.97 -37.85
CA LYS A 144 -65.73 -3.57 -38.92
C LYS A 144 -67.02 -4.37 -38.85
N ASN A 145 -66.94 -5.65 -38.46
CA ASN A 145 -68.14 -6.46 -38.35
C ASN A 145 -68.99 -6.04 -37.17
N GLU A 146 -68.36 -5.75 -36.03
CA GLU A 146 -69.11 -5.34 -34.85
C GLU A 146 -69.91 -4.06 -35.09
N GLN A 147 -69.39 -3.17 -35.95
CA GLN A 147 -70.13 -1.97 -36.28
C GLN A 147 -71.34 -2.29 -37.14
N ASP A 148 -71.19 -3.20 -38.11
CA ASP A 148 -72.32 -3.58 -38.95
C ASP A 148 -73.40 -4.30 -38.16
N LEU A 149 -73.01 -5.09 -37.14
CA LEU A 149 -74.00 -5.80 -36.35
C LEU A 149 -74.79 -4.84 -35.46
N LEU A 150 -74.14 -3.80 -34.95
CA LEU A 150 -74.83 -2.80 -34.13
C LEU A 150 -75.54 -1.75 -34.97
N ALA A 151 -75.52 -1.86 -36.29
CA ALA A 151 -76.24 -0.94 -37.16
C ALA A 151 -77.73 -1.27 -37.24
N LEU A 152 -78.23 -2.13 -36.36
CA LEU A 152 -79.64 -2.50 -36.37
C LEU A 152 -80.19 -2.55 -34.94
N GLN B 1 -33.53 -33.37 -31.78
CA GLN B 1 -32.44 -34.34 -31.82
C GLN B 1 -32.30 -35.10 -30.50
N GLY B 2 -31.12 -35.65 -30.27
CA GLY B 2 -30.85 -36.40 -29.06
C GLY B 2 -30.22 -37.75 -29.33
N GLN B 3 -29.08 -38.01 -28.69
CA GLN B 3 -28.39 -39.28 -28.81
C GLN B 3 -28.10 -39.81 -27.41
N LEU B 4 -28.02 -41.15 -27.30
CA LEU B 4 -27.74 -41.82 -26.03
C LEU B 4 -26.83 -43.03 -26.31
N VAL B 5 -25.55 -42.74 -26.58
CA VAL B 5 -24.58 -43.81 -26.82
C VAL B 5 -24.38 -44.61 -25.55
N GLN B 6 -24.39 -45.93 -25.67
CA GLN B 6 -24.27 -46.83 -24.54
C GLN B 6 -22.89 -47.48 -24.53
N SER B 7 -22.59 -48.17 -23.43
CA SER B 7 -21.27 -48.73 -23.20
C SER B 7 -21.04 -49.94 -24.12
N GLY B 8 -19.99 -50.70 -23.82
CA GLY B 8 -19.68 -51.89 -24.59
C GLY B 8 -20.58 -53.06 -24.23
N ALA B 9 -20.32 -54.19 -24.88
CA ALA B 9 -21.05 -55.43 -24.65
C ALA B 9 -20.27 -56.28 -23.66
N THR B 10 -20.49 -56.00 -22.38
CA THR B 10 -19.75 -56.66 -21.31
C THR B 10 -20.11 -58.15 -21.24
N THR B 11 -19.21 -58.93 -20.64
CA THR B 11 -19.38 -60.38 -20.53
C THR B 11 -18.73 -60.82 -19.22
N THR B 12 -19.55 -61.10 -18.21
CA THR B 12 -19.04 -61.67 -16.96
C THR B 12 -19.84 -62.91 -16.59
N LYS B 13 -19.64 -63.42 -15.38
CA LYS B 13 -20.26 -64.64 -14.90
C LYS B 13 -20.95 -64.35 -13.56
N PRO B 14 -21.88 -65.24 -13.12
CA PRO B 14 -22.68 -64.95 -11.91
C PRO B 14 -21.88 -64.51 -10.68
N GLY B 15 -22.55 -63.77 -9.78
CA GLY B 15 -21.95 -63.26 -8.57
C GLY B 15 -21.37 -61.86 -8.69
N SER B 16 -21.03 -61.43 -9.90
CA SER B 16 -20.31 -60.18 -10.11
C SER B 16 -21.29 -58.99 -10.10
N SER B 17 -20.80 -57.84 -10.56
CA SER B 17 -21.60 -56.62 -10.64
C SER B 17 -20.98 -55.73 -11.72
N VAL B 18 -21.76 -55.38 -12.73
CA VAL B 18 -21.23 -54.66 -13.89
C VAL B 18 -21.91 -53.29 -13.97
N LYS B 19 -21.21 -52.36 -14.60
CA LYS B 19 -21.68 -50.99 -14.77
C LYS B 19 -21.95 -50.71 -16.24
N ILE B 20 -23.13 -50.16 -16.53
CA ILE B 20 -23.54 -49.80 -17.89
C ILE B 20 -23.57 -48.28 -17.97
N SER B 21 -22.97 -47.73 -19.03
CA SER B 21 -22.86 -46.30 -19.22
C SER B 21 -23.79 -45.82 -20.32
N CYS B 22 -24.43 -44.68 -20.09
CA CYS B 22 -25.28 -44.03 -21.07
C CYS B 22 -24.84 -42.58 -21.18
N LYS B 23 -24.36 -42.18 -22.36
CA LYS B 23 -23.81 -40.85 -22.58
C LYS B 23 -24.68 -40.10 -23.58
N THR B 24 -25.12 -38.91 -23.19
CA THR B 24 -26.14 -38.17 -23.92
C THR B 24 -25.57 -36.94 -24.61
N SER B 25 -26.25 -36.52 -25.67
CA SER B 25 -25.87 -35.34 -26.44
C SER B 25 -27.11 -34.73 -27.07
N GLY B 26 -26.96 -33.51 -27.59
CA GLY B 26 -28.00 -32.88 -28.37
C GLY B 26 -29.25 -32.47 -27.62
N TYR B 27 -29.23 -32.49 -26.28
CA TYR B 27 -30.37 -32.05 -25.50
C TYR B 27 -29.91 -31.79 -24.07
N ARG B 28 -30.69 -30.99 -23.34
CA ARG B 28 -30.38 -30.69 -21.95
C ARG B 28 -30.57 -31.93 -21.09
N PHE B 29 -29.46 -32.42 -20.53
CA PHE B 29 -29.49 -33.69 -19.81
C PHE B 29 -30.33 -33.62 -18.54
N ASN B 30 -30.49 -32.44 -17.95
CA ASN B 30 -31.22 -32.33 -16.70
C ASN B 30 -32.73 -32.33 -16.88
N PHE B 31 -33.24 -32.00 -18.07
CA PHE B 31 -34.66 -31.73 -18.22
C PHE B 31 -35.52 -32.98 -18.28
N TYR B 32 -34.94 -34.15 -18.57
CA TYR B 32 -35.71 -35.37 -18.71
C TYR B 32 -35.09 -36.48 -17.88
N HIS B 33 -35.94 -37.39 -17.40
CA HIS B 33 -35.46 -38.54 -16.65
C HIS B 33 -34.61 -39.44 -17.54
N ILE B 34 -33.94 -40.39 -16.91
CA ILE B 34 -33.20 -41.45 -17.59
C ILE B 34 -33.78 -42.78 -17.16
N ASN B 35 -34.33 -43.53 -18.12
CA ASN B 35 -34.95 -44.82 -17.84
C ASN B 35 -33.99 -45.96 -18.18
N TRP B 36 -34.12 -47.05 -17.43
CA TRP B 36 -33.36 -48.27 -17.67
C TRP B 36 -34.34 -49.40 -17.94
N ILE B 37 -34.21 -50.03 -19.11
CA ILE B 37 -35.11 -51.09 -19.55
C ILE B 37 -34.29 -52.34 -19.86
N ARG B 38 -34.90 -53.50 -19.63
CA ARG B 38 -34.25 -54.78 -19.86
C ARG B 38 -35.13 -55.64 -20.76
N GLN B 39 -34.52 -56.22 -21.79
CA GLN B 39 -35.20 -57.12 -22.72
C GLN B 39 -34.55 -58.49 -22.62
N THR B 40 -34.91 -59.23 -21.58
CA THR B 40 -34.45 -60.60 -21.44
C THR B 40 -35.15 -61.50 -22.46
N ALA B 41 -34.55 -62.66 -22.69
CA ALA B 41 -35.11 -63.61 -23.66
C ALA B 41 -36.20 -64.47 -23.03
N GLY B 42 -36.01 -64.89 -21.78
CA GLY B 42 -36.96 -65.76 -21.12
C GLY B 42 -38.06 -65.02 -20.36
N ARG B 43 -38.32 -63.79 -20.75
CA ARG B 43 -39.35 -62.98 -20.12
C ARG B 43 -39.74 -61.85 -21.07
N GLY B 44 -40.83 -61.17 -20.73
CA GLY B 44 -41.21 -59.97 -21.43
C GLY B 44 -40.32 -58.82 -21.03
N PRO B 45 -40.34 -57.73 -21.81
CA PRO B 45 -39.53 -56.56 -21.47
C PRO B 45 -39.92 -56.02 -20.09
N GLU B 46 -38.90 -55.66 -19.32
CA GLU B 46 -39.07 -55.20 -17.95
C GLU B 46 -38.53 -53.79 -17.80
N TRP B 47 -39.36 -52.88 -17.33
CA TRP B 47 -38.90 -51.55 -16.93
C TRP B 47 -38.20 -51.67 -15.59
N MET B 48 -36.92 -51.29 -15.54
CA MET B 48 -36.15 -51.41 -14.32
C MET B 48 -36.32 -50.20 -13.42
N GLY B 49 -36.09 -49.00 -13.94
CA GLY B 49 -36.30 -47.79 -13.15
C GLY B 49 -35.85 -46.57 -13.92
N TRP B 50 -36.29 -45.41 -13.40
CA TRP B 50 -35.83 -44.12 -13.91
C TRP B 50 -35.26 -43.29 -12.77
N ILE B 51 -34.44 -42.31 -13.15
CA ILE B 51 -33.77 -41.43 -12.20
C ILE B 51 -33.79 -40.02 -12.77
N SER B 52 -33.78 -39.03 -11.86
CA SER B 52 -33.91 -37.63 -12.24
C SER B 52 -32.54 -36.98 -12.34
N PRO B 53 -32.04 -36.70 -13.54
CA PRO B 53 -30.73 -36.03 -13.67
C PRO B 53 -30.70 -34.59 -13.14
N TYR B 54 -31.83 -34.09 -12.63
CA TYR B 54 -31.92 -32.74 -12.08
C TYR B 54 -32.15 -32.74 -10.58
N SER B 55 -33.14 -33.49 -10.11
CA SER B 55 -33.43 -33.60 -8.68
C SER B 55 -32.67 -34.71 -7.99
N GLY B 56 -32.02 -35.60 -8.74
CA GLY B 56 -31.39 -36.77 -8.16
C GLY B 56 -32.34 -37.84 -7.70
N ASP B 57 -33.65 -37.62 -7.82
CA ASP B 57 -34.63 -38.59 -7.35
C ASP B 57 -34.67 -39.80 -8.28
N LYS B 58 -34.87 -40.97 -7.68
CA LYS B 58 -34.85 -42.24 -8.40
C LYS B 58 -36.09 -43.05 -8.05
N ASN B 59 -36.53 -43.86 -9.01
CA ASN B 59 -37.68 -44.72 -8.81
C ASN B 59 -37.52 -45.96 -9.68
N LEU B 60 -37.60 -47.14 -9.06
CA LEU B 60 -37.39 -48.40 -9.75
C LEU B 60 -38.43 -49.41 -9.31
N ALA B 61 -38.54 -50.48 -10.11
CA ALA B 61 -39.52 -51.53 -9.85
C ALA B 61 -39.16 -52.31 -8.59
N PRO B 62 -40.16 -52.94 -7.94
CA PRO B 62 -39.85 -53.76 -6.77
C PRO B 62 -39.01 -54.98 -7.07
N ALA B 63 -39.02 -55.47 -8.32
CA ALA B 63 -38.15 -56.57 -8.71
C ALA B 63 -36.67 -56.19 -8.75
N PHE B 64 -36.36 -54.90 -8.52
CA PHE B 64 -34.99 -54.41 -8.49
C PHE B 64 -34.76 -53.53 -7.26
N GLN B 65 -35.62 -53.63 -6.24
CA GLN B 65 -35.68 -52.62 -5.20
C GLN B 65 -34.36 -52.52 -4.43
N ASP B 66 -33.83 -53.66 -3.99
CA ASP B 66 -32.56 -53.65 -3.28
C ASP B 66 -31.52 -54.48 -4.04
N ARG B 67 -31.31 -54.13 -5.31
CA ARG B 67 -30.38 -54.89 -6.15
C ARG B 67 -29.67 -53.98 -7.16
N VAL B 68 -30.18 -52.77 -7.36
CA VAL B 68 -29.72 -51.90 -8.44
C VAL B 68 -29.36 -50.54 -7.87
N ASN B 69 -28.23 -49.99 -8.35
CA ASN B 69 -27.77 -48.65 -7.99
C ASN B 69 -27.79 -47.79 -9.26
N MET B 70 -28.68 -46.81 -9.30
CA MET B 70 -28.79 -45.88 -10.41
C MET B 70 -28.15 -44.55 -10.02
N THR B 71 -27.24 -44.07 -10.86
CA THR B 71 -26.53 -42.81 -10.60
C THR B 71 -26.31 -42.06 -11.90
N THR B 72 -26.25 -40.73 -11.78
CA THR B 72 -25.88 -39.84 -12.87
C THR B 72 -24.95 -38.77 -12.32
N ASP B 73 -24.02 -38.32 -13.15
CA ASP B 73 -23.16 -37.20 -12.81
C ASP B 73 -23.63 -35.95 -13.54
N THR B 74 -23.25 -34.79 -13.00
CA THR B 74 -23.79 -33.52 -13.47
C THR B 74 -23.42 -33.28 -14.93
N GLU B 75 -24.29 -32.53 -15.63
CA GLU B 75 -24.13 -32.30 -17.05
C GLU B 75 -23.04 -31.27 -17.31
N VAL B 76 -22.73 -31.08 -18.60
CA VAL B 76 -21.75 -30.11 -19.04
C VAL B 76 -22.39 -29.20 -20.08
N PRO B 77 -22.59 -27.92 -19.77
CA PRO B 77 -23.21 -27.01 -20.74
C PRO B 77 -22.41 -26.93 -22.03
N VAL B 78 -23.09 -27.14 -23.15
CA VAL B 78 -22.53 -26.95 -24.48
C VAL B 78 -23.06 -25.68 -25.13
N THR B 79 -24.38 -25.53 -25.19
CA THR B 79 -25.01 -24.26 -25.51
C THR B 79 -26.13 -24.00 -24.51
N SER B 80 -26.99 -23.03 -24.80
CA SER B 80 -28.06 -22.67 -23.87
C SER B 80 -29.03 -23.83 -23.65
N PHE B 81 -29.20 -24.70 -24.65
CA PHE B 81 -30.14 -25.80 -24.56
C PHE B 81 -29.51 -27.16 -24.82
N THR B 82 -28.19 -27.22 -24.99
CA THR B 82 -27.49 -28.47 -25.28
C THR B 82 -26.45 -28.72 -24.20
N SER B 83 -26.44 -29.94 -23.68
CA SER B 83 -25.45 -30.36 -22.69
C SER B 83 -25.06 -31.81 -22.96
N THR B 84 -24.14 -32.33 -22.16
CA THR B 84 -23.72 -33.72 -22.22
C THR B 84 -23.78 -34.30 -20.83
N GLY B 85 -24.46 -35.44 -20.70
CA GLY B 85 -24.60 -36.09 -19.41
C GLY B 85 -24.16 -37.55 -19.41
N ALA B 86 -24.37 -38.24 -18.30
CA ALA B 86 -24.02 -39.64 -18.19
C ALA B 86 -24.85 -40.29 -17.10
N ALA B 87 -25.29 -41.53 -17.35
CA ALA B 87 -26.10 -42.30 -16.42
C ALA B 87 -25.50 -43.68 -16.24
N TYR B 88 -25.53 -44.18 -15.01
CA TYR B 88 -24.85 -45.41 -14.65
C TYR B 88 -25.82 -46.44 -14.08
N MET B 89 -25.55 -47.71 -14.35
CA MET B 89 -26.43 -48.82 -14.01
C MET B 89 -25.61 -49.93 -13.37
N GLU B 90 -26.11 -50.47 -12.25
CA GLU B 90 -25.39 -51.50 -11.50
C GLU B 90 -26.38 -52.50 -10.94
N ILE B 91 -25.93 -53.74 -10.76
CA ILE B 91 -26.74 -54.83 -10.21
C ILE B 91 -25.96 -55.51 -9.10
N ARG B 92 -26.66 -55.92 -8.05
CA ARG B 92 -26.00 -56.48 -6.87
C ARG B 92 -25.89 -58.00 -6.94
N ASN B 93 -26.82 -58.71 -6.29
CA ASN B 93 -26.79 -60.17 -6.26
C ASN B 93 -27.05 -60.74 -7.65
N LEU B 94 -26.09 -60.55 -8.56
CA LEU B 94 -26.28 -60.83 -9.98
C LEU B 94 -25.98 -62.29 -10.27
N THR B 95 -26.84 -62.90 -11.11
CA THR B 95 -26.65 -64.28 -11.55
C THR B 95 -26.42 -64.33 -13.05
N SER B 96 -26.89 -65.40 -13.70
CA SER B 96 -26.87 -65.49 -15.15
C SER B 96 -28.27 -65.51 -15.74
N ASP B 97 -29.30 -65.54 -14.91
CA ASP B 97 -30.69 -65.47 -15.38
C ASP B 97 -31.10 -64.06 -15.77
N ASP B 98 -30.26 -63.06 -15.50
CA ASP B 98 -30.51 -61.68 -15.88
C ASP B 98 -29.88 -61.32 -17.23
N THR B 99 -29.62 -62.32 -18.07
CA THR B 99 -28.91 -62.10 -19.33
C THR B 99 -29.86 -61.52 -20.38
N GLY B 100 -29.35 -60.57 -21.16
CA GLY B 100 -30.12 -60.03 -22.26
C GLY B 100 -29.52 -58.72 -22.74
N THR B 101 -30.33 -57.97 -23.48
CA THR B 101 -29.97 -56.65 -23.97
C THR B 101 -30.51 -55.59 -23.02
N TYR B 102 -29.69 -54.58 -22.73
CA TYR B 102 -30.04 -53.52 -21.80
C TYR B 102 -30.05 -52.18 -22.53
N PHE B 103 -31.13 -51.42 -22.35
CA PHE B 103 -31.32 -50.14 -23.02
C PHE B 103 -31.40 -49.01 -22.00
N CYS B 104 -30.94 -47.83 -22.41
CA CYS B 104 -31.21 -46.59 -21.70
C CYS B 104 -32.03 -45.68 -22.59
N ALA B 105 -33.01 -45.01 -21.98
CA ALA B 105 -33.90 -44.13 -22.71
C ALA B 105 -34.29 -42.96 -21.81
N LYS B 106 -34.35 -41.77 -22.40
CA LYS B 106 -34.70 -40.57 -21.66
C LYS B 106 -36.21 -40.39 -21.62
N GLY B 107 -36.65 -39.49 -20.75
CA GLY B 107 -38.06 -39.21 -20.60
C GLY B 107 -38.67 -38.58 -21.83
N LEU B 108 -40.00 -38.46 -21.81
CA LEU B 108 -40.75 -37.94 -22.95
C LEU B 108 -40.91 -36.42 -22.87
N LEU B 109 -41.59 -35.93 -21.85
CA LEU B 109 -41.87 -34.51 -21.68
C LEU B 109 -41.28 -34.01 -20.37
N ARG B 110 -41.32 -32.68 -20.20
CA ARG B 110 -40.86 -32.05 -18.96
C ARG B 110 -41.97 -31.82 -17.95
N ASP B 111 -43.22 -32.08 -18.32
CA ASP B 111 -44.34 -31.93 -17.39
C ASP B 111 -45.55 -32.66 -17.98
N GLY B 112 -46.54 -32.89 -17.12
CA GLY B 112 -47.80 -33.49 -17.54
C GLY B 112 -48.02 -34.83 -16.84
N SER B 113 -48.61 -35.77 -17.56
CA SER B 113 -48.90 -37.09 -17.05
C SER B 113 -48.00 -38.19 -17.61
N SER B 114 -47.17 -37.87 -18.60
CA SER B 114 -46.23 -38.82 -19.20
C SER B 114 -44.83 -38.23 -19.21
N THR B 115 -44.41 -37.71 -18.06
CA THR B 115 -43.13 -36.99 -17.98
C THR B 115 -41.96 -37.94 -18.20
N TRP B 116 -41.90 -39.04 -17.45
CA TRP B 116 -40.74 -39.93 -17.44
C TRP B 116 -40.78 -40.98 -18.54
N LEU B 117 -41.81 -40.99 -19.38
CA LEU B 117 -42.02 -42.11 -20.30
C LEU B 117 -40.81 -42.28 -21.21
N PRO B 118 -40.23 -43.49 -21.29
CA PRO B 118 -39.05 -43.70 -22.15
C PRO B 118 -39.34 -43.42 -23.61
N TYR B 119 -38.80 -42.31 -24.13
CA TYR B 119 -39.08 -41.83 -25.47
C TYR B 119 -37.95 -42.07 -26.46
N LEU B 120 -36.74 -41.60 -26.14
CA LEU B 120 -35.59 -41.70 -27.02
C LEU B 120 -34.59 -42.67 -26.42
N TRP B 121 -34.31 -43.76 -27.13
CA TRP B 121 -33.59 -44.91 -26.60
C TRP B 121 -32.15 -44.95 -27.12
N GLY B 122 -31.35 -45.79 -26.45
CA GLY B 122 -30.00 -46.09 -26.90
C GLY B 122 -29.95 -47.37 -27.72
N GLN B 123 -28.75 -47.66 -28.21
CA GLN B 123 -28.56 -48.79 -29.12
C GLN B 123 -28.44 -50.13 -28.38
N GLY B 124 -28.46 -50.14 -27.05
CA GLY B 124 -28.46 -51.37 -26.30
C GLY B 124 -27.07 -51.95 -26.11
N THR B 125 -26.98 -52.91 -25.18
CA THR B 125 -25.73 -53.58 -24.86
C THR B 125 -26.02 -55.04 -24.56
N LEU B 126 -25.35 -55.94 -25.26
CA LEU B 126 -25.44 -57.36 -24.94
C LEU B 126 -24.65 -57.67 -23.68
N LEU B 127 -25.11 -58.68 -22.93
CA LEU B 127 -24.45 -59.04 -21.68
C LEU B 127 -23.99 -60.49 -21.66
N THR B 128 -23.96 -61.09 -20.48
CA THR B 128 -23.45 -62.44 -20.28
C THR B 128 -24.23 -63.48 -21.07
N VAL C 4 -48.86 -59.88 -16.92
CA VAL C 4 -50.21 -59.77 -16.36
C VAL C 4 -51.05 -58.88 -17.25
N LEU C 5 -50.40 -58.14 -18.14
CA LEU C 5 -51.08 -57.31 -19.14
C LEU C 5 -51.09 -58.09 -20.45
N THR C 6 -52.13 -58.90 -20.62
CA THR C 6 -52.21 -59.78 -21.79
C THR C 6 -52.48 -58.98 -23.05
N GLN C 7 -51.76 -59.31 -24.12
CA GLN C 7 -51.98 -58.75 -25.44
C GLN C 7 -52.61 -59.80 -26.34
N SER C 8 -52.64 -59.52 -27.64
CA SER C 8 -53.10 -60.49 -28.62
C SER C 8 -51.98 -61.50 -28.88
N ALA C 9 -52.38 -62.76 -29.10
CA ALA C 9 -51.40 -63.82 -29.36
C ALA C 9 -50.55 -63.49 -30.58
N SER C 10 -51.19 -63.41 -31.75
CA SER C 10 -50.53 -62.99 -32.98
C SER C 10 -51.62 -62.78 -34.02
N VAL C 11 -51.26 -62.08 -35.10
CA VAL C 11 -52.21 -61.71 -36.14
C VAL C 11 -51.42 -61.06 -37.26
N SER C 12 -52.05 -60.95 -38.44
CA SER C 12 -51.43 -60.31 -39.58
C SER C 12 -52.52 -59.78 -40.51
N GLY C 13 -52.08 -59.08 -41.54
CA GLY C 13 -52.97 -58.55 -42.56
C GLY C 13 -52.25 -58.50 -43.89
N SER C 14 -52.67 -57.59 -44.76
CA SER C 14 -52.05 -57.42 -46.07
C SER C 14 -51.85 -55.94 -46.34
N LEU C 15 -51.04 -55.64 -47.35
CA LEU C 15 -50.71 -54.26 -47.69
C LEU C 15 -51.96 -53.49 -48.08
N GLY C 16 -52.21 -52.38 -47.40
CA GLY C 16 -53.39 -51.58 -47.57
C GLY C 16 -54.46 -51.82 -46.51
N GLN C 17 -54.48 -53.01 -45.93
CA GLN C 17 -55.48 -53.37 -44.92
C GLN C 17 -55.03 -52.85 -43.55
N SER C 18 -55.79 -53.18 -42.52
CA SER C 18 -55.53 -52.73 -41.16
C SER C 18 -55.52 -53.91 -40.21
N VAL C 19 -55.00 -53.68 -39.00
CA VAL C 19 -54.97 -54.66 -37.93
C VAL C 19 -55.50 -53.99 -36.67
N THR C 20 -55.59 -54.78 -35.59
CA THR C 20 -56.01 -54.24 -34.30
C THR C 20 -55.43 -55.12 -33.20
N ILE C 21 -54.42 -54.62 -32.51
CA ILE C 21 -53.83 -55.33 -31.38
C ILE C 21 -54.66 -55.04 -30.13
N SER C 22 -54.66 -55.98 -29.18
CA SER C 22 -55.38 -55.82 -27.93
C SER C 22 -54.41 -55.74 -26.76
N CYS C 23 -54.92 -55.29 -25.63
CA CYS C 23 -54.14 -55.13 -24.40
C CYS C 23 -55.11 -54.97 -23.24
N THR C 24 -55.09 -55.91 -22.30
CA THR C 24 -56.04 -55.88 -21.21
C THR C 24 -55.45 -56.62 -20.01
N GLY C 25 -56.17 -56.54 -18.89
CA GLY C 25 -55.75 -57.16 -17.66
C GLY C 25 -56.70 -56.86 -16.53
N PRO C 26 -56.31 -57.22 -15.30
CA PRO C 26 -57.19 -57.01 -14.14
C PRO C 26 -57.26 -55.55 -13.71
N ASN C 27 -57.90 -55.30 -12.56
CA ASN C 27 -57.90 -53.96 -11.98
C ASN C 27 -56.51 -53.50 -11.57
N SER C 28 -55.53 -54.40 -11.56
CA SER C 28 -54.19 -54.06 -11.10
C SER C 28 -53.43 -53.19 -12.10
N VAL C 29 -53.79 -53.24 -13.38
CA VAL C 29 -52.99 -52.57 -14.42
C VAL C 29 -53.85 -52.09 -15.57
N CYS C 30 -55.17 -51.97 -15.35
CA CYS C 30 -56.09 -51.66 -16.44
C CYS C 30 -57.48 -51.41 -15.86
N CYS C 31 -58.20 -50.43 -16.41
CA CYS C 31 -57.74 -49.56 -17.50
C CYS C 31 -58.14 -48.10 -17.27
N SER C 32 -59.27 -47.92 -16.59
CA SER C 32 -59.85 -46.58 -16.46
C SER C 32 -58.93 -45.62 -15.72
N HIS C 33 -58.24 -46.10 -14.69
CA HIS C 33 -57.36 -45.27 -13.88
C HIS C 33 -55.89 -45.42 -14.26
N LYS C 34 -55.61 -45.85 -15.49
CA LYS C 34 -54.25 -45.98 -15.98
C LYS C 34 -54.17 -45.45 -17.40
N SER C 35 -52.97 -45.00 -17.78
CA SER C 35 -52.67 -44.63 -19.15
C SER C 35 -52.01 -45.79 -19.87
N ILE C 36 -52.13 -45.80 -21.20
CA ILE C 36 -51.63 -46.90 -22.02
C ILE C 36 -50.77 -46.32 -23.12
N SER C 37 -49.53 -46.79 -23.22
CA SER C 37 -48.63 -46.43 -24.30
C SER C 37 -48.36 -47.66 -25.17
N TRP C 38 -47.99 -47.39 -26.42
CA TRP C 38 -47.79 -48.43 -27.43
C TRP C 38 -46.42 -48.26 -28.08
N TYR C 39 -45.52 -49.18 -27.80
CA TYR C 39 -44.16 -49.17 -28.36
C TYR C 39 -44.06 -50.16 -29.51
N GLN C 40 -43.49 -49.72 -30.62
CA GLN C 40 -43.11 -50.61 -31.72
C GLN C 40 -41.68 -51.06 -31.46
N TRP C 41 -41.49 -52.36 -31.22
CA TRP C 41 -40.23 -52.88 -30.69
C TRP C 41 -39.75 -54.05 -31.56
N PRO C 42 -38.93 -53.77 -32.57
CA PRO C 42 -38.22 -54.85 -33.26
C PRO C 42 -37.34 -55.61 -32.30
N PRO C 43 -37.27 -56.94 -32.41
CA PRO C 43 -36.55 -57.74 -31.41
C PRO C 43 -35.05 -57.45 -31.45
N GLY C 44 -34.51 -57.03 -30.30
CA GLY C 44 -33.08 -56.78 -30.18
C GLY C 44 -32.60 -55.51 -30.87
N ARG C 45 -33.39 -54.44 -30.80
CA ARG C 45 -33.01 -53.17 -31.40
C ARG C 45 -33.64 -52.03 -30.60
N ALA C 46 -33.36 -50.81 -31.03
CA ALA C 46 -33.91 -49.64 -30.38
C ALA C 46 -35.41 -49.57 -30.59
N PRO C 47 -36.22 -49.53 -29.51
CA PRO C 47 -37.67 -49.45 -29.68
C PRO C 47 -38.12 -48.11 -30.26
N THR C 48 -39.43 -47.89 -30.31
CA THR C 48 -39.99 -46.65 -30.84
C THR C 48 -41.35 -46.42 -30.23
N LEU C 49 -41.57 -45.22 -29.69
CA LEU C 49 -42.86 -44.86 -29.13
C LEU C 49 -43.82 -44.46 -30.24
N ILE C 50 -44.99 -45.09 -30.27
CA ILE C 50 -46.02 -44.82 -31.26
C ILE C 50 -47.13 -43.97 -30.67
N ILE C 51 -47.61 -44.33 -29.48
CA ILE C 51 -48.78 -43.69 -28.87
C ILE C 51 -48.60 -43.72 -27.36
N TYR C 52 -48.99 -42.62 -26.70
CA TYR C 52 -49.00 -42.54 -25.26
C TYR C 52 -50.30 -41.91 -24.80
N GLU C 53 -50.60 -42.04 -23.51
CA GLU C 53 -51.83 -41.54 -22.92
C GLU C 53 -53.05 -42.02 -23.70
N ASP C 54 -53.06 -43.33 -23.97
CA ASP C 54 -54.18 -44.05 -24.60
C ASP C 54 -54.28 -43.82 -26.09
N ASN C 55 -54.03 -42.60 -26.58
CA ASN C 55 -54.27 -42.36 -28.01
C ASN C 55 -53.49 -41.18 -28.59
N GLU C 56 -52.49 -40.67 -27.89
CA GLU C 56 -51.71 -39.53 -28.39
C GLU C 56 -50.47 -40.04 -29.08
N ARG C 57 -50.38 -39.83 -30.39
CA ARG C 57 -49.22 -40.27 -31.15
C ARG C 57 -48.00 -39.43 -30.80
N ALA C 58 -46.85 -40.08 -30.70
CA ALA C 58 -45.59 -39.38 -30.54
C ALA C 58 -45.32 -38.52 -31.77
N PRO C 59 -44.44 -37.52 -31.65
CA PRO C 59 -44.16 -36.65 -32.81
C PRO C 59 -43.65 -37.45 -34.01
N GLY C 60 -44.19 -37.13 -35.18
CA GLY C 60 -43.79 -37.74 -36.42
C GLY C 60 -44.49 -39.04 -36.76
N ILE C 61 -45.13 -39.69 -35.78
CA ILE C 61 -45.78 -40.97 -36.03
C ILE C 61 -46.86 -40.81 -37.09
N SER C 62 -46.89 -41.76 -38.02
CA SER C 62 -47.86 -41.72 -39.11
C SER C 62 -49.28 -41.77 -38.55
N PRO C 63 -50.22 -41.00 -39.11
CA PRO C 63 -51.59 -40.97 -38.56
C PRO C 63 -52.31 -42.30 -38.68
N ARG C 64 -51.82 -43.24 -39.50
CA ARG C 64 -52.49 -44.52 -39.64
C ARG C 64 -52.44 -45.34 -38.36
N PHE C 65 -51.47 -45.08 -37.48
CA PHE C 65 -51.46 -45.68 -36.16
C PHE C 65 -52.46 -44.95 -35.27
N SER C 66 -53.32 -45.71 -34.58
CA SER C 66 -54.37 -45.13 -33.77
C SER C 66 -54.54 -45.93 -32.49
N GLY C 67 -54.97 -45.22 -31.44
CA GLY C 67 -55.16 -45.83 -30.14
C GLY C 67 -56.58 -45.61 -29.64
N TYR C 68 -57.06 -46.56 -28.84
CA TYR C 68 -58.38 -46.49 -28.25
C TYR C 68 -58.35 -47.28 -26.95
N LYS C 69 -59.17 -46.85 -25.99
CA LYS C 69 -59.22 -47.52 -24.69
C LYS C 69 -60.67 -47.67 -24.26
N SER C 70 -61.14 -48.91 -24.19
CA SER C 70 -62.40 -49.20 -23.53
C SER C 70 -62.20 -49.23 -22.02
N TYR C 71 -63.29 -49.38 -21.28
CA TYR C 71 -63.20 -49.42 -19.83
C TYR C 71 -62.56 -50.70 -19.34
N TRP C 72 -62.22 -51.61 -20.25
CA TRP C 72 -61.66 -52.90 -19.86
C TRP C 72 -60.52 -53.40 -20.76
N SER C 73 -60.25 -52.76 -21.90
CA SER C 73 -59.17 -53.18 -22.77
C SER C 73 -58.79 -52.04 -23.70
N ALA C 74 -57.48 -51.84 -23.86
CA ALA C 74 -56.95 -50.82 -24.77
C ALA C 74 -56.59 -51.45 -26.10
N TYR C 75 -56.77 -50.69 -27.17
CA TYR C 75 -56.56 -51.18 -28.53
C TYR C 75 -55.54 -50.33 -29.27
N LEU C 76 -55.02 -50.88 -30.36
CA LEU C 76 -54.09 -50.17 -31.23
C LEU C 76 -54.33 -50.63 -32.65
N THR C 77 -54.95 -49.77 -33.46
CA THR C 77 -55.22 -50.10 -34.86
C THR C 77 -54.10 -49.54 -35.73
N ILE C 78 -53.65 -50.37 -36.66
CA ILE C 78 -52.55 -50.02 -37.57
C ILE C 78 -53.12 -50.09 -38.98
N SER C 79 -53.60 -48.95 -39.49
CA SER C 79 -54.26 -48.90 -40.78
C SER C 79 -53.23 -48.79 -41.91
N ASP C 80 -53.66 -49.18 -43.11
CA ASP C 80 -52.86 -49.13 -44.33
C ASP C 80 -51.46 -49.70 -44.10
N LEU C 81 -51.34 -51.03 -44.09
CA LEU C 81 -50.09 -51.66 -43.74
C LEU C 81 -49.01 -51.40 -44.80
N ARG C 82 -47.77 -51.55 -44.38
CA ARG C 82 -46.59 -51.33 -45.21
C ARG C 82 -45.54 -52.38 -44.83
N PRO C 83 -44.51 -52.56 -45.67
CA PRO C 83 -43.51 -53.61 -45.38
C PRO C 83 -42.88 -53.53 -44.00
N GLU C 84 -42.40 -52.35 -43.60
CA GLU C 84 -41.66 -52.19 -42.35
C GLU C 84 -42.51 -52.47 -41.11
N ASP C 85 -43.80 -52.77 -41.25
CA ASP C 85 -44.65 -52.98 -40.08
C ASP C 85 -44.40 -54.33 -39.41
N GLU C 86 -43.74 -55.27 -40.08
CA GLU C 86 -43.52 -56.61 -39.53
C GLU C 86 -42.54 -56.52 -38.36
N THR C 87 -43.07 -56.13 -37.20
CA THR C 87 -42.32 -56.06 -35.96
C THR C 87 -43.21 -56.58 -34.83
N THR C 88 -42.65 -56.60 -33.63
CA THR C 88 -43.39 -56.95 -32.43
C THR C 88 -43.81 -55.69 -31.70
N TYR C 89 -45.02 -55.69 -31.15
CA TYR C 89 -45.59 -54.53 -30.48
C TYR C 89 -45.92 -54.87 -29.03
N TYR C 90 -45.63 -53.94 -28.13
CA TYR C 90 -45.87 -54.10 -26.70
C TYR C 90 -46.60 -52.89 -26.17
N CYS C 91 -47.61 -53.15 -25.34
CA CYS C 91 -48.31 -52.09 -24.62
C CYS C 91 -47.73 -51.92 -23.22
N CYS C 92 -47.86 -50.72 -22.68
CA CYS C 92 -47.40 -50.41 -21.32
C CYS C 92 -48.49 -49.64 -20.60
N SER C 93 -48.77 -50.05 -19.36
CA SER C 93 -49.66 -49.32 -18.47
C SER C 93 -48.84 -48.52 -17.47
N TYR C 94 -49.29 -47.29 -17.20
CA TYR C 94 -48.53 -46.40 -16.33
C TYR C 94 -49.44 -45.28 -15.84
N THR C 95 -49.02 -44.66 -14.73
CA THR C 95 -49.58 -43.41 -14.25
C THR C 95 -48.49 -42.34 -14.33
N HIS C 96 -48.71 -41.23 -13.62
CA HIS C 96 -47.78 -40.11 -13.75
C HIS C 96 -46.53 -40.29 -12.89
N ASN C 97 -46.60 -41.08 -11.82
CA ASN C 97 -45.48 -41.29 -10.91
C ASN C 97 -45.30 -42.78 -10.66
N SER C 98 -45.00 -43.53 -11.72
CA SER C 98 -44.81 -44.97 -11.61
C SER C 98 -43.85 -45.49 -12.66
N GLY C 99 -44.04 -46.74 -13.08
CA GLY C 99 -43.22 -47.36 -14.10
C GLY C 99 -44.06 -47.92 -15.23
N CYS C 100 -43.36 -48.41 -16.25
CA CYS C 100 -44.02 -48.96 -17.43
C CYS C 100 -44.22 -50.45 -17.23
N VAL C 101 -45.42 -50.84 -16.78
CA VAL C 101 -45.81 -52.24 -16.75
C VAL C 101 -46.05 -52.68 -18.19
N PHE C 102 -45.07 -53.37 -18.76
CA PHE C 102 -45.14 -53.74 -20.17
C PHE C 102 -46.11 -54.90 -20.38
N GLY C 103 -46.45 -55.12 -21.66
CA GLY C 103 -47.35 -56.18 -22.04
C GLY C 103 -46.62 -57.42 -22.54
N THR C 104 -47.39 -58.51 -22.69
CA THR C 104 -46.81 -59.79 -23.07
C THR C 104 -46.13 -59.70 -24.45
N GLY C 105 -46.89 -59.31 -25.46
CA GLY C 105 -46.34 -59.14 -26.79
C GLY C 105 -47.35 -59.52 -27.84
N THR C 106 -47.09 -59.07 -29.08
CA THR C 106 -47.95 -59.37 -30.21
C THR C 106 -47.11 -59.29 -31.48
N LYS C 107 -47.04 -60.40 -32.22
CA LYS C 107 -46.32 -60.44 -33.48
C LYS C 107 -47.27 -60.05 -34.61
N VAL C 108 -46.88 -59.04 -35.38
CA VAL C 108 -47.69 -58.57 -36.49
C VAL C 108 -46.91 -58.68 -37.80
N GLU D 2 -55.13 -29.83 -33.19
CA GLU D 2 -55.84 -29.87 -34.47
C GLU D 2 -56.37 -28.48 -34.85
N ASN D 3 -57.43 -28.06 -34.18
CA ASN D 3 -57.94 -26.70 -34.32
C ASN D 3 -57.12 -25.80 -33.40
N LEU D 4 -56.15 -25.08 -33.97
CA LEU D 4 -55.23 -24.27 -33.19
C LEU D 4 -55.21 -22.85 -33.72
N TRP D 5 -55.31 -21.89 -32.81
CA TRP D 5 -55.25 -20.47 -33.16
C TRP D 5 -54.10 -19.80 -32.42
N VAL D 6 -53.63 -18.68 -32.99
CA VAL D 6 -52.63 -17.86 -32.33
C VAL D 6 -53.23 -17.33 -31.03
N THR D 7 -52.42 -17.34 -29.97
CA THR D 7 -52.80 -16.75 -28.70
C THR D 7 -51.64 -15.88 -28.20
N VAL D 8 -51.96 -14.63 -27.86
CA VAL D 8 -50.97 -13.62 -27.52
C VAL D 8 -50.76 -13.61 -26.01
N TYR D 9 -49.49 -13.55 -25.59
CA TYR D 9 -49.13 -13.49 -24.19
C TYR D 9 -48.23 -12.28 -23.96
N TYR D 10 -48.58 -11.46 -22.98
CA TYR D 10 -47.81 -10.27 -22.62
C TYR D 10 -47.14 -10.51 -21.27
N GLY D 11 -45.81 -10.46 -21.25
CA GLY D 11 -45.06 -10.68 -20.03
C GLY D 11 -44.39 -12.05 -19.98
N VAL D 12 -43.90 -12.51 -21.12
CA VAL D 12 -43.28 -13.83 -21.23
C VAL D 12 -41.79 -13.72 -20.95
N PRO D 13 -41.18 -14.70 -20.28
CA PRO D 13 -39.76 -14.61 -19.88
C PRO D 13 -38.78 -14.94 -21.01
N VAL D 14 -38.59 -14.00 -21.92
CA VAL D 14 -37.66 -14.16 -23.03
C VAL D 14 -36.93 -12.85 -23.25
N TRP D 15 -35.60 -12.93 -23.37
CA TRP D 15 -34.75 -11.75 -23.49
C TRP D 15 -33.78 -11.93 -24.66
N LYS D 16 -33.17 -10.81 -25.07
CA LYS D 16 -32.16 -10.79 -26.11
C LYS D 16 -30.97 -9.96 -25.65
N ASP D 17 -29.79 -10.33 -26.14
CA ASP D 17 -28.60 -9.51 -25.91
C ASP D 17 -28.83 -8.11 -26.46
N ALA D 18 -28.37 -7.11 -25.71
CA ALA D 18 -28.66 -5.73 -26.11
C ALA D 18 -27.67 -4.79 -25.45
N GLU D 19 -27.46 -3.65 -26.10
CA GLU D 19 -26.72 -2.54 -25.53
C GLU D 19 -27.72 -1.45 -25.15
N THR D 20 -27.51 -0.85 -23.98
CA THR D 20 -28.37 0.23 -23.51
C THR D 20 -27.56 1.08 -22.54
N THR D 21 -28.11 2.25 -22.21
CA THR D 21 -27.43 3.16 -21.31
C THR D 21 -27.72 2.77 -19.87
N LEU D 22 -26.67 2.62 -19.07
CA LEU D 22 -26.78 2.24 -17.67
C LEU D 22 -26.62 3.47 -16.78
N PHE D 23 -27.54 3.66 -15.86
CA PHE D 23 -27.40 4.73 -14.88
C PHE D 23 -26.75 4.19 -13.60
N CYS D 24 -26.41 5.11 -12.70
CA CYS D 24 -25.59 4.81 -11.54
C CYS D 24 -26.43 4.80 -10.27
N ALA D 25 -26.21 3.77 -9.44
CA ALA D 25 -26.75 3.71 -8.10
C ALA D 25 -25.62 3.75 -7.09
N SER D 26 -25.87 4.37 -5.94
CA SER D 26 -24.84 4.51 -4.92
C SER D 26 -25.50 4.54 -3.56
N ASP D 27 -24.69 4.38 -2.52
CA ASP D 27 -25.18 4.36 -1.15
C ASP D 27 -25.11 5.75 -0.54
N ALA D 28 -25.99 6.00 0.43
CA ALA D 28 -26.04 7.29 1.12
C ALA D 28 -24.92 7.39 2.15
N LYS D 35 -16.68 15.15 1.29
CA LYS D 35 -17.57 16.11 0.64
C LYS D 35 -18.11 15.57 -0.67
N HIS D 36 -17.49 15.97 -1.77
CA HIS D 36 -17.84 15.49 -3.10
C HIS D 36 -16.61 14.85 -3.74
N ASN D 37 -16.83 13.70 -4.37
CA ASN D 37 -15.76 12.99 -5.07
C ASN D 37 -15.89 13.21 -6.57
N VAL D 38 -14.77 12.99 -7.28
CA VAL D 38 -14.72 13.16 -8.73
C VAL D 38 -15.77 12.27 -9.41
N TRP D 39 -16.14 11.16 -8.78
CA TRP D 39 -17.10 10.22 -9.33
C TRP D 39 -18.54 10.66 -9.14
N ALA D 40 -18.77 11.77 -8.43
CA ALA D 40 -20.08 12.41 -8.32
C ALA D 40 -21.16 11.43 -7.84
N THR D 41 -20.78 10.48 -7.00
CA THR D 41 -21.72 9.46 -6.53
C THR D 41 -22.87 10.05 -5.72
N HIS D 42 -22.78 11.34 -5.34
CA HIS D 42 -23.91 12.00 -4.72
C HIS D 42 -25.06 12.18 -5.69
N ALA D 43 -24.75 12.27 -6.99
CA ALA D 43 -25.77 12.45 -8.03
C ALA D 43 -26.45 11.15 -8.44
N CYS D 44 -26.03 10.01 -7.90
CA CYS D 44 -26.61 8.74 -8.31
C CYS D 44 -27.88 8.45 -7.52
N VAL D 45 -28.69 7.55 -8.05
CA VAL D 45 -29.93 7.16 -7.36
C VAL D 45 -29.57 6.27 -6.18
N PRO D 46 -30.20 6.43 -5.01
CA PRO D 46 -29.84 5.61 -3.86
C PRO D 46 -30.06 4.13 -4.11
N THR D 47 -29.08 3.32 -3.72
CA THR D 47 -29.19 1.88 -3.84
C THR D 47 -30.22 1.35 -2.85
N ASP D 48 -31.06 0.44 -3.31
CA ASP D 48 -31.99 -0.24 -2.42
C ASP D 48 -31.21 -0.98 -1.35
N PRO D 49 -31.53 -0.79 -0.06
CA PRO D 49 -30.84 -1.57 1.00
C PRO D 49 -31.08 -3.06 0.87
N ASN D 50 -32.06 -3.48 0.08
CA ASN D 50 -32.35 -4.88 -0.18
C ASN D 50 -32.09 -5.18 -1.65
N PRO D 51 -30.81 -5.31 -2.07
CA PRO D 51 -30.52 -5.51 -3.49
C PRO D 51 -31.09 -6.82 -4.01
N GLN D 52 -32.27 -6.74 -4.62
CA GLN D 52 -32.98 -7.94 -5.06
C GLN D 52 -32.20 -8.68 -6.12
N GLU D 53 -31.87 -9.94 -5.83
CA GLU D 53 -31.29 -10.87 -6.80
C GLU D 53 -32.27 -12.01 -6.99
N ILE D 54 -32.60 -12.31 -8.24
CA ILE D 54 -33.53 -13.37 -8.58
C ILE D 54 -32.76 -14.47 -9.29
N HIS D 55 -32.84 -15.68 -8.75
CA HIS D 55 -32.16 -16.81 -9.37
C HIS D 55 -32.98 -17.36 -10.52
N LEU D 56 -32.31 -17.71 -11.60
CA LEU D 56 -32.95 -18.21 -12.81
C LEU D 56 -32.67 -19.70 -12.92
N GLU D 57 -33.52 -20.50 -12.27
CA GLU D 57 -33.39 -21.95 -12.31
C GLU D 57 -33.51 -22.45 -13.74
N ASN D 58 -32.76 -23.51 -14.06
CA ASN D 58 -32.78 -24.20 -15.34
C ASN D 58 -32.26 -23.34 -16.50
N VAL D 59 -31.69 -22.17 -16.21
CA VAL D 59 -31.25 -21.24 -17.25
C VAL D 59 -29.74 -21.36 -17.43
N THR D 60 -29.31 -21.29 -18.69
CA THR D 60 -27.90 -21.34 -19.04
C THR D 60 -27.64 -20.28 -20.11
N GLU D 61 -26.90 -19.24 -19.75
CA GLU D 61 -26.65 -18.11 -20.63
C GLU D 61 -25.22 -18.13 -21.16
N GLU D 62 -25.04 -17.53 -22.34
CA GLU D 62 -23.72 -17.34 -22.91
C GLU D 62 -23.16 -16.00 -22.47
N PHE D 63 -21.86 -15.97 -22.21
CA PHE D 63 -21.18 -14.75 -21.81
C PHE D 63 -19.94 -14.56 -22.65
N ASN D 64 -19.47 -13.31 -22.69
CA ASN D 64 -18.25 -12.96 -23.43
C ASN D 64 -17.71 -11.65 -22.89
N MET D 65 -16.96 -11.72 -21.78
CA MET D 65 -16.47 -10.52 -21.11
C MET D 65 -15.62 -9.64 -22.01
N TRP D 66 -15.15 -10.18 -23.13
CA TRP D 66 -14.30 -9.42 -24.04
C TRP D 66 -15.09 -8.70 -25.13
N LYS D 67 -16.39 -8.95 -25.23
CA LYS D 67 -17.27 -8.15 -26.08
C LYS D 67 -18.28 -7.35 -25.27
N ASN D 68 -18.21 -7.43 -23.94
CA ASN D 68 -19.16 -6.73 -23.08
C ASN D 68 -19.10 -5.22 -23.31
N ASN D 69 -20.27 -4.60 -23.45
CA ASN D 69 -20.37 -3.16 -23.61
C ASN D 69 -20.42 -2.43 -22.28
N MET D 70 -20.71 -3.13 -21.18
CA MET D 70 -20.69 -2.50 -19.87
C MET D 70 -19.32 -1.91 -19.54
N VAL D 71 -18.25 -2.55 -19.99
CA VAL D 71 -16.91 -2.04 -19.72
C VAL D 71 -16.61 -0.85 -20.61
N GLU D 72 -17.05 -0.88 -21.88
CA GLU D 72 -16.84 0.26 -22.76
C GLU D 72 -17.67 1.46 -22.31
N GLN D 73 -18.82 1.21 -21.70
CA GLN D 73 -19.65 2.29 -21.18
C GLN D 73 -19.06 2.87 -19.90
N MET D 74 -18.58 2.01 -19.00
CA MET D 74 -17.93 2.50 -17.79
C MET D 74 -16.63 3.23 -18.12
N HIS D 75 -15.92 2.77 -19.14
CA HIS D 75 -14.68 3.42 -19.54
C HIS D 75 -14.92 4.87 -19.94
N THR D 76 -15.93 5.11 -20.79
CA THR D 76 -16.25 6.48 -21.17
C THR D 76 -16.86 7.26 -20.01
N ASP D 77 -17.56 6.59 -19.11
CA ASP D 77 -18.17 7.28 -17.97
C ASP D 77 -17.09 7.87 -17.07
N ILE D 78 -16.12 7.06 -16.66
CA ILE D 78 -15.10 7.52 -15.73
C ILE D 78 -14.27 8.64 -16.34
N ILE D 79 -13.95 8.52 -17.63
CA ILE D 79 -13.24 9.60 -18.31
C ILE D 79 -14.08 10.86 -18.34
N SER D 80 -15.39 10.72 -18.59
CA SER D 80 -16.26 11.88 -18.58
C SER D 80 -16.41 12.46 -17.19
N LEU D 81 -16.37 11.61 -16.15
CA LEU D 81 -16.47 12.12 -14.78
C LEU D 81 -15.24 12.95 -14.42
N TRP D 82 -14.05 12.50 -14.81
CA TRP D 82 -12.85 13.30 -14.61
C TRP D 82 -12.91 14.59 -15.43
N ASP D 83 -13.37 14.50 -16.68
CA ASP D 83 -13.57 15.69 -17.49
C ASP D 83 -14.51 16.67 -16.79
N GLN D 84 -15.62 16.16 -16.26
CA GLN D 84 -16.60 17.03 -15.61
C GLN D 84 -16.03 17.65 -14.35
N SER D 85 -15.19 16.89 -13.61
CA SER D 85 -14.67 17.38 -12.34
C SER D 85 -13.60 18.45 -12.52
N LEU D 86 -12.87 18.42 -13.64
CA LEU D 86 -11.79 19.37 -13.85
C LEU D 86 -12.23 20.62 -14.59
N LYS D 87 -13.47 20.68 -15.07
CA LYS D 87 -13.96 21.81 -15.84
C LYS D 87 -13.87 23.12 -15.07
N PRO D 88 -14.47 23.24 -13.89
CA PRO D 88 -14.52 24.55 -13.23
C PRO D 88 -13.28 24.90 -12.42
N CYS D 89 -12.17 24.17 -12.57
CA CYS D 89 -11.02 24.38 -11.73
C CYS D 89 -10.03 25.34 -12.40
N VAL D 90 -8.84 25.46 -11.83
CA VAL D 90 -7.90 26.54 -12.18
C VAL D 90 -7.01 26.10 -13.33
N LYS D 91 -6.89 26.96 -14.34
CA LYS D 91 -5.92 26.77 -15.40
C LYS D 91 -4.55 27.24 -14.92
N LEU D 92 -3.54 26.38 -15.04
CA LEU D 92 -2.19 26.68 -14.58
C LEU D 92 -1.26 27.08 -15.72
N THR D 93 -1.81 27.64 -16.80
CA THR D 93 -0.96 28.07 -17.91
C THR D 93 0.03 29.17 -17.54
N PRO D 94 -0.22 30.07 -16.58
CA PRO D 94 0.86 30.97 -16.13
C PRO D 94 2.03 30.25 -15.49
N LEU D 95 1.83 29.03 -14.98
CA LEU D 95 2.93 28.29 -14.38
C LEU D 95 3.94 27.79 -15.40
N CYS D 96 3.59 27.78 -16.68
CA CYS D 96 4.54 27.39 -17.72
C CYS D 96 5.46 28.58 -17.98
N VAL D 97 6.41 28.76 -17.07
CA VAL D 97 7.35 29.87 -17.11
C VAL D 97 8.70 29.36 -16.64
N THR D 98 9.74 30.14 -16.89
CA THR D 98 11.11 29.72 -16.58
C THR D 98 11.29 29.56 -15.07
N LEU D 99 11.75 28.38 -14.67
CA LEU D 99 11.94 28.05 -13.26
C LEU D 99 13.43 28.03 -12.93
N GLN D 100 13.80 28.71 -11.85
CA GLN D 100 15.14 28.62 -11.27
C GLN D 100 15.07 27.68 -10.08
N CYS D 101 15.73 26.53 -10.19
CA CYS D 101 15.58 25.45 -9.23
C CYS D 101 16.91 25.08 -8.60
N THR D 102 16.86 24.72 -7.32
CA THR D 102 17.99 24.14 -6.60
C THR D 102 17.51 22.88 -5.89
N ASN D 103 18.46 21.98 -5.61
CA ASN D 103 18.15 20.85 -4.75
C ASN D 103 17.72 21.34 -3.38
N VAL D 104 16.84 20.59 -2.73
CA VAL D 104 16.25 20.99 -1.46
C VAL D 104 16.82 20.08 -0.38
N THR D 105 17.77 20.62 0.39
CA THR D 105 18.27 20.06 1.64
C THR D 105 18.65 18.58 1.54
N ASN D 106 18.76 17.93 2.71
CA ASN D 106 19.09 16.52 2.84
C ASN D 106 20.23 16.10 1.92
N ALA D 107 21.48 16.39 2.31
CA ALA D 107 22.64 15.93 1.57
C ALA D 107 22.72 14.40 1.65
N ILE D 108 21.71 13.74 1.11
CA ILE D 108 21.44 12.31 1.36
C ILE D 108 22.20 11.46 0.35
N THR D 109 21.88 10.16 0.31
CA THR D 109 22.50 9.22 -0.62
C THR D 109 22.61 9.82 -2.03
N ASP D 110 23.72 9.50 -2.69
CA ASP D 110 24.06 10.12 -3.96
C ASP D 110 22.95 9.94 -4.98
N ASP D 111 22.60 11.04 -5.66
CA ASP D 111 21.58 11.07 -6.71
C ASP D 111 20.19 10.68 -6.20
N MET D 112 19.87 11.07 -4.96
CA MET D 112 18.50 11.07 -4.48
C MET D 112 18.07 12.45 -4.01
N ARG D 113 18.98 13.42 -4.04
CA ARG D 113 18.64 14.80 -3.71
C ARG D 113 17.94 15.49 -4.86
N GLY D 114 18.25 15.11 -6.10
CA GLY D 114 17.53 15.64 -7.24
C GLY D 114 16.11 15.16 -7.36
N GLU D 115 15.72 14.15 -6.57
CA GLU D 115 14.38 13.57 -6.69
C GLU D 115 13.29 14.57 -6.33
N LEU D 116 13.60 15.54 -5.48
CA LEU D 116 12.72 16.68 -5.25
C LEU D 116 13.53 17.96 -5.29
N LYS D 117 12.91 19.02 -5.81
CA LYS D 117 13.59 20.26 -6.10
C LYS D 117 12.88 21.43 -5.43
N ASN D 118 13.63 22.52 -5.25
CA ASN D 118 13.13 23.77 -4.69
C ASN D 118 13.24 24.82 -5.79
N CYS D 119 12.10 25.24 -6.33
CA CYS D 119 12.03 26.04 -7.55
C CYS D 119 11.38 27.38 -7.27
N SER D 120 12.03 28.47 -7.69
CA SER D 120 11.51 29.82 -7.57
C SER D 120 11.28 30.40 -8.96
N PHE D 121 10.22 31.18 -9.10
CA PHE D 121 9.85 31.73 -10.40
C PHE D 121 9.08 33.03 -10.21
N ASN D 122 8.98 33.80 -11.30
CA ASN D 122 8.18 35.01 -11.33
C ASN D 122 6.76 34.66 -11.73
N MET D 123 5.79 35.10 -10.95
CA MET D 123 4.39 34.74 -11.15
C MET D 123 3.53 36.00 -11.21
N THR D 124 2.46 35.93 -12.01
CA THR D 124 1.48 37.00 -12.04
C THR D 124 0.80 37.14 -10.68
N THR D 125 0.21 38.31 -10.46
CA THR D 125 -0.47 38.62 -9.21
C THR D 125 -1.94 38.92 -9.48
N GLU D 126 -2.60 39.48 -8.46
CA GLU D 126 -3.95 40.01 -8.64
C GLU D 126 -3.96 41.30 -9.44
N LEU D 127 -2.80 41.93 -9.63
CA LEU D 127 -2.65 43.08 -10.51
C LEU D 127 -1.89 42.65 -11.75
N ARG D 128 -2.47 42.94 -12.92
CA ARG D 128 -1.95 42.40 -14.18
C ARG D 128 -0.57 42.93 -14.53
N ASP D 129 -0.14 44.04 -13.93
CA ASP D 129 1.11 44.68 -14.29
C ASP D 129 2.22 44.51 -13.26
N LYS D 130 1.97 43.80 -12.17
CA LYS D 130 2.94 43.67 -11.08
C LYS D 130 3.26 42.20 -10.86
N LYS D 131 4.52 41.84 -11.09
CA LYS D 131 4.98 40.47 -10.90
C LYS D 131 5.30 40.20 -9.43
N GLN D 132 5.57 38.93 -9.13
CA GLN D 132 5.99 38.51 -7.80
C GLN D 132 6.97 37.36 -7.97
N LYS D 133 7.98 37.31 -7.11
CA LYS D 133 8.91 36.19 -7.06
C LYS D 133 8.47 35.25 -5.95
N VAL D 134 8.02 34.06 -6.33
CA VAL D 134 7.57 33.05 -5.39
C VAL D 134 8.39 31.79 -5.63
N TYR D 135 8.25 30.82 -4.72
CA TYR D 135 8.94 29.55 -4.86
C TYR D 135 7.99 28.42 -4.52
N SER D 136 8.30 27.24 -5.07
CA SER D 136 7.54 26.03 -4.81
C SER D 136 8.45 24.83 -4.89
N LEU D 137 8.13 23.80 -4.11
CA LEU D 137 8.82 22.52 -4.19
C LEU D 137 8.16 21.67 -5.26
N PHE D 138 8.97 21.15 -6.17
CA PHE D 138 8.47 20.29 -7.26
C PHE D 138 9.22 18.98 -7.27
N TYR D 139 8.50 17.89 -7.53
CA TYR D 139 9.14 16.60 -7.74
C TYR D 139 9.92 16.61 -9.04
N ARG D 140 10.96 15.78 -9.10
CA ARG D 140 11.84 15.78 -10.27
C ARG D 140 11.10 15.34 -11.52
N LEU D 141 10.18 14.38 -11.38
CA LEU D 141 9.45 13.86 -12.52
C LEU D 141 8.49 14.87 -13.14
N ASP D 142 8.31 16.03 -12.52
CA ASP D 142 7.40 17.05 -13.03
C ASP D 142 8.13 18.21 -13.68
N VAL D 143 9.45 18.11 -13.87
CA VAL D 143 10.25 19.17 -14.48
C VAL D 143 11.30 18.58 -15.40
N VAL D 144 11.77 19.41 -16.34
CA VAL D 144 12.84 19.06 -17.26
C VAL D 144 13.79 20.25 -17.38
N GLN D 145 15.03 19.95 -17.76
CA GLN D 145 16.06 20.97 -17.85
C GLN D 145 15.98 21.70 -19.18
N ILE D 146 16.80 22.74 -19.33
CA ILE D 146 16.80 23.58 -20.51
C ILE D 146 18.18 23.57 -21.15
N ASN D 147 19.20 23.35 -20.33
CA ASN D 147 20.60 23.28 -20.78
C ASN D 147 21.04 24.58 -21.43
N ASN D 158 22.91 25.50 -17.12
CA ASN D 158 22.48 26.19 -15.92
C ASN D 158 21.49 25.34 -15.13
N LYS D 159 20.93 25.91 -14.06
CA LYS D 159 19.96 25.24 -13.22
C LYS D 159 18.52 25.66 -13.53
N GLU D 160 18.23 25.96 -14.79
CA GLU D 160 16.89 26.37 -15.19
C GLU D 160 16.04 25.16 -15.54
N TYR D 161 14.73 25.28 -15.27
CA TYR D 161 13.81 24.18 -15.46
C TYR D 161 12.46 24.72 -15.95
N ARG D 162 11.61 23.79 -16.38
CA ARG D 162 10.24 24.09 -16.76
C ARG D 162 9.38 22.89 -16.41
N LEU D 163 8.08 23.12 -16.27
CA LEU D 163 7.17 22.02 -15.98
C LEU D 163 7.12 21.03 -17.13
N ILE D 164 6.94 19.76 -16.80
CA ILE D 164 7.08 18.67 -17.76
C ILE D 164 6.10 18.80 -18.91
N ASN D 165 4.92 19.39 -18.66
CA ASN D 165 3.83 19.37 -19.61
C ASN D 165 3.83 20.54 -20.59
N CYS D 166 4.75 21.50 -20.44
CA CYS D 166 4.58 22.78 -21.11
C CYS D 166 4.70 22.70 -22.63
N ASN D 167 5.38 21.70 -23.17
CA ASN D 167 5.56 21.61 -24.62
C ASN D 167 4.55 20.70 -25.30
N THR D 168 3.71 19.99 -24.56
CA THR D 168 2.74 19.07 -25.14
C THR D 168 1.30 19.36 -24.79
N SER D 169 1.01 19.88 -23.59
CA SER D 169 -0.34 19.92 -23.09
C SER D 169 -0.58 21.19 -22.30
N ALA D 170 -1.85 21.59 -22.24
CA ALA D 170 -2.29 22.51 -21.21
C ALA D 170 -2.47 21.74 -19.90
N ILE D 171 -2.52 22.48 -18.80
CA ILE D 171 -2.57 21.88 -17.48
C ILE D 171 -3.65 22.54 -16.65
N THR D 172 -4.40 21.74 -15.90
CA THR D 172 -5.49 22.21 -15.05
C THR D 172 -5.36 21.54 -13.69
N GLN D 173 -5.22 22.33 -12.63
CA GLN D 173 -5.09 21.77 -11.30
C GLN D 173 -6.45 21.35 -10.76
N ALA D 174 -6.48 20.22 -10.06
CA ALA D 174 -7.74 19.71 -9.53
C ALA D 174 -8.22 20.58 -8.39
N CYS D 175 -9.51 20.90 -8.39
CA CYS D 175 -10.13 21.63 -7.29
C CYS D 175 -9.85 20.87 -5.99
N PRO D 176 -9.10 21.45 -5.05
CA PRO D 176 -8.58 20.66 -3.92
C PRO D 176 -9.65 20.13 -2.98
N LYS D 177 -10.91 20.52 -3.15
CA LYS D 177 -11.97 20.03 -2.28
C LYS D 177 -12.61 18.73 -2.77
N VAL D 178 -12.26 18.24 -3.95
CA VAL D 178 -12.85 17.02 -4.48
C VAL D 178 -12.01 15.84 -4.04
N SER D 179 -12.66 14.77 -3.59
CA SER D 179 -11.97 13.60 -3.07
C SER D 179 -11.60 12.65 -4.21
N PHE D 180 -10.36 12.19 -4.21
CA PHE D 180 -9.91 11.18 -5.15
C PHE D 180 -10.20 9.77 -4.65
N GLU D 181 -10.91 9.62 -3.55
CA GLU D 181 -11.14 8.31 -2.96
C GLU D 181 -12.28 7.61 -3.67
N PRO D 182 -12.03 6.47 -4.31
CA PRO D 182 -13.11 5.77 -5.03
C PRO D 182 -14.24 5.36 -4.11
N ILE D 183 -15.47 5.61 -4.55
CA ILE D 183 -16.69 5.24 -3.85
C ILE D 183 -17.38 4.16 -4.68
N PRO D 184 -17.92 3.11 -4.06
CA PRO D 184 -18.54 2.02 -4.85
C PRO D 184 -19.69 2.53 -5.71
N ILE D 185 -19.60 2.24 -7.01
CA ILE D 185 -20.64 2.56 -7.97
C ILE D 185 -21.43 1.30 -8.29
N HIS D 186 -22.75 1.45 -8.42
CA HIS D 186 -23.63 0.37 -8.86
C HIS D 186 -24.22 0.77 -10.21
N TYR D 187 -24.01 -0.08 -11.22
CA TYR D 187 -24.59 0.15 -12.55
C TYR D 187 -25.92 -0.56 -12.66
N CYS D 188 -26.92 0.15 -13.17
CA CYS D 188 -28.28 -0.39 -13.28
C CYS D 188 -28.77 -0.29 -14.71
N ALA D 189 -29.74 -1.14 -15.04
CA ALA D 189 -30.33 -1.15 -16.36
C ALA D 189 -31.72 -0.51 -16.34
N PRO D 190 -32.11 0.14 -17.43
CA PRO D 190 -33.44 0.75 -17.48
C PRO D 190 -34.55 -0.29 -17.39
N ALA D 191 -35.75 0.17 -17.06
CA ALA D 191 -36.91 -0.71 -17.02
C ALA D 191 -37.16 -1.28 -18.41
N GLY D 192 -37.45 -2.58 -18.45
CA GLY D 192 -37.53 -3.30 -19.70
C GLY D 192 -36.26 -4.01 -20.10
N PHE D 193 -35.15 -3.73 -19.41
CA PHE D 193 -33.89 -4.43 -19.58
C PHE D 193 -33.57 -5.15 -18.28
N ALA D 194 -32.48 -5.93 -18.29
CA ALA D 194 -32.09 -6.67 -17.10
C ALA D 194 -30.59 -6.96 -17.15
N ILE D 195 -30.00 -7.13 -15.97
CA ILE D 195 -28.61 -7.52 -15.82
C ILE D 195 -28.59 -8.99 -15.43
N LEU D 196 -27.81 -9.79 -16.16
CA LEU D 196 -27.65 -11.21 -15.86
C LEU D 196 -26.26 -11.43 -15.27
N LYS D 197 -26.20 -12.16 -14.16
CA LYS D 197 -24.96 -12.42 -13.47
C LYS D 197 -24.59 -13.90 -13.58
N CYS D 198 -23.35 -14.18 -13.94
CA CYS D 198 -22.85 -15.55 -14.03
C CYS D 198 -22.34 -15.97 -12.66
N LYS D 199 -23.13 -16.76 -11.94
CA LYS D 199 -22.79 -17.22 -10.60
C LYS D 199 -21.86 -18.44 -10.62
N ASP D 200 -21.24 -18.75 -11.75
CA ASP D 200 -20.34 -19.90 -11.83
C ASP D 200 -19.04 -19.57 -11.11
N LYS D 201 -18.75 -20.31 -10.04
CA LYS D 201 -17.59 -20.00 -9.20
C LYS D 201 -16.26 -20.28 -9.88
N LYS D 202 -16.26 -21.03 -10.99
CA LYS D 202 -15.05 -21.26 -11.78
C LYS D 202 -15.33 -20.87 -13.24
N PHE D 203 -15.74 -19.62 -13.42
CA PHE D 203 -16.17 -19.12 -14.71
C PHE D 203 -15.00 -18.48 -15.45
N ASN D 204 -14.82 -18.88 -16.72
CA ASN D 204 -13.65 -18.44 -17.48
C ASN D 204 -13.78 -17.00 -17.94
N GLY D 205 -14.99 -16.45 -18.00
CA GLY D 205 -15.24 -15.17 -18.64
C GLY D 205 -15.95 -15.29 -19.97
N THR D 206 -15.97 -16.48 -20.56
CA THR D 206 -16.61 -16.72 -21.85
C THR D 206 -17.26 -18.09 -21.82
N GLY D 207 -18.32 -18.25 -22.62
CA GLY D 207 -18.95 -19.53 -22.79
C GLY D 207 -20.23 -19.72 -22.00
N PRO D 208 -20.87 -20.87 -22.17
CA PRO D 208 -22.16 -21.12 -21.51
C PRO D 208 -22.05 -21.18 -19.99
N CYS D 209 -22.55 -20.15 -19.32
CA CYS D 209 -22.56 -20.14 -17.86
C CYS D 209 -23.73 -20.97 -17.35
N PRO D 210 -23.49 -22.03 -16.57
CA PRO D 210 -24.61 -22.86 -16.11
C PRO D 210 -25.47 -22.22 -15.04
N SER D 211 -24.91 -21.42 -14.15
CA SER D 211 -25.65 -20.80 -13.06
C SER D 211 -25.83 -19.32 -13.35
N VAL D 212 -27.07 -18.87 -13.44
CA VAL D 212 -27.39 -17.50 -13.86
C VAL D 212 -28.46 -16.93 -12.93
N SER D 213 -28.28 -15.66 -12.56
CA SER D 213 -29.29 -14.90 -11.83
C SER D 213 -29.43 -13.53 -12.46
N THR D 214 -30.55 -12.87 -12.19
CA THR D 214 -30.81 -11.53 -12.68
C THR D 214 -30.84 -10.54 -11.52
N VAL D 215 -30.32 -9.34 -11.77
CA VAL D 215 -30.26 -8.28 -10.76
C VAL D 215 -30.67 -6.96 -11.41
N GLN D 216 -31.25 -6.07 -10.61
CA GLN D 216 -31.58 -4.74 -11.09
C GLN D 216 -30.33 -3.88 -11.25
N CYS D 217 -29.36 -4.06 -10.35
CA CYS D 217 -28.12 -3.31 -10.39
C CYS D 217 -26.95 -4.21 -10.03
N THR D 218 -25.79 -3.91 -10.59
CA THR D 218 -24.58 -4.67 -10.26
C THR D 218 -24.16 -4.37 -8.83
N HIS D 219 -23.21 -5.17 -8.34
CA HIS D 219 -22.65 -4.93 -7.02
C HIS D 219 -21.85 -3.63 -7.01
N GLY D 220 -21.41 -3.24 -5.82
CA GLY D 220 -20.64 -2.02 -5.66
C GLY D 220 -19.28 -2.15 -6.31
N ILE D 221 -18.98 -1.29 -7.27
CA ILE D 221 -17.71 -1.31 -7.99
C ILE D 221 -17.01 0.02 -7.75
N LYS D 222 -15.82 -0.03 -7.15
CA LYS D 222 -15.05 1.18 -6.95
C LYS D 222 -14.27 1.50 -8.22
N PRO D 223 -14.34 2.73 -8.72
CA PRO D 223 -13.55 3.11 -9.92
C PRO D 223 -12.08 3.34 -9.59
N VAL D 224 -11.38 2.26 -9.28
CA VAL D 224 -9.96 2.32 -8.94
C VAL D 224 -9.16 2.11 -10.21
N VAL D 225 -8.33 3.08 -10.55
CA VAL D 225 -7.42 2.98 -11.69
C VAL D 225 -6.02 2.75 -11.14
N SER D 226 -5.50 1.54 -11.34
CA SER D 226 -4.14 1.18 -10.96
C SER D 226 -3.49 0.46 -12.14
N THR D 227 -2.21 0.13 -11.98
CA THR D 227 -1.44 -0.54 -13.02
C THR D 227 -0.78 -1.78 -12.44
N GLN D 228 -0.57 -2.77 -13.30
CA GLN D 228 0.10 -4.02 -12.94
C GLN D 228 -0.67 -4.78 -11.86
N LEU D 229 -0.83 -4.18 -10.69
CA LEU D 229 -1.55 -4.81 -9.59
C LEU D 229 -2.93 -4.18 -9.47
N LEU D 230 -3.96 -5.02 -9.39
CA LEU D 230 -5.33 -4.57 -9.22
C LEU D 230 -5.65 -4.45 -7.73
N LEU D 231 -6.13 -3.29 -7.32
CA LEU D 231 -6.29 -2.95 -5.92
C LEU D 231 -7.76 -2.90 -5.53
N ASN D 232 -8.04 -3.38 -4.31
CA ASN D 232 -9.36 -3.24 -3.67
C ASN D 232 -10.48 -3.86 -4.51
N GLY D 233 -10.15 -4.86 -5.34
CA GLY D 233 -11.13 -5.48 -6.20
C GLY D 233 -11.84 -6.64 -5.54
N SER D 234 -12.59 -7.37 -6.36
CA SER D 234 -13.38 -8.51 -5.89
C SER D 234 -12.57 -9.79 -6.00
N LEU D 235 -12.77 -10.68 -5.03
CA LEU D 235 -12.00 -11.92 -4.93
C LEU D 235 -12.81 -13.11 -5.44
N ALA D 236 -12.11 -14.04 -6.09
CA ALA D 236 -12.73 -15.29 -6.46
C ALA D 236 -13.00 -16.14 -5.21
N GLU D 237 -13.95 -17.06 -5.33
CA GLU D 237 -14.33 -17.90 -4.20
C GLU D 237 -13.55 -19.21 -4.16
N GLU D 238 -13.13 -19.73 -5.31
CA GLU D 238 -12.32 -20.93 -5.38
C GLU D 238 -11.12 -20.68 -6.27
N GLU D 239 -10.00 -21.32 -5.94
CA GLU D 239 -8.78 -21.27 -6.74
C GLU D 239 -8.38 -19.83 -7.08
N VAL D 240 -7.94 -19.60 -8.32
CA VAL D 240 -7.57 -18.27 -8.77
C VAL D 240 -7.65 -18.24 -10.29
N MET D 241 -8.70 -17.60 -10.81
CA MET D 241 -8.97 -17.68 -12.24
C MET D 241 -7.95 -16.90 -13.05
N ILE D 242 -7.85 -17.27 -14.33
CA ILE D 242 -6.95 -16.63 -15.28
C ILE D 242 -7.73 -16.42 -16.57
N ARG D 243 -7.76 -15.18 -17.06
CA ARG D 243 -8.67 -14.79 -18.13
C ARG D 243 -7.93 -14.02 -19.20
N SER D 244 -7.93 -14.57 -20.42
CA SER D 244 -7.59 -13.83 -21.62
C SER D 244 -8.59 -14.25 -22.70
N GLU D 245 -8.68 -13.47 -23.77
CA GLU D 245 -9.57 -13.87 -24.85
C GLU D 245 -8.91 -14.88 -25.77
N ASN D 246 -7.60 -14.72 -26.02
CA ASN D 246 -6.81 -15.73 -26.73
C ASN D 246 -5.54 -15.94 -25.91
N ILE D 247 -5.60 -16.90 -24.99
CA ILE D 247 -4.45 -17.15 -24.11
C ILE D 247 -3.26 -17.65 -24.91
N THR D 248 -3.51 -18.35 -26.01
CA THR D 248 -2.42 -18.76 -26.90
C THR D 248 -1.78 -17.57 -27.60
N ASN D 249 -2.44 -16.42 -27.59
CA ASN D 249 -1.88 -15.19 -28.14
C ASN D 249 -1.16 -14.42 -27.03
N ASN D 250 0.11 -14.08 -27.29
CA ASN D 250 0.91 -13.35 -26.31
C ASN D 250 0.59 -11.87 -26.26
N ALA D 251 -0.14 -11.35 -27.25
CA ALA D 251 -0.47 -9.93 -27.31
C ALA D 251 -1.71 -9.56 -26.51
N LYS D 252 -2.44 -10.54 -26.00
CA LYS D 252 -3.62 -10.29 -25.18
C LYS D 252 -3.24 -10.41 -23.71
N ASN D 253 -3.54 -9.36 -22.94
CA ASN D 253 -3.14 -9.32 -21.54
C ASN D 253 -3.85 -10.40 -20.74
N ILE D 254 -3.09 -11.09 -19.88
CA ILE D 254 -3.65 -12.08 -18.98
C ILE D 254 -4.14 -11.37 -17.73
N LEU D 255 -5.39 -11.61 -17.36
CA LEU D 255 -6.02 -11.01 -16.19
C LEU D 255 -6.20 -12.10 -15.14
N VAL D 256 -5.39 -12.06 -14.09
CA VAL D 256 -5.51 -13.02 -12.99
C VAL D 256 -6.30 -12.36 -11.87
N GLN D 257 -6.98 -13.19 -11.08
CA GLN D 257 -7.85 -12.71 -10.00
C GLN D 257 -7.64 -13.60 -8.79
N PHE D 258 -7.07 -13.04 -7.73
CA PHE D 258 -6.80 -13.82 -6.53
C PHE D 258 -8.11 -14.20 -5.83
N ASN D 259 -8.03 -15.24 -4.99
CA ASN D 259 -9.10 -15.56 -4.07
C ASN D 259 -8.81 -15.09 -2.66
N THR D 260 -7.53 -15.03 -2.29
CA THR D 260 -7.04 -14.50 -1.03
C THR D 260 -6.46 -13.11 -1.25
N PRO D 261 -6.74 -12.15 -0.38
CA PRO D 261 -6.19 -10.81 -0.55
C PRO D 261 -4.78 -10.68 0.02
N VAL D 262 -3.81 -10.35 -0.83
CA VAL D 262 -2.45 -10.10 -0.37
C VAL D 262 -2.33 -8.60 -0.11
N GLN D 263 -2.19 -8.24 1.16
CA GLN D 263 -2.26 -6.85 1.57
C GLN D 263 -1.01 -6.08 1.13
N ILE D 264 -1.17 -4.77 1.04
CA ILE D 264 -0.06 -3.88 0.69
C ILE D 264 -0.25 -2.56 1.43
N ASN D 265 0.85 -2.07 2.01
CA ASN D 265 0.87 -0.82 2.77
C ASN D 265 1.80 0.16 2.09
N CYS D 266 1.26 1.32 1.70
CA CYS D 266 2.03 2.36 1.04
C CYS D 266 2.00 3.63 1.89
N THR D 267 3.02 4.47 1.71
CA THR D 267 3.14 5.68 2.50
C THR D 267 4.02 6.69 1.80
N ARG D 268 3.69 7.96 1.94
CA ARG D 268 4.60 9.06 1.68
C ARG D 268 4.94 9.71 3.01
N PRO D 269 6.08 9.38 3.61
CA PRO D 269 6.33 9.82 4.99
C PRO D 269 6.61 11.31 5.12
N ASN D 270 7.05 11.98 4.05
CA ASN D 270 7.39 13.39 4.15
C ASN D 270 6.18 14.22 4.50
N ASN D 271 6.31 15.03 5.55
CA ASN D 271 5.23 15.90 6.04
C ASN D 271 5.27 17.18 5.22
N ASN D 272 4.45 17.22 4.17
CA ASN D 272 4.43 18.37 3.28
C ASN D 272 3.52 19.47 3.83
N THR D 273 3.72 20.68 3.31
CA THR D 273 2.85 21.81 3.60
C THR D 273 2.41 22.44 2.29
N ARG D 274 1.13 22.82 2.24
CA ARG D 274 0.57 23.46 1.06
C ARG D 274 0.57 24.96 1.23
N LYS D 275 1.11 25.67 0.25
CA LYS D 275 1.18 27.13 0.24
C LYS D 275 0.37 27.65 -0.94
N SER D 276 -0.71 28.37 -0.64
CA SER D 276 -1.53 28.97 -1.68
C SER D 276 -0.81 30.18 -2.26
N ILE D 277 -0.95 30.35 -3.58
CA ILE D 277 -0.28 31.44 -4.31
C ILE D 277 -1.31 32.09 -5.23
N ARG D 278 -1.58 33.36 -5.01
CA ARG D 278 -2.54 34.10 -5.82
C ARG D 278 -1.90 34.43 -7.16
N ILE D 279 -2.25 33.66 -8.19
CA ILE D 279 -1.74 33.90 -9.54
C ILE D 279 -2.66 34.79 -10.36
N GLY D 280 -3.82 35.18 -9.82
CA GLY D 280 -4.75 36.01 -10.52
C GLY D 280 -6.01 36.23 -9.71
N PRO D 281 -6.83 37.19 -10.13
CA PRO D 281 -8.09 37.44 -9.40
C PRO D 281 -8.99 36.21 -9.39
N GLY D 282 -9.20 35.65 -8.21
CA GLY D 282 -9.96 34.44 -8.05
C GLY D 282 -9.19 33.16 -8.23
N GLN D 283 -8.01 33.21 -8.85
CA GLN D 283 -7.21 32.03 -9.14
C GLN D 283 -6.11 31.89 -8.11
N ALA D 284 -5.93 30.66 -7.62
CA ALA D 284 -4.91 30.37 -6.60
C ALA D 284 -4.22 29.07 -6.95
N PHE D 285 -2.90 29.12 -7.09
CA PHE D 285 -2.09 27.92 -7.30
C PHE D 285 -1.60 27.39 -5.97
N TYR D 286 -1.78 26.10 -5.74
CA TYR D 286 -1.40 25.47 -4.48
C TYR D 286 0.00 24.89 -4.64
N ALA D 287 0.99 25.56 -4.05
CA ALA D 287 2.38 25.15 -4.11
C ALA D 287 2.71 24.26 -2.91
N THR D 288 3.86 23.59 -3.01
CA THR D 288 4.39 22.80 -1.91
C THR D 288 5.30 23.69 -1.07
N GLY D 289 4.85 24.02 0.15
CA GLY D 289 5.58 24.91 1.02
C GLY D 289 6.98 24.42 1.35
N ASP D 290 7.07 23.51 2.31
CA ASP D 290 8.33 22.83 2.62
C ASP D 290 7.97 21.52 3.32
N ILE D 291 8.99 20.84 3.84
CA ILE D 291 8.83 19.56 4.50
C ILE D 291 9.17 19.72 5.97
N ILE D 292 8.21 19.46 6.83
CA ILE D 292 8.44 19.47 8.27
C ILE D 292 9.05 18.13 8.66
N GLY D 293 10.22 18.17 9.27
CA GLY D 293 10.90 16.95 9.70
C GLY D 293 11.76 16.34 8.62
N ASP D 294 11.88 15.01 8.65
CA ASP D 294 12.83 14.32 7.79
C ASP D 294 12.34 14.28 6.35
N ILE D 295 13.29 14.09 5.44
CA ILE D 295 13.02 13.82 4.02
C ILE D 295 13.31 12.35 3.79
N ARG D 296 12.25 11.54 3.71
CA ARG D 296 12.36 10.11 3.53
C ARG D 296 11.84 9.70 2.15
N GLN D 297 11.78 8.40 1.92
CA GLN D 297 11.39 7.84 0.62
C GLN D 297 10.01 7.20 0.72
N ALA D 298 9.13 7.57 -0.20
CA ALA D 298 7.82 6.92 -0.29
C ALA D 298 7.99 5.51 -0.84
N HIS D 299 7.20 4.58 -0.29
CA HIS D 299 7.40 3.17 -0.59
C HIS D 299 6.15 2.39 -0.22
N CYS D 300 6.16 1.10 -0.55
CA CYS D 300 5.07 0.18 -0.24
C CYS D 300 5.64 -1.10 0.35
N ASN D 301 4.90 -1.68 1.31
CA ASN D 301 5.24 -2.98 1.88
C ASN D 301 4.17 -3.99 1.51
N VAL D 302 4.62 -5.17 1.07
CA VAL D 302 3.75 -6.33 0.92
C VAL D 302 4.46 -7.51 1.58
N SER D 303 3.76 -8.21 2.46
CA SER D 303 4.32 -9.34 3.20
C SER D 303 4.97 -10.33 2.24
N LYS D 304 6.28 -10.58 2.45
CA LYS D 304 7.01 -11.48 1.57
C LYS D 304 6.40 -12.89 1.58
N ALA D 305 5.91 -13.32 2.73
CA ALA D 305 5.33 -14.66 2.85
C ALA D 305 4.10 -14.80 1.97
N THR D 306 3.11 -13.91 2.16
CA THR D 306 1.87 -14.02 1.42
C THR D 306 2.07 -13.81 -0.08
N TRP D 307 3.00 -12.93 -0.47
CA TRP D 307 3.21 -12.70 -1.90
C TRP D 307 3.87 -13.89 -2.57
N ASN D 308 4.64 -14.69 -1.84
CA ASN D 308 5.21 -15.90 -2.44
C ASN D 308 4.15 -16.97 -2.62
N GLU D 309 3.33 -17.18 -1.59
CA GLU D 309 2.22 -18.13 -1.70
C GLU D 309 1.27 -17.73 -2.83
N THR D 310 0.86 -16.46 -2.84
CA THR D 310 -0.09 -16.01 -3.85
C THR D 310 0.52 -16.03 -5.24
N LEU D 311 1.81 -15.71 -5.37
CA LEU D 311 2.47 -15.84 -6.66
C LEU D 311 2.61 -17.28 -7.09
N GLY D 312 2.42 -18.24 -6.19
CA GLY D 312 2.48 -19.65 -6.53
C GLY D 312 1.15 -20.18 -7.03
N LYS D 313 0.06 -19.71 -6.43
CA LYS D 313 -1.27 -20.08 -6.91
C LYS D 313 -1.46 -19.64 -8.36
N VAL D 314 -0.91 -18.48 -8.71
CA VAL D 314 -0.95 -18.03 -10.10
C VAL D 314 -0.20 -19.02 -10.98
N VAL D 315 0.88 -19.60 -10.46
CA VAL D 315 1.68 -20.55 -11.24
C VAL D 315 0.89 -21.83 -11.49
N LYS D 316 0.18 -22.32 -10.48
CA LYS D 316 -0.60 -23.56 -10.65
C LYS D 316 -1.62 -23.43 -11.76
N GLN D 317 -2.37 -22.32 -11.78
CA GLN D 317 -3.39 -22.12 -12.79
C GLN D 317 -2.79 -21.74 -14.14
N LEU D 318 -1.61 -21.11 -14.15
CA LEU D 318 -0.92 -20.88 -15.41
C LEU D 318 -0.47 -22.19 -16.05
N ARG D 319 -0.26 -23.23 -15.24
CA ARG D 319 0.20 -24.50 -15.77
C ARG D 319 -0.84 -25.14 -16.69
N LYS D 320 -2.12 -25.01 -16.35
CA LYS D 320 -3.18 -25.64 -17.13
C LYS D 320 -3.22 -25.14 -18.57
N HIS D 321 -2.60 -24.00 -18.86
CA HIS D 321 -2.56 -23.47 -20.21
C HIS D 321 -1.20 -23.63 -20.87
N PHE D 322 -0.20 -24.16 -20.17
CA PHE D 322 1.14 -24.29 -20.73
C PHE D 322 1.84 -25.58 -20.38
N GLY D 323 1.28 -26.42 -19.54
CA GLY D 323 1.81 -27.77 -19.34
C GLY D 323 2.35 -27.98 -17.94
N ASN D 324 2.03 -29.15 -17.36
CA ASN D 324 2.51 -29.51 -16.04
C ASN D 324 4.02 -29.58 -15.96
N ASN D 325 4.71 -29.64 -17.09
CA ASN D 325 6.16 -29.80 -17.12
C ASN D 325 6.91 -28.51 -17.40
N THR D 326 6.28 -27.56 -18.09
CA THR D 326 6.98 -26.34 -18.49
C THR D 326 7.35 -25.49 -17.28
N ILE D 327 8.35 -24.63 -17.48
CA ILE D 327 8.84 -23.73 -16.45
C ILE D 327 8.42 -22.31 -16.82
N ILE D 328 7.75 -21.62 -15.90
CA ILE D 328 7.29 -20.26 -16.13
C ILE D 328 8.04 -19.33 -15.19
N ARG D 329 8.33 -18.13 -15.68
CA ARG D 329 9.18 -17.17 -14.98
C ARG D 329 8.49 -15.81 -14.95
N PHE D 330 8.74 -15.08 -13.86
CA PHE D 330 8.25 -13.72 -13.69
C PHE D 330 9.42 -12.76 -13.79
N ALA D 331 9.33 -11.80 -14.71
CA ALA D 331 10.32 -10.74 -14.88
C ALA D 331 9.63 -9.39 -14.78
N ASN D 332 10.44 -8.34 -14.62
CA ASN D 332 9.88 -7.01 -14.48
C ASN D 332 9.49 -6.44 -15.84
N SER D 333 8.87 -5.27 -15.81
CA SER D 333 8.40 -4.62 -17.03
C SER D 333 9.55 -4.40 -18.02
N SER D 334 9.22 -4.42 -19.31
CA SER D 334 10.19 -4.35 -20.38
C SER D 334 10.13 -3.01 -21.13
N GLY D 335 9.76 -1.93 -20.45
CA GLY D 335 9.74 -0.62 -21.03
C GLY D 335 8.32 -0.10 -21.24
N GLY D 336 8.25 1.13 -21.74
CA GLY D 336 7.01 1.84 -21.94
C GLY D 336 6.96 3.10 -21.11
N ASP D 337 5.79 3.73 -21.12
CA ASP D 337 5.60 4.94 -20.32
C ASP D 337 5.69 4.62 -18.83
N LEU D 338 5.95 5.66 -18.04
CA LEU D 338 6.20 5.46 -16.61
C LEU D 338 4.99 4.87 -15.89
N GLU D 339 3.78 5.22 -16.33
CA GLU D 339 2.58 4.70 -15.69
C GLU D 339 2.46 3.19 -15.86
N VAL D 340 3.03 2.64 -16.94
CA VAL D 340 2.88 1.23 -17.24
C VAL D 340 4.09 0.40 -16.83
N THR D 341 5.25 1.02 -16.60
CA THR D 341 6.42 0.31 -16.12
C THR D 341 6.46 0.20 -14.60
N THR D 342 5.41 0.65 -13.91
CA THR D 342 5.38 0.70 -12.45
C THR D 342 3.97 0.41 -11.98
N HIS D 343 3.86 0.06 -10.69
CA HIS D 343 2.56 -0.07 -10.03
C HIS D 343 2.08 1.34 -9.69
N SER D 344 1.54 2.02 -10.69
CA SER D 344 1.03 3.37 -10.51
C SER D 344 -0.39 3.30 -9.95
N PHE D 345 -0.70 4.25 -9.07
CA PHE D 345 -2.00 4.32 -8.41
C PHE D 345 -2.08 5.64 -7.66
N ASN D 346 -3.20 5.85 -6.98
CA ASN D 346 -3.41 7.03 -6.16
C ASN D 346 -3.58 6.62 -4.71
N CYS D 347 -2.94 7.36 -3.81
CA CYS D 347 -2.92 7.04 -2.38
C CYS D 347 -3.08 8.33 -1.60
N GLY D 348 -4.23 8.49 -0.95
CA GLY D 348 -4.47 9.66 -0.13
C GLY D 348 -4.46 10.98 -0.88
N GLY D 349 -4.45 10.92 -2.21
CA GLY D 349 -4.43 12.09 -3.06
C GLY D 349 -3.21 12.21 -3.95
N GLU D 350 -2.11 11.57 -3.59
CA GLU D 350 -0.90 11.60 -4.40
C GLU D 350 -0.88 10.40 -5.35
N PHE D 351 -0.14 10.56 -6.45
CA PHE D 351 -0.06 9.53 -7.49
C PHE D 351 1.30 8.86 -7.40
N PHE D 352 1.34 7.68 -6.80
CA PHE D 352 2.57 6.94 -6.62
C PHE D 352 2.97 6.23 -7.91
N TYR D 353 4.25 5.84 -7.97
CA TYR D 353 4.78 5.10 -9.12
C TYR D 353 5.84 4.14 -8.56
N CYS D 354 5.40 2.93 -8.24
CA CYS D 354 6.20 1.99 -7.45
C CYS D 354 6.94 1.03 -8.37
N ASN D 355 8.27 1.00 -8.23
CA ASN D 355 9.09 -0.03 -8.84
C ASN D 355 8.66 -1.40 -8.32
N THR D 356 8.40 -2.33 -9.25
CA THR D 356 7.90 -3.65 -8.90
C THR D 356 8.88 -4.77 -9.26
N SER D 357 10.16 -4.43 -9.46
CA SER D 357 11.15 -5.46 -9.76
C SER D 357 11.27 -6.46 -8.61
N GLY D 358 10.95 -6.04 -7.39
CA GLY D 358 10.93 -6.93 -6.25
C GLY D 358 9.71 -7.82 -6.15
N LEU D 359 8.76 -7.66 -7.08
CA LEU D 359 7.56 -8.50 -7.11
C LEU D 359 7.55 -9.50 -8.25
N PHE D 360 8.31 -9.23 -9.32
CA PHE D 360 8.34 -10.11 -10.48
C PHE D 360 9.81 -10.39 -10.82
N ASN D 361 10.44 -11.21 -9.99
CA ASN D 361 11.84 -11.61 -10.12
C ASN D 361 11.92 -13.04 -9.56
N SER D 362 11.28 -13.97 -10.25
CA SER D 362 11.11 -15.31 -9.72
C SER D 362 10.98 -16.29 -10.88
N THR D 363 11.73 -17.39 -10.80
CA THR D 363 11.64 -18.49 -11.76
C THR D 363 11.16 -19.73 -11.02
N TRP D 364 10.19 -20.43 -11.61
CA TRP D 364 9.52 -21.55 -10.96
C TRP D 364 9.77 -22.83 -11.74
N ILE D 365 10.06 -23.90 -11.01
CA ILE D 365 10.42 -25.18 -11.61
C ILE D 365 9.17 -25.97 -11.94
N SER D 366 9.34 -27.16 -12.54
CA SER D 366 8.20 -27.96 -12.94
C SER D 366 7.40 -28.46 -11.75
N ASN D 367 8.05 -28.65 -10.60
CA ASN D 367 7.36 -29.09 -9.40
C ASN D 367 8.20 -28.79 -8.16
N GLY D 377 12.13 -16.01 4.06
CA GLY D 377 11.33 -14.93 4.60
C GLY D 377 10.58 -15.32 5.86
N SER D 378 9.26 -15.51 5.71
CA SER D 378 8.36 -15.91 6.78
C SER D 378 8.33 -14.92 7.95
N ASN D 379 8.97 -13.76 7.80
CA ASN D 379 9.10 -12.81 8.90
C ASN D 379 9.02 -11.39 8.39
N ASP D 380 9.99 -11.01 7.55
CA ASP D 380 10.04 -9.66 6.99
C ASP D 380 9.14 -9.58 5.76
N SER D 381 9.09 -8.40 5.17
CA SER D 381 8.33 -8.13 3.95
C SER D 381 9.27 -7.56 2.89
N ILE D 382 8.77 -7.52 1.66
CA ILE D 382 9.48 -6.91 0.55
C ILE D 382 8.99 -5.47 0.38
N THR D 383 9.93 -4.56 0.13
CA THR D 383 9.64 -3.14 0.05
C THR D 383 9.77 -2.66 -1.40
N LEU D 384 8.92 -1.72 -1.78
CA LEU D 384 8.85 -1.24 -3.15
C LEU D 384 9.08 0.27 -3.18
N PRO D 385 10.22 0.74 -3.72
CA PRO D 385 10.45 2.19 -3.80
C PRO D 385 9.52 2.84 -4.82
N CYS D 386 8.70 3.76 -4.35
CA CYS D 386 7.77 4.50 -5.19
C CYS D 386 8.26 5.93 -5.38
N ARG D 387 8.09 6.45 -6.58
CA ARG D 387 8.26 7.87 -6.86
C ARG D 387 6.89 8.53 -6.95
N ILE D 388 6.87 9.85 -7.04
CA ILE D 388 5.63 10.60 -6.99
C ILE D 388 5.62 11.67 -8.09
N LYS D 389 4.51 11.75 -8.82
CA LYS D 389 4.27 12.81 -9.79
C LYS D 389 3.09 13.67 -9.33
N GLN D 390 3.10 14.92 -9.77
CA GLN D 390 1.95 15.81 -9.59
C GLN D 390 1.29 16.18 -10.92
N ILE D 391 2.09 16.39 -11.96
CA ILE D 391 1.59 16.68 -13.30
C ILE D 391 1.47 15.33 -14.01
N ILE D 392 0.27 14.76 -14.00
CA ILE D 392 0.01 13.47 -14.63
C ILE D 392 -0.76 13.72 -15.93
N ASN D 393 -0.38 12.99 -16.97
CA ASN D 393 -0.94 13.20 -18.30
C ASN D 393 -2.18 12.33 -18.51
N MET D 394 -3.00 12.75 -19.46
CA MET D 394 -4.18 11.97 -19.82
C MET D 394 -3.73 10.72 -20.59
N TRP D 395 -4.48 9.63 -20.38
CA TRP D 395 -3.97 8.31 -20.76
C TRP D 395 -4.10 8.06 -22.26
N GLN D 396 -5.29 8.24 -22.83
CA GLN D 396 -5.49 8.07 -24.27
C GLN D 396 -5.97 9.39 -24.86
N ARG D 397 -5.08 10.39 -24.86
CA ARG D 397 -5.29 11.72 -25.42
C ARG D 397 -4.01 12.51 -25.15
N ILE D 398 -3.79 13.57 -25.93
CA ILE D 398 -2.66 14.45 -25.71
C ILE D 398 -3.15 15.89 -25.79
N GLY D 399 -2.47 16.79 -25.08
CA GLY D 399 -2.92 18.14 -24.94
C GLY D 399 -3.65 18.42 -23.65
N GLN D 400 -4.06 17.38 -22.92
CA GLN D 400 -4.77 17.51 -21.67
C GLN D 400 -3.96 16.87 -20.56
N ALA D 401 -3.71 17.62 -19.49
CA ALA D 401 -2.93 17.14 -18.36
C ALA D 401 -3.46 17.76 -17.08
N MET D 402 -3.34 17.01 -15.99
CA MET D 402 -3.90 17.41 -14.71
C MET D 402 -2.78 17.61 -13.68
N TYR D 403 -2.88 18.69 -12.91
CA TYR D 403 -1.99 18.95 -11.79
C TYR D 403 -2.72 18.54 -10.52
N ALA D 404 -2.21 17.53 -9.83
CA ALA D 404 -2.80 17.10 -8.57
C ALA D 404 -2.23 17.94 -7.44
N PRO D 405 -3.07 18.67 -6.69
CA PRO D 405 -2.55 19.60 -5.67
C PRO D 405 -1.83 18.85 -4.57
N PRO D 406 -0.91 19.51 -3.86
CA PRO D 406 -0.15 18.82 -2.81
C PRO D 406 -1.02 18.46 -1.63
N ILE D 407 -0.80 17.26 -1.10
CA ILE D 407 -1.51 16.78 0.07
C ILE D 407 -0.67 17.07 1.31
N GLN D 408 -1.27 17.72 2.29
CA GLN D 408 -0.57 18.04 3.52
C GLN D 408 -0.54 16.84 4.46
N GLY D 409 0.47 16.81 5.32
CA GLY D 409 0.58 15.76 6.31
C GLY D 409 1.27 14.52 5.78
N VAL D 410 1.21 13.47 6.58
CA VAL D 410 1.78 12.17 6.22
C VAL D 410 0.69 11.33 5.58
N ILE D 411 1.06 10.57 4.55
CA ILE D 411 0.12 9.79 3.76
C ILE D 411 0.37 8.31 4.00
N ARG D 412 -0.71 7.55 4.18
CA ARG D 412 -0.61 6.11 4.30
C ARG D 412 -1.96 5.50 3.96
N CYS D 413 -2.00 4.65 2.95
CA CYS D 413 -3.20 3.91 2.57
C CYS D 413 -2.92 2.42 2.64
N VAL D 414 -3.94 1.66 3.04
CA VAL D 414 -3.85 0.21 3.19
C VAL D 414 -4.89 -0.42 2.28
N SER D 415 -4.44 -1.29 1.38
CA SER D 415 -5.32 -1.88 0.39
C SER D 415 -4.87 -3.31 0.11
N ASN D 416 -5.73 -4.08 -0.56
CA ASN D 416 -5.42 -5.45 -0.94
C ASN D 416 -5.16 -5.53 -2.43
N ILE D 417 -4.13 -6.30 -2.79
CA ILE D 417 -3.95 -6.73 -4.17
C ILE D 417 -4.88 -7.91 -4.41
N THR D 418 -5.84 -7.75 -5.31
CA THR D 418 -6.81 -8.81 -5.61
C THR D 418 -6.66 -9.35 -7.02
N GLY D 419 -5.67 -8.89 -7.77
CA GLY D 419 -5.47 -9.35 -9.13
C GLY D 419 -4.24 -8.72 -9.72
N LEU D 420 -3.92 -9.14 -10.94
CA LEU D 420 -2.75 -8.65 -11.66
C LEU D 420 -3.13 -8.39 -13.11
N ILE D 421 -2.19 -7.82 -13.85
CA ILE D 421 -2.31 -7.59 -15.29
C ILE D 421 -0.97 -8.02 -15.88
N LEU D 422 -0.88 -9.27 -16.33
CA LEU D 422 0.37 -9.86 -16.79
C LEU D 422 0.43 -9.84 -18.31
N THR D 423 1.57 -10.27 -18.84
CA THR D 423 1.79 -10.28 -20.28
C THR D 423 2.86 -11.31 -20.62
N ARG D 424 2.54 -12.19 -21.58
CA ARG D 424 3.47 -13.22 -22.03
C ARG D 424 4.26 -12.73 -23.23
N ASP D 425 5.46 -13.29 -23.41
CA ASP D 425 6.36 -12.89 -24.47
C ASP D 425 6.40 -13.87 -25.65
N GLY D 426 5.90 -15.08 -25.48
CA GLY D 426 5.88 -16.05 -26.57
C GLY D 426 7.17 -16.83 -26.70
N THR D 433 9.98 -22.87 -21.83
CA THR D 433 10.26 -21.74 -20.95
C THR D 433 9.33 -20.56 -21.24
N GLU D 434 8.43 -20.27 -20.29
CA GLU D 434 7.50 -19.16 -20.42
C GLU D 434 7.89 -18.06 -19.44
N THR D 435 7.75 -16.81 -19.88
CA THR D 435 8.12 -15.65 -19.07
C THR D 435 6.95 -14.68 -19.05
N PHE D 436 6.57 -14.26 -17.84
CA PHE D 436 5.44 -13.36 -17.64
C PHE D 436 5.90 -12.09 -16.95
N ARG D 437 5.56 -10.95 -17.54
CA ARG D 437 5.87 -9.63 -16.99
C ARG D 437 4.63 -8.77 -17.01
N PRO D 438 4.47 -7.85 -16.06
CA PRO D 438 3.21 -7.09 -15.95
C PRO D 438 3.09 -5.97 -16.96
N GLY D 439 2.11 -5.10 -16.75
CA GLY D 439 1.87 -3.96 -17.62
C GLY D 439 0.41 -3.58 -17.60
N GLY D 440 -0.03 -2.96 -18.70
CA GLY D 440 -1.43 -2.63 -18.88
C GLY D 440 -1.80 -1.21 -18.47
N GLY D 441 -1.70 -0.27 -19.39
CA GLY D 441 -2.11 1.10 -19.13
C GLY D 441 -3.44 1.45 -19.75
N ASP D 442 -4.29 0.44 -19.94
CA ASP D 442 -5.61 0.61 -20.54
C ASP D 442 -6.65 0.51 -19.43
N MET D 443 -7.39 1.59 -19.20
CA MET D 443 -8.29 1.65 -18.05
C MET D 443 -9.39 0.60 -18.11
N ARG D 444 -9.82 0.21 -19.32
CA ARG D 444 -10.94 -0.71 -19.42
C ARG D 444 -10.55 -2.15 -19.12
N ASP D 445 -9.25 -2.45 -18.97
CA ASP D 445 -8.86 -3.73 -18.39
C ASP D 445 -9.17 -3.77 -16.90
N ASN D 446 -9.12 -2.63 -16.22
CA ASN D 446 -9.53 -2.57 -14.83
C ASN D 446 -11.01 -2.87 -14.67
N TRP D 447 -11.85 -2.34 -15.57
CA TRP D 447 -13.29 -2.55 -15.45
C TRP D 447 -13.70 -3.94 -15.88
N ARG D 448 -12.96 -4.56 -16.80
CA ARG D 448 -13.23 -5.96 -17.14
C ARG D 448 -13.05 -6.86 -15.92
N SER D 449 -12.10 -6.52 -15.06
CA SER D 449 -11.79 -7.33 -13.89
C SER D 449 -12.94 -7.36 -12.88
N GLU D 450 -13.93 -6.47 -13.03
CA GLU D 450 -15.09 -6.45 -12.15
C GLU D 450 -16.39 -6.72 -12.87
N LEU D 451 -16.49 -6.41 -14.16
CA LEU D 451 -17.72 -6.57 -14.92
C LEU D 451 -17.79 -7.88 -15.70
N TYR D 452 -16.87 -8.82 -15.43
CA TYR D 452 -16.85 -10.06 -16.19
C TYR D 452 -18.10 -10.90 -15.97
N LYS D 453 -18.69 -10.83 -14.78
CA LYS D 453 -19.84 -11.66 -14.46
C LYS D 453 -21.18 -11.04 -14.86
N TYR D 454 -21.19 -9.85 -15.45
CA TYR D 454 -22.42 -9.14 -15.74
C TYR D 454 -22.64 -9.01 -17.25
N LYS D 455 -23.92 -8.96 -17.62
CA LYS D 455 -24.36 -8.94 -19.01
C LYS D 455 -25.70 -8.24 -19.10
N VAL D 456 -25.87 -7.42 -20.13
CA VAL D 456 -27.09 -6.62 -20.31
C VAL D 456 -27.97 -7.29 -21.37
N VAL D 457 -29.25 -7.47 -21.03
CA VAL D 457 -30.23 -8.05 -21.96
C VAL D 457 -31.50 -7.22 -21.89
N LYS D 458 -32.24 -7.21 -23.01
CA LYS D 458 -33.52 -6.52 -23.10
C LYS D 458 -34.66 -7.53 -23.05
N ILE D 459 -35.70 -7.18 -22.30
CA ILE D 459 -36.87 -8.04 -22.18
C ILE D 459 -37.78 -7.82 -23.37
N GLU D 460 -38.30 -8.92 -23.93
CA GLU D 460 -39.30 -8.88 -25.01
C GLU D 460 -40.54 -9.60 -24.51
N PRO D 461 -41.47 -8.89 -23.87
CA PRO D 461 -42.54 -9.56 -23.12
C PRO D 461 -43.69 -10.07 -23.97
N LEU D 462 -43.67 -9.86 -25.28
CA LEU D 462 -44.76 -10.31 -26.14
C LEU D 462 -44.44 -11.69 -26.70
N GLY D 463 -45.38 -12.62 -26.55
CA GLY D 463 -45.21 -13.96 -27.07
C GLY D 463 -46.47 -14.49 -27.71
N VAL D 464 -46.34 -15.11 -28.88
CA VAL D 464 -47.44 -15.73 -29.59
C VAL D 464 -47.18 -17.23 -29.67
N ALA D 465 -48.21 -18.03 -29.43
CA ALA D 465 -48.10 -19.48 -29.43
C ALA D 465 -49.47 -20.07 -29.68
N PRO D 466 -49.55 -21.27 -30.24
CA PRO D 466 -50.85 -21.86 -30.53
C PRO D 466 -51.45 -22.59 -29.34
N THR D 467 -52.76 -22.45 -29.19
CA THR D 467 -53.56 -23.29 -28.32
C THR D 467 -54.95 -23.40 -28.93
N ARG D 468 -55.75 -24.31 -28.39
CA ARG D 468 -57.11 -24.49 -28.90
C ARG D 468 -58.09 -23.46 -28.36
N CYS D 469 -57.66 -22.21 -28.24
CA CYS D 469 -58.51 -21.11 -27.81
C CYS D 469 -58.86 -20.25 -29.01
N LYS D 470 -60.09 -19.73 -29.02
CA LYS D 470 -60.56 -18.87 -30.09
C LYS D 470 -61.37 -17.73 -29.49
N ARG D 471 -61.23 -16.54 -30.07
CA ARG D 471 -61.92 -15.37 -29.55
C ARG D 471 -63.42 -15.44 -29.86
N ARG D 472 -64.19 -14.71 -29.06
CA ARG D 472 -65.65 -14.63 -29.22
C ARG D 472 -66.30 -16.00 -29.17
N GLN E 1 40.77 3.99 32.71
CA GLN E 1 41.43 2.94 31.93
C GLN E 1 42.14 3.51 30.71
N VAL E 2 41.53 4.49 30.06
CA VAL E 2 42.09 5.12 28.87
C VAL E 2 42.33 6.59 29.17
N GLN E 3 43.57 7.04 28.99
CA GLN E 3 43.95 8.43 29.21
C GLN E 3 44.80 8.93 28.06
N LEU E 4 44.68 10.22 27.76
CA LEU E 4 45.41 10.87 26.69
C LEU E 4 46.28 11.98 27.26
N GLN E 5 47.41 12.24 26.59
CA GLN E 5 48.36 13.26 27.02
C GLN E 5 48.96 13.92 25.80
N GLU E 6 48.81 15.23 25.68
CA GLU E 6 49.36 15.98 24.57
C GLU E 6 50.83 16.32 24.83
N SER E 7 51.47 16.90 23.81
CA SER E 7 52.87 17.29 23.89
C SER E 7 53.17 18.21 22.72
N GLY E 8 53.77 19.37 23.00
CA GLY E 8 54.01 20.37 21.98
C GLY E 8 55.17 21.30 22.26
N PRO E 9 55.50 22.13 21.27
CA PRO E 9 56.66 23.03 21.42
C PRO E 9 56.40 24.22 22.31
N GLY E 10 55.15 24.61 22.52
CA GLY E 10 54.87 25.76 23.36
C GLY E 10 55.00 27.07 22.60
N LEU E 11 56.07 27.18 21.83
CA LEU E 11 56.36 28.37 21.04
C LEU E 11 56.80 27.97 19.65
N VAL E 12 56.18 28.57 18.64
CA VAL E 12 56.48 28.28 17.24
C VAL E 12 56.49 29.60 16.47
N LYS E 13 57.47 29.74 15.58
CA LYS E 13 57.63 30.98 14.85
C LYS E 13 56.53 31.13 13.79
N PRO E 14 56.16 32.37 13.45
CA PRO E 14 55.15 32.56 12.40
C PRO E 14 55.61 32.00 11.06
N SER E 15 54.64 31.53 10.28
CA SER E 15 54.89 30.94 8.96
C SER E 15 55.81 29.72 9.07
N GLU E 16 55.47 28.84 10.01
CA GLU E 16 56.26 27.64 10.25
C GLU E 16 55.32 26.51 10.66
N THR E 17 55.73 25.28 10.33
CA THR E 17 54.90 24.11 10.61
C THR E 17 54.86 23.82 12.10
N LEU E 18 53.67 23.95 12.69
CA LEU E 18 53.44 23.50 14.06
C LEU E 18 53.26 21.99 14.07
N SER E 19 53.68 21.36 15.18
CA SER E 19 53.59 19.92 15.30
C SER E 19 53.28 19.53 16.73
N LEU E 20 52.28 18.67 16.91
CA LEU E 20 51.91 18.16 18.22
C LEU E 20 51.73 16.65 18.16
N THR E 21 51.74 16.02 19.34
CA THR E 21 51.54 14.58 19.46
C THR E 21 50.58 14.31 20.61
N CYS E 22 50.09 13.08 20.67
CA CYS E 22 49.14 12.66 21.70
C CYS E 22 49.32 11.17 21.94
N THR E 23 49.44 10.78 23.20
CA THR E 23 49.73 9.41 23.59
C THR E 23 48.54 8.79 24.28
N VAL E 24 48.18 7.57 23.88
CA VAL E 24 47.05 6.84 24.44
C VAL E 24 47.58 5.82 25.44
N SER E 25 47.03 5.84 26.65
CA SER E 25 47.44 4.93 27.71
C SER E 25 46.26 4.05 28.09
N GLY E 26 46.48 2.74 28.09
CA GLY E 26 45.45 1.79 28.49
C GLY E 26 44.75 1.12 27.33
N GLY E 27 44.47 1.89 26.27
CA GLY E 27 43.83 1.37 25.09
C GLY E 27 44.72 1.50 23.86
N SER E 28 44.25 0.91 22.76
CA SER E 28 44.98 0.98 21.50
C SER E 28 44.58 2.23 20.72
N ILE E 29 45.18 2.40 19.55
CA ILE E 29 44.94 3.59 18.74
C ILE E 29 44.31 3.26 17.39
N SER E 30 44.46 2.03 16.88
CA SER E 30 43.95 1.67 15.57
C SER E 30 42.51 1.18 15.58
N ASN E 31 41.84 1.20 16.73
CA ASN E 31 40.46 0.73 16.83
C ASN E 31 39.52 1.80 17.37
N TYR E 32 39.92 3.06 17.30
CA TYR E 32 39.07 4.16 17.76
C TYR E 32 39.26 5.37 16.86
N TYR E 33 38.31 6.28 16.93
CA TYR E 33 38.40 7.57 16.25
C TYR E 33 39.01 8.61 17.19
N TRP E 34 39.80 9.51 16.63
CA TRP E 34 40.49 10.54 17.40
C TRP E 34 40.33 11.89 16.72
N SER E 35 40.06 12.92 17.52
CA SER E 35 39.82 14.26 17.01
C SER E 35 40.77 15.26 17.66
N TRP E 36 41.15 16.27 16.89
CA TRP E 36 41.94 17.39 17.40
C TRP E 36 41.03 18.61 17.55
N ILE E 37 41.02 19.20 18.74
CA ILE E 37 40.19 20.37 19.04
C ILE E 37 41.09 21.42 19.68
N ARG E 38 40.84 22.69 19.36
CA ARG E 38 41.60 23.81 19.93
C ARG E 38 40.63 24.87 20.42
N GLN E 39 41.16 25.79 21.23
CA GLN E 39 40.34 26.85 21.82
C GLN E 39 41.21 28.08 22.05
N SER E 40 41.03 29.11 21.24
CA SER E 40 41.76 30.35 21.37
C SER E 40 41.11 31.26 22.40
N PRO E 41 41.84 32.25 22.92
CA PRO E 41 41.22 33.21 23.85
C PRO E 41 40.19 34.07 23.12
N GLY E 42 38.97 34.09 23.67
CA GLY E 42 37.87 34.82 23.08
C GLY E 42 37.10 34.05 22.02
N LYS E 43 37.75 33.09 21.36
CA LYS E 43 37.12 32.26 20.36
C LYS E 43 36.71 30.93 20.98
N GLY E 44 35.59 30.39 20.54
CA GLY E 44 35.05 29.19 21.13
C GLY E 44 35.84 27.95 20.77
N LEU E 45 35.28 26.80 21.15
CA LEU E 45 35.86 25.52 20.79
C LEU E 45 35.76 25.30 19.29
N GLU E 46 36.88 24.95 18.67
CA GLU E 46 36.93 24.75 17.22
C GLU E 46 37.38 23.32 16.93
N TRP E 47 36.54 22.58 16.21
CA TRP E 47 36.88 21.22 15.79
C TRP E 47 37.79 21.29 14.57
N ILE E 48 38.98 20.72 14.70
CA ILE E 48 39.98 20.78 13.62
C ILE E 48 39.80 19.64 12.63
N GLY E 49 39.69 18.42 13.13
CA GLY E 49 39.54 17.27 12.25
C GLY E 49 39.48 16.00 13.07
N TYR E 50 39.47 14.88 12.37
CA TYR E 50 39.45 13.58 13.04
C TYR E 50 40.02 12.52 12.12
N ILE E 51 40.34 11.38 12.72
CA ILE E 51 40.90 10.24 11.99
C ILE E 51 40.20 8.98 12.49
N SER E 52 40.02 8.01 11.57
CA SER E 52 39.20 6.85 11.84
C SER E 52 40.01 5.72 12.47
N ASP E 53 39.35 4.58 12.65
CA ASP E 53 40.08 3.38 13.06
C ASP E 53 40.84 2.78 11.88
N SER E 54 40.31 2.94 10.67
CA SER E 54 41.02 2.60 9.45
C SER E 54 41.99 3.69 9.01
N GLU E 55 42.23 4.68 9.87
CA GLU E 55 43.16 5.77 9.60
C GLU E 55 42.76 6.60 8.39
N SER E 56 41.45 6.75 8.19
CA SER E 56 40.92 7.65 7.18
C SER E 56 40.76 9.04 7.80
N THR E 57 41.06 10.06 7.00
CA THR E 57 41.14 11.42 7.51
C THR E 57 40.04 12.30 6.93
N ASN E 58 39.75 13.39 7.65
CA ASN E 58 38.71 14.35 7.27
C ASN E 58 38.88 15.65 8.07
N TYR E 59 39.12 16.75 7.38
CA TYR E 59 39.48 18.01 8.03
C TYR E 59 38.35 19.03 7.95
N ASN E 60 38.29 19.88 8.96
CA ASN E 60 37.37 21.00 8.93
C ASN E 60 37.71 21.91 7.74
N PRO E 61 36.74 22.29 6.92
CA PRO E 61 37.05 23.24 5.83
C PRO E 61 37.54 24.59 6.32
N SER E 62 37.37 24.90 7.61
CA SER E 62 37.91 26.14 8.16
C SER E 62 39.42 26.22 7.94
N LEU E 63 40.13 25.11 8.13
CA LEU E 63 41.57 25.05 7.98
C LEU E 63 41.97 23.80 7.20
N LYS E 64 41.16 23.43 6.20
CA LYS E 64 41.40 22.20 5.45
C LYS E 64 42.70 22.26 4.67
N SER E 65 43.01 23.43 4.09
CA SER E 65 44.12 23.56 3.16
C SER E 65 45.49 23.47 3.81
N ARG E 66 45.58 23.27 5.13
CA ARG E 66 46.89 23.36 5.78
C ARG E 66 46.96 22.51 7.05
N VAL E 67 46.18 21.44 7.15
CA VAL E 67 46.19 20.55 8.30
C VAL E 67 46.47 19.13 7.81
N ILE E 68 47.30 18.40 8.56
CA ILE E 68 47.61 17.01 8.24
C ILE E 68 47.62 16.24 9.56
N ILE E 69 46.65 15.35 9.74
CA ILE E 69 46.56 14.49 10.91
C ILE E 69 47.11 13.12 10.52
N SER E 70 47.81 12.48 11.46
CA SER E 70 48.45 11.20 11.20
C SER E 70 48.18 10.26 12.37
N VAL E 71 48.93 9.16 12.40
CA VAL E 71 48.83 8.15 13.47
C VAL E 71 49.99 7.18 13.31
N ASP E 72 50.59 6.77 14.43
CA ASP E 72 51.65 5.76 14.43
C ASP E 72 51.20 4.65 15.38
N THR E 73 50.69 3.56 14.81
CA THR E 73 50.15 2.45 15.59
C THR E 73 51.20 1.69 16.36
N SER E 74 52.49 1.96 16.11
CA SER E 74 53.56 1.22 16.80
C SER E 74 53.53 1.43 18.31
N LYS E 75 52.99 2.55 18.79
CA LYS E 75 52.98 2.82 20.22
C LYS E 75 51.89 3.81 20.64
N ASN E 76 50.74 3.77 19.97
CA ASN E 76 49.56 4.55 20.36
C ASN E 76 49.86 6.05 20.36
N GLN E 77 50.50 6.53 19.30
CA GLN E 77 50.75 7.95 19.12
C GLN E 77 50.10 8.44 17.84
N LEU E 78 49.37 9.55 17.94
CA LEU E 78 48.80 10.22 16.78
C LEU E 78 49.26 11.67 16.78
N SER E 79 49.59 12.19 15.60
CA SER E 79 50.23 13.49 15.48
C SER E 79 49.33 14.46 14.73
N LEU E 80 49.71 15.74 14.80
CA LEU E 80 49.01 16.82 14.13
C LEU E 80 50.04 17.78 13.56
N LYS E 81 49.83 18.20 12.31
CA LYS E 81 50.75 19.10 11.62
C LYS E 81 49.94 20.25 11.01
N LEU E 82 50.00 21.41 11.63
CA LEU E 82 49.42 22.63 11.09
C LEU E 82 50.55 23.56 10.67
N ASN E 83 50.58 23.91 9.39
CA ASN E 83 51.64 24.75 8.85
C ASN E 83 51.11 26.15 8.55
N SER E 84 52.02 27.04 8.17
CA SER E 84 51.70 28.43 7.87
C SER E 84 50.96 29.08 9.03
N VAL E 85 51.47 28.85 10.25
CA VAL E 85 50.79 29.34 11.45
C VAL E 85 50.84 30.86 11.50
N THR E 86 49.84 31.44 12.15
CA THR E 86 49.73 32.88 12.32
C THR E 86 49.50 33.18 13.80
N ALA E 87 49.43 34.48 14.12
CA ALA E 87 49.23 34.88 15.50
C ALA E 87 47.92 34.35 16.07
N ALA E 88 46.91 34.16 15.22
CA ALA E 88 45.61 33.64 15.66
C ALA E 88 45.62 32.13 15.88
N ASP E 89 46.69 31.44 15.52
CA ASP E 89 46.77 29.99 15.69
C ASP E 89 47.16 29.57 17.11
N SER E 90 47.54 30.51 17.96
CA SER E 90 47.95 30.20 19.32
C SER E 90 46.73 29.89 20.18
N ALA E 91 46.73 28.73 20.83
CA ALA E 91 45.60 28.28 21.61
C ALA E 91 46.01 27.04 22.40
N ILE E 92 45.10 26.59 23.26
CA ILE E 92 45.24 25.28 23.88
C ILE E 92 44.71 24.23 22.91
N TYR E 93 45.53 23.22 22.63
CA TYR E 93 45.16 22.18 21.67
C TYR E 93 44.86 20.89 22.44
N TYR E 94 43.62 20.44 22.33
CA TYR E 94 43.15 19.25 23.04
C TYR E 94 43.11 18.05 22.10
N CYS E 95 43.12 16.86 22.70
CA CYS E 95 43.17 15.59 21.99
C CYS E 95 42.12 14.68 22.60
N ALA E 96 41.24 14.11 21.77
CA ALA E 96 40.08 13.40 22.30
C ALA E 96 39.74 12.20 21.43
N ARG E 97 39.15 11.19 22.07
CA ARG E 97 38.65 9.99 21.40
C ARG E 97 37.23 10.24 20.93
N ALA E 98 37.00 10.06 19.63
CA ALA E 98 35.67 10.23 19.05
C ALA E 98 34.96 8.89 18.97
N GLN E 99 33.70 8.87 19.41
CA GLN E 99 32.85 7.69 19.33
C GLN E 99 31.81 7.91 18.25
N GLN E 100 31.71 6.96 17.32
CA GLN E 100 30.78 7.08 16.20
C GLN E 100 29.38 6.66 16.63
N GLY E 101 28.41 7.48 16.26
CA GLY E 101 27.00 7.18 16.52
C GLY E 101 26.23 7.24 15.21
N LYS E 102 25.38 6.24 14.99
CA LYS E 102 24.60 6.11 13.76
C LYS E 102 23.13 6.39 14.09
N ARG E 103 22.69 7.62 13.82
CA ARG E 103 21.30 7.99 14.04
C ARG E 103 20.47 7.53 12.86
N ILE E 104 19.42 6.76 13.13
CA ILE E 104 18.57 6.18 12.10
C ILE E 104 17.16 6.72 12.30
N TYR E 105 16.62 7.35 11.25
CA TYR E 105 15.27 7.90 11.28
C TYR E 105 14.31 7.22 10.32
N GLY E 106 14.81 6.67 9.22
CA GLY E 106 13.96 5.99 8.26
C GLY E 106 14.36 4.55 8.02
N MET E 107 14.58 4.20 6.76
CA MET E 107 14.94 2.84 6.37
C MET E 107 16.43 2.79 6.05
N VAL E 108 17.15 1.89 6.72
CA VAL E 108 18.58 1.75 6.48
C VAL E 108 18.86 1.26 5.07
N SER E 109 17.85 0.69 4.41
CA SER E 109 18.00 0.26 3.02
C SER E 109 18.12 1.47 2.10
N PHE E 110 17.34 2.52 2.36
CA PHE E 110 17.35 3.73 1.56
C PHE E 110 18.37 4.75 2.07
N GLY E 111 19.25 4.36 2.98
CA GLY E 111 20.24 5.30 3.48
C GLY E 111 19.69 6.40 4.35
N GLU E 112 18.48 6.22 4.90
CA GLU E 112 17.86 7.25 5.74
C GLU E 112 18.49 7.20 7.13
N PHE E 113 19.75 7.62 7.17
CA PHE E 113 20.52 7.70 8.42
C PHE E 113 21.69 8.64 8.19
N PHE E 114 22.28 9.09 9.29
CA PHE E 114 23.46 9.94 9.25
C PHE E 114 24.36 9.60 10.43
N TYR E 115 25.65 9.86 10.25
CA TYR E 115 26.65 9.60 11.29
C TYR E 115 26.96 10.88 12.04
N TYR E 116 27.06 10.76 13.36
CA TYR E 116 27.53 11.85 14.21
C TYR E 116 28.66 11.33 15.08
N TYR E 117 29.55 12.24 15.48
CA TYR E 117 30.70 11.90 16.30
C TYR E 117 30.68 12.71 17.59
N TYR E 118 31.10 12.07 18.68
CA TYR E 118 31.18 12.74 19.97
C TYR E 118 32.45 12.30 20.70
N MET E 119 33.18 13.27 21.24
CA MET E 119 34.41 13.00 21.98
C MET E 119 34.07 12.73 23.44
N ASP E 120 34.44 11.55 23.93
CA ASP E 120 34.08 11.13 25.27
C ASP E 120 35.23 11.15 26.27
N VAL E 121 36.48 11.24 25.81
CA VAL E 121 37.62 11.35 26.71
C VAL E 121 38.68 12.24 26.07
N TRP E 122 39.04 13.31 26.77
CA TRP E 122 39.97 14.31 26.27
C TRP E 122 41.31 14.21 26.99
N GLY E 123 42.31 14.88 26.44
CA GLY E 123 43.57 15.06 27.11
C GLY E 123 43.47 16.16 28.15
N LYS E 124 44.62 16.75 28.46
CA LYS E 124 44.67 17.90 29.36
C LYS E 124 44.91 19.21 28.63
N GLY E 125 45.61 19.17 27.51
CA GLY E 125 45.83 20.36 26.72
C GLY E 125 47.28 20.76 26.62
N THR E 126 47.69 21.27 25.45
CA THR E 126 49.02 21.82 25.24
C THR E 126 48.87 23.27 24.83
N THR E 127 49.46 24.17 25.61
CA THR E 127 49.47 25.57 25.25
C THR E 127 50.50 25.79 24.15
N VAL E 128 50.12 26.55 23.12
CA VAL E 128 50.98 26.84 22.00
C VAL E 128 50.91 28.34 21.73
N THR E 129 52.08 28.96 21.59
CA THR E 129 52.17 30.39 21.30
C THR E 129 52.86 30.59 19.97
N VAL E 130 52.29 31.45 19.13
CA VAL E 130 52.89 31.84 17.85
C VAL E 130 53.43 33.25 18.02
N SER E 131 54.75 33.39 18.00
CA SER E 131 55.37 34.68 18.25
C SER E 131 56.78 34.69 17.66
N SER E 132 57.13 35.81 17.01
CA SER E 132 58.50 36.00 16.56
C SER E 132 59.46 36.10 17.74
N ALA E 133 58.96 36.44 18.92
CA ALA E 133 59.82 36.62 20.08
C ALA E 133 60.47 35.29 20.49
N SER E 134 61.65 35.40 21.07
CA SER E 134 62.45 34.23 21.44
C SER E 134 62.04 33.71 22.82
N THR E 135 62.50 32.50 23.13
CA THR E 135 62.25 31.91 24.43
C THR E 135 63.21 32.47 25.47
N LYS E 136 62.79 32.40 26.73
CA LYS E 136 63.65 32.82 27.84
C LYS E 136 63.19 32.12 29.11
N GLY E 137 64.13 31.47 29.79
CA GLY E 137 63.85 30.85 31.06
C GLY E 137 63.64 31.88 32.15
N PRO E 138 62.98 31.49 33.23
CA PRO E 138 62.66 32.43 34.30
C PRO E 138 63.77 32.55 35.34
N SER E 139 63.74 33.67 36.05
CA SER E 139 64.56 33.86 37.24
C SER E 139 63.71 33.53 38.46
N VAL E 140 64.26 32.72 39.36
CA VAL E 140 63.54 32.25 40.54
C VAL E 140 64.17 32.88 41.78
N PHE E 141 63.33 33.39 42.68
CA PHE E 141 63.78 34.05 43.89
C PHE E 141 62.98 33.55 45.08
N PRO E 142 63.60 33.45 46.25
CA PRO E 142 62.88 32.96 47.44
C PRO E 142 62.14 34.06 48.18
N LEU E 143 60.89 33.80 48.55
CA LEU E 143 60.09 34.74 49.36
C LEU E 143 60.06 34.20 50.79
N ALA E 144 61.02 34.61 51.59
CA ALA E 144 61.15 34.07 52.93
C ALA E 144 60.00 34.52 53.82
N PRO E 145 59.52 33.67 54.73
CA PRO E 145 58.36 34.04 55.55
C PRO E 145 58.74 34.81 56.81
N SER E 146 57.78 34.99 57.70
CA SER E 146 58.02 35.66 58.98
C SER E 146 57.38 34.86 60.13
N GLY E 153 48.68 31.88 63.86
CA GLY E 153 48.72 30.43 63.95
C GLY E 153 49.76 29.80 63.05
N THR E 154 49.80 30.23 61.78
CA THR E 154 50.70 29.68 60.78
C THR E 154 51.43 30.82 60.08
N ALA E 155 52.30 30.45 59.14
CA ALA E 155 53.05 31.41 58.34
C ALA E 155 53.02 30.96 56.89
N ALA E 156 53.43 31.86 55.99
CA ALA E 156 53.35 31.61 54.55
C ALA E 156 54.66 32.01 53.89
N LEU E 157 55.23 31.08 53.12
CA LEU E 157 56.42 31.31 52.32
C LEU E 157 56.08 31.11 50.85
N GLY E 158 57.02 31.48 49.98
CA GLY E 158 56.70 31.43 48.57
C GLY E 158 57.93 31.39 47.68
N CYS E 159 57.67 31.33 46.37
CA CYS E 159 58.69 31.19 45.35
C CYS E 159 58.30 32.07 44.16
N LEU E 160 59.16 33.02 43.82
CA LEU E 160 58.86 34.03 42.80
C LEU E 160 59.51 33.65 41.49
N VAL E 161 58.70 33.44 40.45
CA VAL E 161 59.17 33.04 39.13
C VAL E 161 58.92 34.21 38.19
N LYS E 162 59.97 34.98 37.87
CA LYS E 162 59.80 36.21 37.11
C LYS E 162 60.51 36.14 35.76
N ASP E 163 59.89 36.76 34.76
CA ASP E 163 60.47 37.01 33.44
C ASP E 163 60.81 35.71 32.71
N TYR E 164 59.76 35.07 32.19
CA TYR E 164 59.90 33.93 31.30
C TYR E 164 58.97 34.10 30.11
N PHE E 165 59.12 33.21 29.13
CA PHE E 165 58.31 33.23 27.92
C PHE E 165 58.52 31.93 27.15
N PRO E 166 57.45 31.29 26.66
CA PRO E 166 56.09 31.73 26.92
C PRO E 166 55.42 30.94 28.05
N GLU E 167 54.14 31.19 28.28
CA GLU E 167 53.35 30.38 29.20
C GLU E 167 53.40 28.93 28.74
N PRO E 168 53.39 27.96 29.67
CA PRO E 168 53.33 28.07 31.13
C PRO E 168 54.58 27.63 31.88
N VAL E 169 54.46 27.60 33.20
CA VAL E 169 55.53 27.13 34.09
C VAL E 169 54.89 26.27 35.18
N THR E 170 55.40 25.05 35.34
CA THR E 170 54.92 24.17 36.40
C THR E 170 55.76 24.36 37.65
N VAL E 171 55.11 24.30 38.81
CA VAL E 171 55.79 24.50 40.09
C VAL E 171 55.28 23.47 41.08
N SER E 172 56.19 22.67 41.63
CA SER E 172 55.90 21.75 42.72
C SER E 172 56.83 22.06 43.89
N TRP E 173 56.41 21.64 45.07
CA TRP E 173 57.17 21.89 46.30
C TRP E 173 57.70 20.57 46.84
N ASN E 174 59.00 20.56 47.20
CA ASN E 174 59.69 19.37 47.70
C ASN E 174 59.62 18.24 46.67
N SER E 175 59.86 18.59 45.41
CA SER E 175 59.84 17.66 44.27
C SER E 175 58.54 16.88 44.17
N GLY E 176 57.43 17.43 44.66
CA GLY E 176 56.15 16.74 44.66
C GLY E 176 55.67 16.30 46.02
N ALA E 177 56.55 16.28 47.03
CA ALA E 177 56.15 15.80 48.34
C ALA E 177 55.14 16.75 49.00
N LEU E 178 55.47 18.04 49.06
CA LEU E 178 54.59 19.02 49.68
C LEU E 178 53.42 19.34 48.75
N THR E 179 52.19 19.11 49.23
CA THR E 179 51.02 19.29 48.36
C THR E 179 49.92 20.04 49.08
N SER E 180 49.82 19.88 50.39
CA SER E 180 48.78 20.55 51.13
C SER E 180 49.13 22.02 51.32
N GLY E 181 48.15 22.89 51.07
CA GLY E 181 48.33 24.31 51.27
C GLY E 181 49.11 25.02 50.18
N VAL E 182 49.41 24.34 49.07
CA VAL E 182 50.11 25.00 47.97
C VAL E 182 49.12 25.85 47.18
N HIS E 183 49.61 26.95 46.62
CA HIS E 183 48.75 27.88 45.88
C HIS E 183 49.63 28.59 44.84
N THR E 184 49.55 28.13 43.59
CA THR E 184 50.27 28.74 42.48
C THR E 184 49.33 29.70 41.76
N PHE E 185 49.80 30.93 41.58
CA PHE E 185 48.94 32.00 41.06
C PHE E 185 49.14 32.19 39.57
N PRO E 186 48.06 32.49 38.85
CA PRO E 186 48.16 32.81 37.42
C PRO E 186 49.22 33.88 37.17
N ALA E 187 49.88 33.78 36.00
CA ALA E 187 51.00 34.63 35.68
C ALA E 187 50.55 36.07 35.41
N VAL E 188 51.51 36.91 35.06
CA VAL E 188 51.27 38.32 34.76
C VAL E 188 52.08 38.70 33.53
N LEU E 189 51.42 39.29 32.53
CA LEU E 189 52.09 39.70 31.30
C LEU E 189 52.53 41.14 31.46
N GLN E 190 53.79 41.34 31.82
CA GLN E 190 54.32 42.69 31.96
C GLN E 190 54.56 43.32 30.58
N SER E 191 54.72 44.63 30.58
CA SER E 191 54.88 45.36 29.32
C SER E 191 56.12 44.92 28.56
N SER E 192 57.13 44.39 29.27
CA SER E 192 58.30 43.84 28.60
C SER E 192 57.95 42.67 27.68
N GLY E 193 56.82 42.01 27.92
CA GLY E 193 56.42 40.86 27.14
C GLY E 193 56.69 39.51 27.76
N LEU E 194 57.04 39.48 29.05
CA LEU E 194 57.43 38.25 29.73
C LEU E 194 56.54 38.01 30.94
N TYR E 195 56.19 36.75 31.17
CA TYR E 195 55.34 36.39 32.28
C TYR E 195 56.15 36.28 33.57
N SER E 196 55.51 36.64 34.68
CA SER E 196 56.09 36.50 36.01
C SER E 196 55.06 35.82 36.90
N LEU E 197 55.44 34.71 37.52
CA LEU E 197 54.55 33.87 38.29
C LEU E 197 54.83 34.03 39.78
N SER E 198 54.14 33.24 40.60
CA SER E 198 54.34 33.24 42.05
C SER E 198 53.60 32.07 42.69
N SER E 199 54.32 31.25 43.45
CA SER E 199 53.73 30.15 44.21
C SER E 199 53.92 30.40 45.69
N VAL E 200 52.96 29.97 46.49
CA VAL E 200 52.96 30.23 47.93
C VAL E 200 52.30 29.05 48.64
N VAL E 201 52.96 28.56 49.69
CA VAL E 201 52.39 27.54 50.56
C VAL E 201 52.23 28.12 51.96
N THR E 202 51.20 27.64 52.66
CA THR E 202 50.94 28.01 54.05
C THR E 202 51.24 26.79 54.91
N VAL E 203 52.27 26.90 55.73
CA VAL E 203 52.77 25.78 56.52
C VAL E 203 52.68 26.18 57.99
N PRO E 204 52.67 25.20 58.90
CA PRO E 204 52.67 25.53 60.33
C PRO E 204 53.90 26.33 60.71
N SER E 205 53.74 27.20 61.71
CA SER E 205 54.82 28.09 62.13
C SER E 205 56.02 27.30 62.64
N SER E 206 55.77 26.31 63.51
CA SER E 206 56.85 25.54 64.11
C SER E 206 57.66 24.76 63.08
N SER E 207 57.11 24.53 61.89
CA SER E 207 57.83 23.80 60.84
C SER E 207 59.05 24.55 60.33
N LEU E 208 59.24 25.81 60.73
CA LEU E 208 60.37 26.61 60.25
C LEU E 208 61.72 26.01 60.63
N GLY E 209 61.78 25.20 61.69
CA GLY E 209 63.04 24.66 62.16
C GLY E 209 63.03 23.16 62.36
N THR E 210 63.54 22.42 61.38
CA THR E 210 64.01 23.00 60.12
C THR E 210 63.57 22.13 58.95
N GLN E 211 62.25 22.06 58.74
CA GLN E 211 61.71 21.36 57.58
C GLN E 211 62.12 22.12 56.32
N THR E 212 62.96 21.49 55.51
CA THR E 212 63.45 22.13 54.30
C THR E 212 62.32 22.25 53.27
N TYR E 213 62.25 23.41 52.61
CA TYR E 213 61.23 23.68 51.61
C TYR E 213 61.92 23.96 50.28
N ILE E 214 61.88 22.98 49.39
CA ILE E 214 62.48 23.09 48.06
C ILE E 214 61.38 23.42 47.06
N CYS E 215 61.59 24.49 46.30
CA CYS E 215 60.65 24.95 45.29
C CYS E 215 61.14 24.51 43.92
N ASN E 216 60.33 23.71 43.23
CA ASN E 216 60.71 23.13 41.94
C ASN E 216 60.01 23.91 40.82
N VAL E 217 60.81 24.63 40.03
CA VAL E 217 60.32 25.40 38.90
C VAL E 217 60.74 24.70 37.61
N ASN E 218 59.81 24.60 36.66
CA ASN E 218 60.11 23.98 35.39
C ASN E 218 59.50 24.83 34.28
N HIS E 219 60.29 25.06 33.22
CA HIS E 219 59.84 25.82 32.04
C HIS E 219 60.34 25.08 30.80
N LYS E 220 59.52 24.16 30.30
CA LYS E 220 59.93 23.30 29.20
C LYS E 220 60.33 24.07 27.92
N PRO E 221 59.61 25.13 27.48
CA PRO E 221 60.01 25.80 26.23
C PRO E 221 61.43 26.35 26.23
N SER E 222 62.14 26.23 27.35
CA SER E 222 63.55 26.57 27.41
C SER E 222 64.38 25.46 28.03
N ASN E 223 63.77 24.31 28.34
CA ASN E 223 64.40 23.21 29.09
C ASN E 223 65.29 23.75 30.21
N THR E 224 64.69 24.61 31.05
CA THR E 224 65.39 25.28 32.14
C THR E 224 64.62 25.04 33.43
N LYS E 225 64.83 23.88 34.04
CA LYS E 225 64.33 23.65 35.38
C LYS E 225 65.32 24.20 36.40
N VAL E 226 64.80 24.62 37.55
CA VAL E 226 65.62 25.16 38.63
C VAL E 226 64.99 24.78 39.96
N ASP E 227 65.77 24.87 41.02
CA ASP E 227 65.31 24.67 42.38
C ASP E 227 65.80 25.81 43.25
N LYS E 228 65.12 26.02 44.38
CA LYS E 228 65.52 27.04 45.34
C LYS E 228 64.91 26.70 46.69
N LYS E 229 65.61 27.10 47.75
CA LYS E 229 65.19 26.83 49.12
C LYS E 229 64.82 28.14 49.81
N VAL E 230 63.85 28.05 50.72
CA VAL E 230 63.36 29.21 51.46
C VAL E 230 63.63 28.98 52.94
N GLU E 231 64.12 30.02 53.62
CA GLU E 231 64.40 29.98 55.04
C GLU E 231 64.48 31.40 55.55
N PRO E 232 63.92 31.71 56.72
CA PRO E 232 63.87 33.08 57.26
C PRO E 232 65.26 33.68 57.46
N SER F 4 33.58 32.14 18.69
CA SER F 4 32.17 32.45 18.44
C SER F 4 31.61 33.35 19.56
N TYR F 5 30.41 33.87 19.32
CA TYR F 5 29.75 34.72 20.31
C TYR F 5 29.36 33.89 21.53
N VAL F 6 29.02 34.60 22.62
CA VAL F 6 28.66 33.98 23.89
C VAL F 6 27.35 34.59 24.37
N ARG F 7 26.41 33.73 24.76
CA ARG F 7 25.12 34.16 25.29
C ARG F 7 25.09 33.92 26.79
N PRO F 8 24.96 34.97 27.61
CA PRO F 8 25.01 34.79 29.06
C PRO F 8 23.67 34.35 29.62
N LEU F 9 23.74 33.42 30.59
CA LEU F 9 22.57 32.96 31.33
C LEU F 9 22.89 33.00 32.81
N SER F 10 21.89 33.34 33.62
CA SER F 10 22.05 33.41 35.07
C SER F 10 20.98 32.56 35.74
N VAL F 11 21.41 31.69 36.66
CA VAL F 11 20.53 30.82 37.42
C VAL F 11 20.87 30.96 38.90
N ALA F 12 19.84 31.04 39.72
CA ALA F 12 20.05 31.19 41.16
C ALA F 12 20.53 29.87 41.78
N LEU F 13 21.34 30.00 42.82
CA LEU F 13 21.91 28.84 43.49
C LEU F 13 20.80 27.93 44.02
N GLY F 14 20.77 26.70 43.51
CA GLY F 14 19.78 25.72 43.90
C GLY F 14 18.65 25.53 42.90
N GLU F 15 18.43 26.50 42.02
CA GLU F 15 17.35 26.43 41.04
C GLU F 15 17.70 25.38 39.96
N THR F 16 16.90 25.37 38.90
CA THR F 16 17.11 24.47 37.77
C THR F 16 17.39 25.28 36.52
N ALA F 17 18.47 24.94 35.83
CA ALA F 17 18.90 25.67 34.64
C ALA F 17 18.33 25.03 33.39
N SER F 18 17.82 25.86 32.48
CA SER F 18 17.27 25.43 31.20
C SER F 18 18.08 26.11 30.10
N ILE F 19 19.01 25.37 29.50
CA ILE F 19 19.91 25.90 28.48
C ILE F 19 19.39 25.49 27.12
N SER F 20 18.87 26.45 26.36
CA SER F 20 18.33 26.18 25.04
C SER F 20 19.45 26.09 24.02
N CYS F 21 19.29 25.19 23.05
CA CYS F 21 20.30 25.00 22.02
C CYS F 21 20.31 26.18 21.05
N GLY F 22 21.49 26.44 20.47
CA GLY F 22 21.65 27.61 19.63
C GLY F 22 20.94 27.49 18.29
N ARG F 23 20.94 26.29 17.71
CA ARG F 23 20.31 26.06 16.42
C ARG F 23 19.30 24.93 16.54
N GLN F 24 18.08 25.17 16.05
CA GLN F 24 17.03 24.17 16.11
C GLN F 24 17.12 23.24 14.90
N ALA F 25 16.69 22.00 15.09
CA ALA F 25 16.89 20.96 14.10
C ALA F 25 15.84 21.04 12.98
N LEU F 26 16.28 20.72 11.77
CA LEU F 26 15.38 20.63 10.62
C LEU F 26 14.75 19.25 10.47
N GLY F 27 15.42 18.21 10.97
CA GLY F 27 14.89 16.87 10.94
C GLY F 27 15.18 16.12 12.24
N SER F 28 15.23 14.79 12.18
CA SER F 28 15.61 14.02 13.34
C SER F 28 17.04 14.35 13.73
N ARG F 29 17.28 14.49 15.04
CA ARG F 29 18.50 15.09 15.55
C ARG F 29 19.29 14.13 16.42
N ALA F 30 20.55 14.49 16.65
CA ALA F 30 21.44 13.79 17.57
C ALA F 30 22.37 14.84 18.15
N VAL F 31 22.03 15.36 19.33
CA VAL F 31 22.66 16.54 19.90
C VAL F 31 23.55 16.13 21.06
N GLN F 32 24.79 16.65 21.07
CA GLN F 32 25.74 16.43 22.14
C GLN F 32 25.91 17.71 22.96
N TRP F 33 25.97 17.55 24.28
CA TRP F 33 26.16 18.66 25.20
C TRP F 33 27.54 18.56 25.85
N TYR F 34 28.31 19.65 25.76
CA TYR F 34 29.65 19.71 26.34
C TYR F 34 29.71 20.79 27.40
N GLN F 35 30.40 20.48 28.50
CA GLN F 35 30.71 21.45 29.54
C GLN F 35 32.16 21.90 29.37
N HIS F 36 32.41 23.18 29.58
CA HIS F 36 33.76 23.71 29.35
C HIS F 36 33.99 24.95 30.19
N ARG F 37 34.96 24.87 31.10
CA ARG F 37 35.46 26.04 31.79
C ARG F 37 36.80 26.44 31.18
N PRO F 38 36.96 27.66 30.69
CA PRO F 38 38.17 28.01 29.92
C PRO F 38 39.45 27.71 30.67
N GLY F 39 40.44 27.19 29.95
CA GLY F 39 41.65 26.70 30.58
C GLY F 39 41.55 25.28 31.10
N GLN F 40 40.68 24.46 30.50
CA GLN F 40 40.44 23.11 31.00
C GLN F 40 39.78 22.31 29.89
N ALA F 41 39.96 21.00 29.94
CA ALA F 41 39.45 20.12 28.90
C ALA F 41 37.93 20.02 29.00
N PRO F 42 37.20 20.15 27.89
CA PRO F 42 35.74 20.03 27.95
C PRO F 42 35.29 18.66 28.43
N ILE F 43 34.08 18.62 28.99
CA ILE F 43 33.50 17.41 29.57
C ILE F 43 32.22 17.11 28.81
N LEU F 44 32.21 16.00 28.06
CA LEU F 44 31.01 15.58 27.35
C LEU F 44 29.91 15.23 28.32
N LEU F 45 28.84 16.03 28.35
CA LEU F 45 27.77 15.83 29.31
C LEU F 45 26.75 14.81 28.82
N ILE F 46 26.32 14.94 27.58
CA ILE F 46 25.30 14.07 27.00
C ILE F 46 25.64 13.86 25.53
N TYR F 47 25.64 12.60 25.08
CA TYR F 47 26.02 12.34 23.70
C TYR F 47 24.79 12.13 22.81
N ASN F 48 24.15 10.98 22.90
CA ASN F 48 22.86 10.84 22.23
C ASN F 48 21.82 11.66 22.99
N ASN F 49 20.97 12.39 22.25
CA ASN F 49 20.02 13.38 22.75
C ASN F 49 19.79 13.40 24.26
N GLN F 50 19.68 12.22 24.87
CA GLN F 50 19.51 12.10 26.31
C GLN F 50 20.52 11.16 26.97
N ASP F 51 21.34 10.45 26.21
CA ASP F 51 22.31 9.54 26.79
C ASP F 51 23.47 10.31 27.41
N ARG F 52 23.74 10.04 28.69
CA ARG F 52 24.85 10.69 29.37
C ARG F 52 25.90 9.65 29.77
N PRO F 53 27.18 9.97 29.65
CA PRO F 53 28.23 9.00 30.01
C PRO F 53 28.30 8.79 31.52
N SER F 54 29.14 7.84 31.91
CA SER F 54 29.34 7.55 33.32
C SER F 54 30.19 8.62 33.98
N GLY F 55 29.92 8.84 35.28
CA GLY F 55 30.59 9.90 36.01
C GLY F 55 29.92 11.25 35.91
N ILE F 56 28.65 11.29 35.55
CA ILE F 56 27.90 12.53 35.43
C ILE F 56 26.57 12.35 36.15
N PRO F 57 26.25 13.17 37.15
CA PRO F 57 25.07 12.92 37.97
C PRO F 57 23.78 13.05 37.17
N GLU F 58 22.73 12.44 37.70
CA GLU F 58 21.43 12.44 37.04
C GLU F 58 20.82 13.83 36.91
N ARG F 59 21.39 14.83 37.59
CA ARG F 59 20.87 16.19 37.50
C ARG F 59 21.14 16.85 36.14
N PHE F 60 21.95 16.22 35.29
CA PHE F 60 22.17 16.68 33.93
C PHE F 60 21.31 15.85 32.99
N SER F 61 20.38 16.51 32.30
CA SER F 61 19.38 15.81 31.51
C SER F 61 19.17 16.52 30.17
N GLY F 62 18.91 15.73 29.13
CA GLY F 62 18.65 16.25 27.81
C GLY F 62 17.31 15.75 27.29
N THR F 63 16.83 16.39 26.22
CA THR F 63 15.51 16.06 25.71
C THR F 63 15.59 15.05 24.58
N PRO F 64 14.84 13.96 24.65
CA PRO F 64 14.89 12.95 23.59
C PRO F 64 14.14 13.39 22.34
N ASP F 65 14.51 12.77 21.22
CA ASP F 65 13.89 13.05 19.93
C ASP F 65 12.76 12.05 19.72
N ILE F 66 11.59 12.36 20.25
CA ILE F 66 10.42 11.51 20.10
C ILE F 66 9.61 11.99 18.91
N ASN F 67 8.97 13.14 19.06
CA ASN F 67 8.23 13.78 17.99
C ASN F 67 8.98 15.01 17.52
N PHE F 68 8.94 15.26 16.21
CA PHE F 68 9.60 16.46 15.68
C PHE F 68 8.92 17.71 16.22
N GLY F 69 9.72 18.73 16.50
CA GLY F 69 9.19 19.96 17.06
C GLY F 69 9.80 20.30 18.40
N THR F 70 10.05 19.28 19.23
CA THR F 70 10.65 19.50 20.54
C THR F 70 12.08 20.02 20.37
N ARG F 71 12.39 21.11 21.07
CA ARG F 71 13.71 21.71 21.00
C ARG F 71 14.69 20.96 21.91
N ALA F 72 15.97 21.07 21.59
CA ALA F 72 17.02 20.44 22.37
C ALA F 72 17.43 21.38 23.50
N THR F 73 17.23 20.94 24.74
CA THR F 73 17.55 21.77 25.90
C THR F 73 18.26 20.93 26.94
N LEU F 74 19.40 21.44 27.42
CA LEU F 74 20.12 20.83 28.53
C LEU F 74 19.56 21.37 29.84
N THR F 75 19.16 20.47 30.74
CA THR F 75 18.55 20.84 32.01
C THR F 75 19.46 20.43 33.15
N ILE F 76 19.93 21.42 33.92
CA ILE F 76 20.78 21.20 35.09
C ILE F 76 19.96 21.53 36.31
N SER F 77 19.65 20.52 37.12
CA SER F 77 18.83 20.70 38.32
C SER F 77 19.70 20.83 39.55
N GLY F 78 19.22 21.60 40.53
CA GLY F 78 19.97 21.87 41.73
C GLY F 78 21.33 22.49 41.42
N VAL F 79 21.31 23.66 40.79
CA VAL F 79 22.54 24.26 40.28
C VAL F 79 23.43 24.67 41.44
N GLU F 80 24.71 24.33 41.34
CA GLU F 80 25.72 24.70 42.32
C GLU F 80 26.77 25.60 41.68
N ALA F 81 27.64 26.15 42.52
CA ALA F 81 28.67 27.07 42.03
C ALA F 81 29.63 26.38 41.07
N GLY F 82 29.77 25.06 41.18
CA GLY F 82 30.63 24.33 40.26
C GLY F 82 30.09 24.28 38.85
N ASP F 83 28.78 24.44 38.68
CA ASP F 83 28.17 24.38 37.36
C ASP F 83 28.47 25.59 36.49
N GLU F 84 29.31 26.52 36.95
CA GLU F 84 29.69 27.67 36.16
C GLU F 84 30.68 27.26 35.08
N ALA F 85 30.29 27.38 33.82
CA ALA F 85 31.14 27.04 32.68
C ALA F 85 30.43 27.47 31.41
N ASP F 86 31.08 27.22 30.28
CA ASP F 86 30.45 27.36 28.97
C ASP F 86 29.81 26.03 28.59
N TYR F 87 28.58 26.08 28.10
CA TYR F 87 27.84 24.89 27.69
C TYR F 87 27.59 24.97 26.19
N TYR F 88 28.06 23.96 25.46
CA TYR F 88 28.00 23.93 24.00
C TYR F 88 26.96 22.92 23.54
N CYS F 89 26.28 23.25 22.43
CA CYS F 89 25.27 22.39 21.84
C CYS F 89 25.78 21.92 20.48
N HIS F 90 26.30 20.71 20.42
CA HIS F 90 26.73 20.11 19.16
C HIS F 90 25.52 19.47 18.50
N MET F 91 25.01 20.11 17.45
CA MET F 91 23.73 19.73 16.84
C MET F 91 23.96 19.00 15.53
N TRP F 92 23.41 17.79 15.43
CA TRP F 92 23.43 17.00 14.21
C TRP F 92 22.00 16.63 13.84
N ASP F 93 21.63 16.84 12.58
CA ASP F 93 20.30 16.45 12.11
C ASP F 93 20.42 15.85 10.71
N SER F 94 19.30 15.25 10.26
CA SER F 94 19.29 14.54 9.00
C SER F 94 19.26 15.47 7.79
N ARG F 95 18.84 16.72 7.97
CA ARG F 95 18.71 17.65 6.85
C ARG F 95 20.02 18.41 6.59
N SER F 96 20.58 19.03 7.61
CA SER F 96 21.83 19.76 7.45
C SER F 96 23.00 18.79 7.33
N GLY F 97 24.18 19.35 7.04
CA GLY F 97 25.33 18.54 6.74
C GLY F 97 26.09 18.04 7.94
N PHE F 98 27.42 18.08 7.85
CA PHE F 98 28.31 17.58 8.90
C PHE F 98 28.59 18.70 9.89
N SER F 99 28.26 18.47 11.16
CA SER F 99 28.35 19.50 12.20
C SER F 99 29.80 19.69 12.61
N TRP F 100 30.51 20.54 11.86
CA TRP F 100 31.89 20.86 12.23
C TRP F 100 31.92 21.80 13.42
N SER F 101 31.11 22.85 13.40
CA SER F 101 31.09 23.81 14.49
C SER F 101 30.42 23.23 15.72
N PHE F 102 30.93 23.61 16.89
CA PHE F 102 30.28 23.24 18.16
C PHE F 102 29.13 24.18 18.51
N GLY F 103 29.02 25.32 17.82
CA GLY F 103 27.94 26.25 18.05
C GLY F 103 28.35 27.45 18.86
N GLY F 104 27.35 28.09 19.46
CA GLY F 104 27.58 29.23 20.32
C GLY F 104 28.16 28.81 21.67
N ALA F 105 27.81 29.54 22.72
CA ALA F 105 28.32 29.22 24.05
C ALA F 105 27.43 29.91 25.08
N THR F 106 26.77 29.12 25.92
CA THR F 106 25.98 29.64 27.02
C THR F 106 26.88 29.75 28.24
N ARG F 107 27.09 30.98 28.72
CA ARG F 107 27.95 31.24 29.87
C ARG F 107 27.09 31.25 31.12
N LEU F 108 27.08 30.12 31.84
CA LEU F 108 26.25 29.99 33.03
C LEU F 108 26.96 30.62 34.23
N THR F 109 26.28 31.56 34.88
CA THR F 109 26.73 32.12 36.15
C THR F 109 25.69 31.81 37.21
N VAL F 110 26.14 31.38 38.37
CA VAL F 110 25.27 30.99 39.48
C VAL F 110 25.18 32.15 40.46
N LEU F 111 23.97 32.66 40.66
CA LEU F 111 23.74 33.78 41.56
C LEU F 111 23.50 33.27 42.97
N GLY F 112 23.69 34.16 43.94
CA GLY F 112 23.40 33.83 45.33
C GLY F 112 24.51 33.10 46.06
N GLN F 113 25.72 33.08 45.52
CA GLN F 113 26.83 32.45 46.22
C GLN F 113 27.22 33.30 47.43
N PRO F 114 27.80 32.69 48.47
CA PRO F 114 28.19 33.47 49.65
C PRO F 114 29.35 34.39 49.36
N LYS F 115 29.24 35.62 49.87
CA LYS F 115 30.34 36.58 49.76
C LYS F 115 31.55 36.10 50.55
N ALA F 116 32.73 36.25 49.96
CA ALA F 116 33.97 35.79 50.56
C ALA F 116 34.99 36.93 50.53
N ALA F 117 35.72 37.11 51.68
CA ALA F 117 36.67 38.21 51.84
C ALA F 117 38.08 37.76 51.47
N PRO F 118 38.87 38.67 50.91
CA PRO F 118 40.21 38.30 50.41
C PRO F 118 41.14 37.82 51.51
N SER F 119 42.27 37.28 51.06
CA SER F 119 43.38 36.85 51.92
C SER F 119 44.64 37.49 51.37
N VAL F 120 44.85 38.77 51.71
CA VAL F 120 45.98 39.51 51.18
C VAL F 120 47.27 39.04 51.85
N THR F 121 48.33 38.89 51.05
CA THR F 121 49.64 38.50 51.54
C THR F 121 50.69 39.24 50.74
N LEU F 122 51.51 40.05 51.41
CA LEU F 122 52.51 40.89 50.77
C LEU F 122 53.90 40.42 51.14
N PHE F 123 54.78 40.31 50.14
CA PHE F 123 56.15 39.89 50.33
C PHE F 123 57.12 41.03 49.99
N PRO F 124 58.21 41.17 50.74
CA PRO F 124 59.21 42.18 50.40
C PRO F 124 60.19 41.63 49.38
N PRO F 125 60.98 42.49 48.74
CA PRO F 125 61.95 42.00 47.76
C PRO F 125 62.98 41.08 48.41
N SER F 126 63.22 39.94 47.76
CA SER F 126 64.21 39.01 48.25
C SER F 126 65.61 39.64 48.16
N SER F 127 66.52 39.13 48.99
CA SER F 127 67.88 39.64 48.98
C SER F 127 68.59 39.31 47.67
N GLU F 128 68.30 38.14 47.10
CA GLU F 128 68.89 37.78 45.82
C GLU F 128 68.46 38.75 44.72
N GLU F 129 67.18 39.12 44.71
CA GLU F 129 66.69 40.08 43.72
C GLU F 129 67.31 41.45 43.96
N LEU F 130 67.33 41.91 45.22
CA LEU F 130 68.01 43.15 45.55
C LEU F 130 69.49 43.09 45.15
N GLN F 131 70.11 41.91 45.29
CA GLN F 131 71.49 41.74 44.85
C GLN F 131 71.61 41.89 43.34
N ALA F 132 70.54 41.58 42.61
CA ALA F 132 70.53 41.73 41.15
C ALA F 132 70.15 43.14 40.71
N ASN F 133 70.20 44.11 41.61
CA ASN F 133 69.87 45.51 41.32
C ASN F 133 68.43 45.67 40.85
N LYS F 134 67.55 44.78 41.29
CA LYS F 134 66.12 44.89 41.01
C LYS F 134 65.36 44.59 42.30
N ALA F 135 64.08 44.92 42.32
CA ALA F 135 63.27 44.70 43.51
C ALA F 135 61.80 44.68 43.13
N THR F 136 61.06 43.71 43.67
CA THR F 136 59.67 43.52 43.33
C THR F 136 58.86 43.22 44.58
N LEU F 137 57.78 43.98 44.79
CA LEU F 137 56.80 43.71 45.82
C LEU F 137 55.66 42.91 45.20
N VAL F 138 55.34 41.76 45.78
CA VAL F 138 54.28 40.90 45.26
C VAL F 138 53.15 40.87 46.27
N CYS F 139 51.95 41.22 45.81
CA CYS F 139 50.76 41.24 46.64
C CYS F 139 49.82 40.16 46.12
N LEU F 140 49.54 39.18 46.95
CA LEU F 140 48.81 37.98 46.54
C LEU F 140 47.47 37.94 47.25
N ILE F 141 46.39 37.97 46.47
CA ILE F 141 45.02 38.05 46.97
C ILE F 141 44.30 36.76 46.55
N SER F 142 43.56 36.17 47.48
CA SER F 142 42.95 34.87 47.23
C SER F 142 41.68 34.72 48.05
N ASP F 143 40.90 33.69 47.71
CA ASP F 143 39.75 33.25 48.50
C ASP F 143 38.66 34.30 48.61
N PHE F 144 38.47 35.11 47.57
CA PHE F 144 37.43 36.13 47.59
C PHE F 144 36.35 35.83 46.55
N TYR F 145 35.12 36.26 46.87
CA TYR F 145 33.96 36.17 46.00
C TYR F 145 33.02 37.29 46.44
N PRO F 146 32.43 38.04 45.50
CA PRO F 146 32.58 37.96 44.03
C PRO F 146 33.99 38.27 43.53
N GLY F 147 34.36 37.65 42.42
CA GLY F 147 35.70 37.79 41.88
C GLY F 147 35.99 39.14 41.25
N ALA F 148 36.16 40.16 42.09
CA ALA F 148 36.50 41.49 41.60
C ALA F 148 37.12 42.26 42.75
N VAL F 149 38.36 42.71 42.59
CA VAL F 149 39.06 43.49 43.60
C VAL F 149 39.69 44.71 42.95
N THR F 150 40.23 45.57 43.79
CA THR F 150 40.97 46.76 43.36
C THR F 150 42.18 46.89 44.28
N VAL F 151 43.35 47.11 43.68
CA VAL F 151 44.59 47.21 44.43
C VAL F 151 45.12 48.64 44.34
N ALA F 152 45.70 49.10 45.44
CA ALA F 152 46.31 50.42 45.51
C ALA F 152 47.64 50.29 46.24
N TRP F 153 48.72 50.67 45.58
CA TRP F 153 50.05 50.67 46.17
C TRP F 153 50.39 52.06 46.68
N LYS F 154 50.95 52.11 47.88
CA LYS F 154 51.31 53.38 48.51
C LYS F 154 52.73 53.29 49.04
N ALA F 155 53.60 54.19 48.57
CA ALA F 155 54.93 54.37 49.14
C ALA F 155 54.82 55.31 50.32
N ASP F 156 55.07 54.79 51.52
CA ASP F 156 54.76 55.49 52.76
C ASP F 156 53.26 55.81 52.75
N SER F 157 52.90 57.09 52.61
CA SER F 157 51.50 57.46 52.46
C SER F 157 51.13 57.90 51.05
N SER F 158 52.11 58.34 50.25
CA SER F 158 51.80 58.78 48.89
C SER F 158 51.47 57.57 48.01
N PRO F 159 50.54 57.72 47.06
CA PRO F 159 50.15 56.59 46.23
C PRO F 159 51.12 56.36 45.08
N VAL F 160 51.39 55.08 44.79
CA VAL F 160 52.26 54.66 43.71
C VAL F 160 51.40 54.04 42.62
N LYS F 161 51.57 54.51 41.39
CA LYS F 161 50.79 54.03 40.26
C LYS F 161 51.62 53.53 39.09
N ALA F 162 52.91 53.82 39.05
CA ALA F 162 53.77 53.39 37.97
C ALA F 162 54.52 52.13 38.36
N GLY F 163 54.68 51.22 37.40
CA GLY F 163 55.43 50.01 37.63
C GLY F 163 54.66 48.89 38.30
N VAL F 164 53.33 48.97 38.32
CA VAL F 164 52.49 47.97 38.97
C VAL F 164 51.74 47.20 37.89
N GLU F 165 51.72 45.87 38.03
CA GLU F 165 50.95 45.00 37.17
C GLU F 165 50.03 44.14 38.03
N THR F 166 48.81 43.91 37.55
CA THR F 166 47.80 43.22 38.34
C THR F 166 47.08 42.21 37.48
N THR F 167 46.91 40.99 37.99
CA THR F 167 46.18 39.96 37.29
C THR F 167 44.68 40.21 37.37
N THR F 168 43.97 39.88 36.30
CA THR F 168 42.52 39.78 36.39
C THR F 168 42.16 38.54 37.21
N PRO F 169 41.10 38.61 38.01
CA PRO F 169 40.78 37.48 38.90
C PRO F 169 40.58 36.18 38.13
N SER F 170 40.93 35.08 38.78
CA SER F 170 40.82 33.74 38.20
C SER F 170 40.18 32.82 39.23
N LYS F 171 39.21 32.04 38.79
CA LYS F 171 38.48 31.17 39.69
C LYS F 171 39.39 30.05 40.19
N GLN F 172 39.51 29.92 41.51
CA GLN F 172 40.26 28.82 42.09
C GLN F 172 39.43 27.54 42.04
N SER F 173 40.08 26.43 42.37
CA SER F 173 39.40 25.14 42.34
C SER F 173 38.29 25.05 43.38
N ASN F 174 38.31 25.91 44.40
CA ASN F 174 37.27 25.93 45.42
C ASN F 174 36.15 26.92 45.10
N ASN F 175 36.10 27.42 43.87
CA ASN F 175 35.09 28.34 43.35
C ASN F 175 35.21 29.75 43.91
N LYS F 176 36.29 30.07 44.61
CA LYS F 176 36.64 31.44 44.94
C LYS F 176 37.69 31.95 43.96
N TYR F 177 38.00 33.24 44.04
CA TYR F 177 38.85 33.89 43.05
C TYR F 177 40.17 34.33 43.68
N ALA F 178 41.18 34.46 42.82
CA ALA F 178 42.53 34.80 43.22
C ALA F 178 43.11 35.82 42.26
N ALA F 179 43.92 36.74 42.79
CA ALA F 179 44.55 37.77 41.99
C ALA F 179 45.94 38.07 42.54
N SER F 180 46.82 38.53 41.65
CA SER F 180 48.17 38.92 42.02
C SER F 180 48.42 40.36 41.61
N SER F 181 49.45 40.96 42.19
CA SER F 181 49.83 42.32 41.84
C SER F 181 51.30 42.50 42.16
N TYR F 182 52.07 42.99 41.19
CA TYR F 182 53.52 43.11 41.29
C TYR F 182 53.91 44.58 41.11
N LEU F 183 54.54 45.15 42.13
CA LEU F 183 55.10 46.49 42.06
C LEU F 183 56.61 46.37 41.86
N SER F 184 57.10 46.87 40.73
CA SER F 184 58.52 46.83 40.42
C SER F 184 59.13 48.20 40.70
N LEU F 185 60.16 48.22 41.53
CA LEU F 185 60.88 49.45 41.87
C LEU F 185 62.36 49.16 41.93
N THR F 186 63.16 50.21 41.77
CA THR F 186 64.59 50.08 41.88
C THR F 186 64.98 49.80 43.34
N PRO F 187 66.08 49.09 43.57
CA PRO F 187 66.47 48.79 44.96
C PRO F 187 66.77 50.03 45.79
N MET F 188 66.99 51.18 45.16
CA MET F 188 67.19 52.41 45.93
C MET F 188 65.86 53.03 46.35
N GLN F 189 64.83 52.94 45.49
CA GLN F 189 63.50 53.36 45.89
C GLN F 189 62.98 52.54 47.06
N TRP F 190 63.35 51.26 47.11
CA TRP F 190 62.91 50.40 48.21
C TRP F 190 63.53 50.81 49.53
N LYS F 191 64.79 51.24 49.51
CA LYS F 191 65.46 51.62 50.74
C LYS F 191 65.08 53.03 51.18
N MET F 192 64.92 53.95 50.21
CA MET F 192 64.75 55.36 50.53
C MET F 192 63.36 55.70 51.05
N HIS F 193 62.43 54.74 51.07
CA HIS F 193 61.11 54.96 51.64
C HIS F 193 60.99 54.18 52.95
N LYS F 194 60.07 54.63 53.80
CA LYS F 194 59.93 54.03 55.13
C LYS F 194 59.21 52.68 55.05
N SER F 195 58.07 52.65 54.37
CA SER F 195 57.32 51.40 54.19
C SER F 195 56.51 51.48 52.91
N TYR F 196 56.10 50.31 52.42
CA TYR F 196 55.24 50.17 51.26
C TYR F 196 54.01 49.37 51.63
N SER F 197 52.86 49.74 51.06
CA SER F 197 51.59 49.12 51.40
C SER F 197 50.85 48.67 50.15
N CYS F 198 50.09 47.60 50.30
CA CYS F 198 49.19 47.08 49.28
C CYS F 198 47.78 47.12 49.83
N GLN F 199 46.93 47.97 49.24
CA GLN F 199 45.57 48.18 49.72
C GLN F 199 44.60 47.50 48.75
N VAL F 200 43.97 46.44 49.22
CA VAL F 200 43.10 45.59 48.40
C VAL F 200 41.66 45.88 48.82
N THR F 201 40.88 46.45 47.91
CA THR F 201 39.48 46.77 48.16
C THR F 201 38.60 45.75 47.46
N HIS F 202 37.69 45.12 48.21
CA HIS F 202 36.80 44.09 47.70
C HIS F 202 35.40 44.36 48.20
N GLU F 203 34.44 44.49 47.27
CA GLU F 203 33.05 44.82 47.58
C GLU F 203 33.03 46.16 48.30
N GLY F 204 32.55 46.23 49.55
CA GLY F 204 32.42 47.52 50.20
C GLY F 204 33.64 47.96 51.00
N SER F 205 34.51 47.02 51.35
CA SER F 205 35.60 47.26 52.28
C SER F 205 36.95 47.26 51.57
N THR F 206 37.97 47.71 52.29
CA THR F 206 39.36 47.67 51.83
C THR F 206 40.23 47.09 52.95
N VAL F 207 41.22 46.30 52.56
CA VAL F 207 42.15 45.66 53.48
C VAL F 207 43.56 45.99 53.05
N GLU F 208 44.45 46.16 54.02
CA GLU F 208 45.81 46.62 53.77
C GLU F 208 46.81 45.62 54.35
N LYS F 209 47.92 45.44 53.64
CA LYS F 209 49.10 44.74 54.15
C LYS F 209 50.32 45.59 53.83
N THR F 210 51.16 45.82 54.83
CA THR F 210 52.30 46.72 54.69
C THR F 210 53.60 45.98 54.96
N VAL F 211 54.65 46.41 54.28
CA VAL F 211 55.96 45.78 54.44
C VAL F 211 57.03 46.87 54.30
N ALA F 212 58.12 46.71 55.06
CA ALA F 212 59.16 47.72 55.15
C ALA F 212 60.52 47.03 55.19
N PRO F 213 61.58 47.71 54.72
CA PRO F 213 62.94 47.11 54.72
C PRO F 213 63.59 47.09 56.10
N THR F 214 63.25 46.09 56.89
CA THR F 214 63.85 45.91 58.21
C THR F 214 64.58 44.57 58.28
C1 NAG G . -36.33 -27.25 -13.96
C2 NAG G . -37.76 -27.12 -13.43
C3 NAG G . -38.18 -28.41 -12.73
C4 NAG G . -37.97 -29.60 -13.65
C5 NAG G . -36.54 -29.62 -14.19
C6 NAG G . -36.32 -30.69 -15.23
C7 NAG G . -38.01 -24.73 -12.92
C8 NAG G . -38.13 -23.69 -11.84
N2 NAG G . -37.88 -25.99 -12.52
O3 NAG G . -39.55 -28.31 -12.35
O4 NAG G . -38.19 -30.81 -12.92
O5 NAG G . -36.24 -28.37 -14.83
O6 NAG G . -37.31 -30.64 -16.25
O7 NAG G . -38.01 -24.42 -14.12
C1 NAG G . -39.32 -31.53 -13.43
C2 NAG G . -39.33 -32.92 -12.77
C3 NAG G . -40.54 -33.73 -13.21
C4 NAG G . -41.82 -32.94 -12.98
C5 NAG G . -41.71 -31.56 -13.64
C6 NAG G . -42.89 -30.67 -13.34
C7 NAG G . -37.48 -34.10 -14.07
C8 NAG G . -38.20 -33.84 -15.38
N2 NAG G . -38.07 -33.65 -12.94
O3 NAG G . -40.59 -34.95 -12.47
O4 NAG G . -42.93 -33.64 -13.53
O5 NAG G . -40.55 -30.87 -13.15
O6 NAG G . -42.56 -29.66 -12.40
O7 NAG G . -36.42 -34.70 -14.04
C1 BMA G . -43.74 -34.16 -12.45
C2 BMA G . -45.20 -34.21 -12.91
C3 BMA G . -46.08 -34.81 -11.80
C4 BMA G . -45.47 -36.07 -11.14
C5 BMA G . -43.94 -35.94 -10.90
C6 BMA G . -43.29 -37.27 -10.56
O2 BMA G . -45.35 -35.07 -14.04
O3 BMA G . -47.38 -35.13 -12.31
O4 BMA G . -46.12 -36.31 -9.90
O5 BMA G . -43.31 -35.45 -12.08
O6 BMA G . -42.53 -37.13 -9.37
C1 MAN G . -43.32 -37.66 -8.27
C2 MAN G . -43.05 -36.77 -7.00
C3 MAN G . -41.99 -37.34 -5.99
C4 MAN G . -41.75 -38.85 -6.09
C5 MAN G . -41.74 -39.32 -7.54
C6 MAN G . -41.51 -40.81 -7.67
O2 MAN G . -44.24 -36.57 -6.23
O3 MAN G . -42.38 -37.02 -4.64
O4 MAN G . -40.51 -39.18 -5.48
O5 MAN G . -43.02 -39.04 -8.08
O6 MAN G . -42.71 -41.49 -7.28
C1 MAN G . -41.51 -36.08 -3.92
C2 MAN G . -41.85 -34.59 -4.42
C3 MAN G . -40.80 -34.03 -5.34
C4 MAN G . -39.44 -34.22 -4.73
C5 MAN G . -39.11 -35.70 -4.79
C6 MAN G . -37.73 -36.02 -4.24
O2 MAN G . -41.93 -33.68 -3.32
O3 MAN G . -41.02 -32.65 -5.63
O4 MAN G . -38.45 -33.50 -5.47
O5 MAN G . -40.08 -36.47 -3.99
O6 MAN G . -36.81 -35.10 -4.78
C1 MAN G . -48.41 -34.44 -11.58
C2 MAN G . -49.76 -35.10 -11.91
C3 MAN G . -50.15 -34.83 -13.37
C4 MAN G . -50.06 -33.33 -13.70
C5 MAN G . -48.68 -32.78 -13.32
C6 MAN G . -48.57 -31.28 -13.50
O2 MAN G . -50.83 -34.58 -11.12
O3 MAN G . -51.46 -35.31 -13.66
O4 MAN G . -50.26 -33.14 -15.08
O5 MAN G . -48.42 -33.06 -11.93
O6 MAN G . -47.20 -30.90 -13.34
C1 NAG H . 13.69 27.00 -0.95
C2 NAG H . 13.93 26.83 0.57
C3 NAG H . 13.63 28.14 1.31
C4 NAG H . 14.33 29.32 0.66
C5 NAG H . 14.05 29.35 -0.83
C6 NAG H . 14.80 30.44 -1.57
C7 NAG H . 13.53 24.48 1.20
C8 NAG H . 12.55 23.52 1.79
N2 NAG H . 13.12 25.75 1.11
O3 NAG H . 14.05 28.01 2.66
O4 NAG H . 13.84 30.53 1.24
O5 NAG H . 14.44 28.11 -1.43
O6 NAG H . 14.11 30.82 -2.76
O7 NAG H . 14.65 24.14 0.83
C1 NAG H . 14.79 31.19 2.09
C2 NAG H . 14.11 32.47 2.59
C3 NAG H . 15.03 33.24 3.53
C4 NAG H . 15.53 32.33 4.65
C5 NAG H . 16.15 31.05 4.07
C6 NAG H . 16.54 30.04 5.12
C7 NAG H . 12.48 33.24 0.93
C8 NAG H . 12.23 34.18 -0.22
N2 NAG H . 13.70 33.30 1.47
O3 NAG H . 14.33 34.34 4.07
O4 NAG H . 16.50 33.03 5.42
O5 NAG H . 15.21 30.39 3.20
O6 NAG H . 15.45 29.76 6.00
O7 NAG H . 11.62 32.48 1.35
C1 BMA H . 16.16 33.04 6.82
C2 BMA H . 17.49 33.01 7.62
C3 BMA H . 17.20 33.06 9.11
C4 BMA H . 16.23 34.20 9.48
C5 BMA H . 14.97 34.13 8.59
C6 BMA H . 14.01 35.27 8.84
O2 BMA H . 18.28 34.15 7.32
O3 BMA H . 18.41 33.19 9.88
O4 BMA H . 15.85 34.08 10.84
O5 BMA H . 15.38 34.16 7.20
O6 BMA H . 14.72 36.50 8.71
C1 NAG I . -8.49 0.63 -0.67
C2 NAG I . -7.86 1.99 -0.93
C3 NAG I . -7.43 2.64 0.39
C4 NAG I . -8.61 2.70 1.36
C5 NAG I . -9.23 1.32 1.53
C6 NAG I . -10.50 1.35 2.33
C7 NAG I . -6.62 2.56 -2.96
C8 NAG I . -5.38 2.33 -3.76
N2 NAG I . -6.72 1.88 -1.82
O3 NAG I . -6.95 3.95 0.14
O4 NAG I . -8.18 3.16 2.64
O5 NAG I . -9.58 0.77 0.24
O6 NAG I . -11.64 1.02 1.54
O7 NAG I . -7.50 3.33 -3.34
C1 NAG I . -8.66 4.50 2.86
C2 NAG I . -9.11 4.65 4.31
C3 NAG I . -9.55 6.09 4.57
C4 NAG I . -8.43 7.05 4.20
C5 NAG I . -8.00 6.82 2.76
C6 NAG I . -6.80 7.66 2.35
C7 NAG I . -9.99 2.68 5.48
C8 NAG I . -11.19 1.82 5.74
N2 NAG I . -10.16 3.72 4.66
O3 NAG I . -9.90 6.25 5.94
O4 NAG I . -8.86 8.39 4.38
O5 NAG I . -7.62 5.45 2.57
O6 NAG I . -5.61 6.88 2.35
O7 NAG I . -8.90 2.44 6.00
C1 BMA I . -8.03 8.99 5.40
C2 BMA I . -7.87 10.51 5.10
C3 BMA I . -6.96 11.13 6.15
C4 BMA I . -7.43 10.79 7.59
C5 BMA I . -7.69 9.27 7.75
C6 BMA I . -8.31 8.92 9.09
O2 BMA I . -9.12 11.17 5.18
O3 BMA I . -6.88 12.54 5.99
O4 BMA I . -6.43 11.19 8.52
O5 BMA I . -8.58 8.83 6.71
O6 BMA I . -9.69 9.27 9.05
C1 NAG J . -0.10 -3.03 7.05
C2 NAG J . 0.58 -4.24 7.65
C3 NAG J . -0.40 -5.00 8.55
C4 NAG J . -1.04 -4.08 9.57
C5 NAG J . -1.61 -2.82 8.89
C6 NAG J . -2.08 -1.78 9.87
C7 NAG J . 2.27 -4.92 6.01
C8 NAG J . 2.65 -5.92 4.94
N2 NAG J . 1.10 -5.12 6.60
O3 NAG J . 0.30 -6.05 9.22
O4 NAG J . -2.11 -4.75 10.21
O5 NAG J . -0.59 -2.20 8.10
O6 NAG J . -1.22 -0.65 9.90
O7 NAG J . 3.01 -3.97 6.30
C1 NAG J . -1.90 -4.84 11.63
C2 NAG J . -3.26 -4.74 12.32
C3 NAG J . -3.11 -4.89 13.83
C4 NAG J . -2.34 -6.17 14.16
C5 NAG J . -1.02 -6.19 13.41
C6 NAG J . -0.24 -7.47 13.61
C7 NAG J . -5.00 -3.40 11.21
C8 NAG J . -5.54 -2.02 11.00
N2 NAG J . -3.92 -3.48 12.00
O3 NAG J . -4.40 -4.94 14.43
O4 NAG J . -2.09 -6.24 15.56
O5 NAG J . -1.26 -6.07 12.00
O6 NAG J . 0.39 -7.51 14.89
O7 NAG J . -5.51 -4.39 10.70
C1 NAG K . 3.22 17.71 10.21
C2 NAG K . 2.96 17.04 11.56
C3 NAG K . 1.90 17.83 12.33
C4 NAG K . 2.30 19.29 12.45
C5 NAG K . 2.61 19.87 11.07
C6 NAG K . 3.15 21.28 11.13
C7 NAG K . 3.27 14.62 11.81
C8 NAG K . 2.68 13.26 11.56
N2 NAG K . 2.54 15.66 11.39
O3 NAG K . 1.74 17.25 13.63
O4 NAG K . 1.22 20.05 13.00
O5 NAG K . 3.61 19.06 10.42
O6 NAG K . 3.89 21.60 9.96
O7 NAG K . 4.35 14.77 12.38
C1 NAG K . 1.39 20.26 14.42
C2 NAG K . 0.77 21.62 14.78
C3 NAG K . 0.86 21.85 16.29
C4 NAG K . 0.23 20.68 17.04
C5 NAG K . 0.86 19.37 16.60
C6 NAG K . 0.20 18.15 17.20
C7 NAG K . 0.92 23.26 12.96
C8 NAG K . 1.73 24.37 12.36
N2 NAG K . 1.43 22.70 14.06
O3 NAG K . 0.18 23.05 16.62
O4 NAG K . 0.41 20.84 18.44
O5 NAG K . 0.75 19.22 15.17
O6 NAG K . 1.00 17.58 18.23
O7 NAG K . -0.14 22.88 12.47
C1 NAG L . 7.68 -1.24 5.81
C2 NAG L . 7.30 -0.64 7.14
C3 NAG L . 8.36 0.36 7.58
C4 NAG L . 9.72 -0.34 7.62
C5 NAG L . 10.01 -1.13 6.33
C6 NAG L . 11.18 -2.07 6.50
C7 NAG L . 5.36 0.87 6.49
C8 NAG L . 6.20 1.55 5.43
N2 NAG L . 5.94 -0.10 7.22
O3 NAG L . 8.02 0.89 8.85
O4 NAG L . 10.76 0.63 7.77
O5 NAG L . 8.90 -1.96 5.94
O6 NAG L . 10.99 -2.96 7.59
O7 NAG L . 4.20 1.20 6.68
C1 NAG L . 11.06 0.80 9.17
C2 NAG L . 12.58 0.79 9.38
C3 NAG L . 12.92 1.05 10.85
C4 NAG L . 12.20 2.30 11.36
C5 NAG L . 10.71 2.25 11.03
C6 NAG L . 9.97 3.52 11.37
C7 NAG L . 14.38 -0.60 8.46
C8 NAG L . 14.80 -1.99 8.07
N2 NAG L . 13.14 -0.48 8.95
O3 NAG L . 14.32 1.22 10.98
O4 NAG L . 12.31 2.38 12.78
O5 NAG L . 10.53 2.04 9.62
O6 NAG L . 9.62 4.25 10.21
O7 NAG L . 15.13 0.36 8.35
C1 BMA L . 13.37 3.25 13.19
C2 BMA L . 12.79 4.15 14.30
C3 BMA L . 13.89 4.82 15.13
C4 BMA L . 15.01 3.83 15.49
C5 BMA L . 15.54 3.17 14.21
C6 BMA L . 16.64 2.16 14.48
O2 BMA L . 12.01 3.37 15.20
O3 BMA L . 13.32 5.39 16.32
O4 BMA L . 16.09 4.48 16.16
O5 BMA L . 14.45 2.46 13.62
O6 BMA L . 16.16 1.28 15.51
C1 MAN L . 13.94 6.64 16.67
C2 MAN L . 13.33 7.08 18.05
C3 MAN L . 11.96 7.73 17.88
C4 MAN L . 12.02 8.81 16.82
C5 MAN L . 12.43 8.18 15.50
C6 MAN L . 12.47 9.17 14.35
O2 MAN L . 14.14 8.06 18.70
O3 MAN L . 11.48 8.27 19.10
O4 MAN L . 10.76 9.42 16.67
O5 MAN L . 13.76 7.63 15.64
O6 MAN L . 13.84 9.47 14.07
C1 MAN L . 14.70 7.48 19.89
C2 MAN L . 14.91 8.61 20.93
C3 MAN L . 16.01 9.55 20.45
C4 MAN L . 17.28 8.77 20.06
C5 MAN L . 16.93 7.68 19.04
C6 MAN L . 18.11 6.81 18.64
O2 MAN L . 15.39 8.09 22.18
O3 MAN L . 16.31 10.56 21.41
O4 MAN L . 18.25 9.65 19.51
O5 MAN L . 15.92 6.83 19.59
O6 MAN L . 18.76 6.38 19.84
C1 MAN L . 14.30 7.84 23.10
C2 MAN L . 14.87 7.86 24.53
C3 MAN L . 15.86 6.70 24.70
C4 MAN L . 15.31 5.34 24.16
C5 MAN L . 14.61 5.50 22.80
C6 MAN L . 13.82 4.28 22.39
O2 MAN L . 13.85 7.64 25.51
O3 MAN L . 16.26 6.55 26.06
O4 MAN L . 16.38 4.43 24.02
O5 MAN L . 13.70 6.61 22.82
O6 MAN L . 12.88 4.68 21.40
C1 MAN L . 16.98 0.11 15.61
C2 MAN L . 16.24 -0.90 16.54
C3 MAN L . 16.26 -0.40 17.98
C4 MAN L . 17.70 -0.05 18.42
C5 MAN L . 18.27 0.99 17.45
C6 MAN L . 19.69 1.43 17.76
O2 MAN L . 16.87 -2.18 16.55
O3 MAN L . 15.69 -1.33 18.89
O4 MAN L . 17.69 0.49 19.73
O5 MAN L . 18.26 0.43 16.11
O6 MAN L . 20.59 0.33 17.55
C1 MAN L . 21.85 0.64 18.18
C2 MAN L . 22.89 -0.40 17.72
C3 MAN L . 22.40 -1.76 18.18
C4 MAN L . 22.24 -1.80 19.71
C5 MAN L . 21.31 -0.66 20.17
C6 MAN L . 21.28 -0.49 21.67
O2 MAN L . 24.12 -0.15 18.42
O3 MAN L . 23.23 -2.83 17.73
O4 MAN L . 21.69 -3.03 20.11
O5 MAN L . 21.73 0.61 19.59
O6 MAN L . 20.43 0.61 21.98
C1 MAN L . 25.31 -0.55 17.69
C2 MAN L . 26.52 0.08 18.46
C3 MAN L . 26.62 1.56 18.14
C4 MAN L . 26.73 1.77 16.64
C5 MAN L . 25.48 1.23 15.95
C6 MAN L . 25.55 1.32 14.44
O2 MAN L . 27.77 -0.49 18.01
O3 MAN L . 27.71 2.17 18.82
O4 MAN L . 26.86 3.17 16.35
O5 MAN L . 25.28 -0.18 16.29
O6 MAN L . 25.08 0.09 13.90
C1 MAN L . 14.33 -0.97 19.17
C2 MAN L . 13.98 -1.46 20.61
C3 MAN L . 12.66 -2.27 20.64
C4 MAN L . 12.57 -3.35 19.50
C5 MAN L . 13.41 -2.96 18.28
C6 MAN L . 12.82 -3.45 16.96
O2 MAN L . 13.77 -0.36 21.50
O3 MAN L . 11.51 -1.42 20.64
O4 MAN L . 13.00 -4.62 19.99
O5 MAN L . 13.49 -1.53 18.20
O6 MAN L . 13.80 -3.26 15.95
C1 NAG M . -9.28 -6.59 3.27
C2 NAG M . -10.50 -5.77 2.92
C3 NAG M . -11.65 -6.20 3.82
C4 NAG M . -11.85 -7.71 3.77
C5 NAG M . -10.55 -8.50 3.82
C6 NAG M . -10.70 -9.92 3.32
C7 NAG M . -10.18 -3.53 2.01
C8 NAG M . -9.89 -2.09 2.32
N2 NAG M . -10.23 -4.36 3.06
O3 NAG M . -12.83 -5.54 3.40
O4 NAG M . -12.62 -8.08 4.90
O5 NAG M . -9.52 -7.92 3.00
O6 NAG M . -10.87 -9.95 1.91
O7 NAG M . -10.36 -3.92 0.86
C1 NAG M . -13.80 -8.82 4.54
C2 NAG M . -14.08 -9.82 5.68
C3 NAG M . -15.37 -10.58 5.40
C4 NAG M . -16.52 -9.61 5.13
C5 NAG M . -16.13 -8.64 4.01
C6 NAG M . -17.18 -7.58 3.76
C7 NAG M . -11.84 -10.44 6.48
C8 NAG M . -10.81 -11.52 6.55
N2 NAG M . -12.97 -10.74 5.84
O3 NAG M . -15.69 -11.40 6.52
O4 NAG M . -17.69 -10.34 4.73
O5 NAG M . -14.93 -7.96 4.38
O6 NAG M . -17.39 -6.78 4.90
O7 NAG M . -11.66 -9.33 6.98
C1 NAG N . -49.29 -20.90 -44.56
C2 NAG N . -50.54 -21.10 -45.44
C3 NAG N . -50.16 -21.16 -46.91
C4 NAG N . -49.31 -19.97 -47.32
C5 NAG N . -48.10 -19.87 -46.40
C6 NAG N . -47.25 -18.65 -46.67
C7 NAG N . -52.41 -22.26 -44.34
C8 NAG N . -53.01 -23.60 -44.03
N2 NAG N . -51.26 -22.29 -45.04
O3 NAG N . -51.33 -21.22 -47.71
O4 NAG N . -48.88 -20.10 -48.66
O5 NAG N . -48.54 -19.76 -45.04
O6 NAG N . -46.49 -18.29 -45.53
O7 NAG N . -52.93 -21.21 -43.99
C1 NAG O . -38.91 -30.75 -26.58
C2 NAG O . -39.17 -31.83 -27.63
C3 NAG O . -37.87 -32.16 -28.37
C4 NAG O . -37.24 -30.90 -28.95
C5 NAG O . -37.03 -29.88 -27.83
C6 NAG O . -36.49 -28.56 -28.33
C7 NAG O . -40.72 -33.72 -27.60
C8 NAG O . -41.18 -34.94 -26.84
N2 NAG O . -39.73 -33.02 -27.03
O3 NAG O . -38.16 -33.08 -29.43
O4 NAG O . -35.99 -31.21 -29.55
O5 NAG O . -38.28 -29.60 -27.20
O6 NAG O . -35.61 -28.74 -29.43
O7 NAG O . -41.22 -33.41 -28.67
C1 NAG P . -35.06 -18.66 -40.31
C2 NAG P . -35.02 -20.19 -40.45
C3 NAG P . -33.58 -20.68 -40.53
C4 NAG P . -32.82 -19.96 -41.63
C5 NAG P . -32.94 -18.45 -41.43
C6 NAG P . -32.30 -17.65 -42.55
C7 NAG P . -37.00 -21.23 -39.42
C8 NAG P . -37.55 -21.88 -38.18
N2 NAG P . -35.72 -20.83 -39.34
O3 NAG P . -33.57 -22.09 -40.77
O4 NAG P . -31.45 -20.33 -41.62
O5 NAG P . -34.32 -18.07 -41.39
O6 NAG P . -30.95 -18.05 -42.76
O7 NAG P . -37.67 -21.08 -40.44
C1 NAG Q . -24.17 -46.19 -5.57
C2 NAG Q . -24.46 -46.25 -4.07
C3 NAG Q . -23.75 -45.12 -3.33
C4 NAG Q . -22.26 -45.11 -3.66
C5 NAG Q . -22.07 -45.03 -5.16
C6 NAG Q . -20.63 -45.10 -5.59
C7 NAG Q . -26.46 -46.82 -2.77
C8 NAG Q . -27.95 -46.68 -2.65
N2 NAG Q . -25.89 -46.21 -3.81
O3 NAG Q . -23.94 -45.27 -1.93
O4 NAG Q . -21.62 -44.00 -3.03
O5 NAG Q . -22.74 -46.13 -5.79
O6 NAG Q . -19.93 -43.91 -5.24
O7 NAG Q . -25.81 -47.46 -1.94
C1 NAG R . 21.25 17.80 -7.13
C2 NAG R . 22.11 18.61 -8.12
C3 NAG R . 22.72 17.68 -9.18
C4 NAG R . 23.45 16.53 -8.53
C5 NAG R . 22.53 15.79 -7.57
C6 NAG R . 23.21 14.68 -6.81
C7 NAG R . 21.30 20.91 -8.32
C8 NAG R . 20.44 21.86 -9.10
N2 NAG R . 21.33 19.65 -8.75
O3 NAG R . 23.61 18.43 -9.99
O4 NAG R . 23.93 15.62 -9.52
O5 NAG R . 22.03 16.72 -6.58
O6 NAG R . 24.19 15.18 -5.91
O7 NAG R . 21.97 21.28 -7.36
C1 NAG S . 12.22 37.57 -12.48
C2 NAG S . 13.34 36.52 -12.55
C3 NAG S . 14.72 37.18 -12.40
C4 NAG S . 14.87 38.32 -13.39
C5 NAG S . 13.72 39.30 -13.22
C6 NAG S . 13.75 40.44 -14.23
C7 NAG S . 13.37 34.21 -11.72
C8 NAG S . 13.13 33.32 -10.53
N2 NAG S . 13.15 35.51 -11.52
O3 NAG S . 15.73 36.21 -12.63
O4 NAG S . 16.10 39.00 -13.16
O5 NAG S . 12.48 38.61 -13.44
O6 NAG S . 12.96 41.53 -13.79
O7 NAG S . 13.75 33.78 -12.80
C1 NAG T . 8.58 17.72 -24.81
C2 NAG T . 8.64 16.79 -26.03
C3 NAG T . 9.22 15.44 -25.65
C4 NAG T . 10.57 15.60 -24.95
C5 NAG T . 10.41 16.54 -23.75
C6 NAG T . 11.72 16.84 -23.07
C7 NAG T . 7.04 16.96 -27.89
C8 NAG T . 5.64 16.72 -28.33
N2 NAG T . 7.32 16.63 -26.62
O3 NAG T . 9.38 14.64 -26.82
O4 NAG T . 11.05 14.34 -24.49
O5 NAG T . 9.88 17.80 -24.20
O6 NAG T . 12.21 15.70 -22.37
O7 NAG T . 7.90 17.42 -28.64
C1 NAG U . -12.71 -20.62 -21.23
C2 NAG U . -11.97 -21.14 -22.46
C3 NAG U . -12.94 -21.87 -23.39
C4 NAG U . -13.68 -22.96 -22.63
C5 NAG U . -14.35 -22.38 -21.38
C6 NAG U . -15.00 -23.43 -20.52
C7 NAG U . -10.00 -19.83 -23.07
C8 NAG U . -9.47 -18.67 -23.87
N2 NAG U . -11.31 -20.05 -23.17
O3 NAG U . -12.23 -22.44 -24.48
O4 NAG U . -14.68 -23.55 -23.47
O5 NAG U . -13.37 -21.72 -20.57
O6 NAG U . -15.88 -24.25 -21.27
O7 NAG U . -9.26 -20.51 -22.37
C1 NAG V . -4.86 -17.13 -31.05
C2 NAG V . -5.81 -17.37 -32.23
C3 NAG V . -5.21 -18.43 -33.16
C4 NAG V . -3.80 -18.04 -33.58
C5 NAG V . -2.94 -17.77 -32.34
C6 NAG V . -1.56 -17.29 -32.67
C7 NAG V . -8.25 -17.17 -32.15
C8 NAG V . -9.51 -17.73 -31.57
N2 NAG V . -7.11 -17.78 -31.76
O3 NAG V . -6.04 -18.55 -34.32
O4 NAG V . -3.21 -19.09 -34.34
O5 NAG V . -3.56 -16.76 -31.53
O6 NAG V . -1.11 -16.33 -31.72
O7 NAG V . -8.25 -16.22 -32.92
C1 NAG W . -1.43 -31.86 -14.13
C2 NAG W . -2.39 -32.86 -14.80
C3 NAG W . -3.74 -32.86 -14.08
C4 NAG W . -3.54 -33.13 -12.59
C5 NAG W . -2.54 -32.14 -11.99
C6 NAG W . -2.20 -32.44 -10.56
C7 NAG W . -1.72 -32.98 -17.16
C8 NAG W . -2.06 -32.58 -18.56
N2 NAG W . -2.56 -32.56 -16.21
O3 NAG W . -4.58 -33.85 -14.65
O4 NAG W . -4.78 -32.99 -11.90
O5 NAG W . -1.31 -32.18 -12.73
O6 NAG W . -1.67 -31.31 -9.89
O7 NAG W . -0.74 -33.67 -16.90
C1 NAG X . 14.13 -4.40 -14.58
C2 NAG X . 14.25 -2.88 -14.54
C3 NAG X . 15.55 -2.43 -15.19
C4 NAG X . 16.73 -3.14 -14.53
C5 NAG X . 16.53 -4.65 -14.54
C6 NAG X . 17.60 -5.39 -13.77
C7 NAG X . 12.18 -1.57 -14.48
C8 NAG X . 11.06 -0.97 -15.28
N2 NAG X . 13.11 -2.24 -15.17
O3 NAG X . 15.68 -1.02 -15.05
O4 NAG X . 17.93 -2.81 -15.21
O5 NAG X . 15.27 -5.00 -13.94
O6 NAG X . 18.65 -4.52 -13.37
O7 NAG X . 12.22 -1.46 -13.25
C1 NAG Y . 13.81 -0.83 -10.11
C2 NAG Y . 14.69 0.17 -10.86
C3 NAG Y . 15.96 -0.51 -11.36
C4 NAG Y . 16.67 -1.21 -10.22
C5 NAG Y . 15.73 -2.18 -9.53
C6 NAG Y . 16.33 -2.83 -8.32
C7 NAG Y . 14.07 2.07 -12.29
C8 NAG Y . 13.26 2.52 -13.47
N2 NAG Y . 13.97 0.77 -11.97
O3 NAG Y . 16.82 0.45 -11.96
O4 NAG Y . 17.82 -1.91 -10.71
O5 NAG Y . 14.56 -1.47 -9.08
O6 NAG Y . 15.36 -3.05 -7.31
O7 NAG Y . 14.79 2.84 -11.67
C14 83G Z . -7.62 10.06 -17.30
C11 83G Z . -9.09 12.15 -17.77
C10 83G Z . -10.22 12.77 -18.32
C12 83G Z . -9.04 10.64 -17.53
C01 83G Z . -4.78 12.60 -16.15
C03 83G Z . -6.82 13.36 -17.03
C04 83G Z . -6.25 14.64 -16.98
C05 83G Z . -6.97 15.75 -17.44
C07 83G Z . -8.77 14.36 -17.97
C08 83G Z . -8.14 13.22 -17.54
C17 83G Z . -5.75 9.10 -15.88
C18 83G Z . -5.67 7.80 -15.17
C20 83G Z . -7.72 8.24 -14.08
C21 83G Z . -7.81 9.66 -14.69
C22 83G Z . -7.17 10.65 -13.80
C23 83G Z . -5.72 7.62 -12.61
C25 83G Z . -4.23 7.24 -12.45
C26 83G Z . -3.24 8.09 -12.92
C27 83G Z . -1.90 7.76 -12.78
C28 83G Z . -1.56 6.57 -12.16
C29 83G Z . -2.54 5.71 -11.68
C30 83G Z . -3.88 6.06 -11.82
N06 83G Z . -8.18 15.59 -17.91
N09 83G Z . -10.01 14.06 -18.42
N16 83G Z . -7.09 9.63 -16.00
N19 83G Z . -6.33 7.87 -13.92
O02 83G Z . -6.08 12.27 -16.57
O13 83G Z . -9.97 10.29 -16.56
O15 83G Z . -6.91 9.97 -18.24
O24 83G Z . -6.40 7.72 -11.64
#